data_3WLW
#
_entry.id   3WLW
#
_cell.length_a   84.716
_cell.length_b   104.185
_cell.length_c   116.712
_cell.angle_alpha   106.89
_cell.angle_beta   99.65
_cell.angle_gamma   111.12
#
_symmetry.space_group_name_H-M   'P 1'
#
loop_
_entity.id
_entity.type
_entity.pdbx_description
1 polymer 'Receptor tyrosine-protein kinase erbB-2'
2 polymer 'Antibody H Chain'
3 polymer 'Antibody L Chain'
4 branched 2-acetamido-2-deoxy-beta-D-glucopyranose-(1-4)-2-acetamido-2-deoxy-beta-D-glucopyranose
5 non-polymer 2-acetamido-2-deoxy-beta-D-glucopyranose
6 water water
#
loop_
_entity_poly.entity_id
_entity_poly.type
_entity_poly.pdbx_seq_one_letter_code
_entity_poly.pdbx_strand_id
1 'polypeptide(L)'
;TQVCTGTDMKLRLPASPETHLDMLRHLYQGCQVVQGNLELTYLPTNASLSFLQDIQEVQGYVLIAHNQVRQVPLQRLRIV
RGTQLFEDNYALAVLDNGDPLNNTTPVTGASPGGLRELQLRSLTEILKGGVLIQRNPQLCYQDTILWKDIFHKNNQLALT
LIDTNRSRACHPCSPMCKGSRCWGESSEDCQSLTRTVCAGGCARCKGPLPTDCCHEQCAAGCTGPKHSDCLACLHFNHSG
ICELHCPALVTYNTDTFESMPNPEGRYTFGASCVTACPYNYLSTDVGSCTLVCPLHNQEVTAEDGTQRCEKCSKPCARVC
YGLGMEHLREVRAVTSANIQEFAGCKKIFGSLAFLPESFDGDPASNTAPLQPEQLQVFETLEEITGYLYISAWPDSLPDL
SVFQNLQVIRGRILHNGAYSLTLQGLGISWLGLRSLRELGSGLALIHHNTHLCFVHTVPWDQLFRNPHQALLHTANRPED
ECVGEGLACHQLCARGHCWGPGPTQCVNCSQFLRGQECVEECRVLQGLPREYVNARHCLPCHPECQPQNGSVTCFGPEAD
QCVA
;
A,B
2 'polypeptide(L)'
;EVQLVQSGAEVKKPGESLKISCKGSGYSFTSYWIGWVRQAPGQGLEWMGWISAYNGNTNYAQKLQGRVTMTTDTSTSTAY
MELRSLRSDDTAVYYCAREGDGAFDYWGQGTLVTVSSASTKGPSVFPLAPSSKSTSGGTAALGCLVKDYFPEPVTVSWNS
GALTSGVHTFPAVLQSSGLYSLSSVVTVPSSSLGTQTYICNVNHKPSNTKVDKKVEP
;
H,C
3 'polypeptide(L)'
;QSALTQPASVSGSPGQSITISCTGTSSDVGGYNYVSWYQQHPGKAPKLMIYDVSKRPSGVSNRFSGSKSGNTASLTISGL
QAEDEADYYCSSYTSSSTLVFGGGTKLTVLGTVAAPSVFIFPPSDEQLKSGTASVVCLLNNFYPREAKVQWKVDNALQSG
NSQESVTEQDSKDSTYSLSSTLTLSKADYEKHKVYACEVTHQGLSSPVTKSFNRGEC
;
L,D
#
# COMPACT_ATOMS: atom_id res chain seq x y z
N THR A 1 -4.37 -28.75 -2.25
CA THR A 1 -3.89 -27.99 -3.41
C THR A 1 -2.46 -27.46 -3.18
N GLN A 2 -2.32 -26.21 -2.75
CA GLN A 2 -1.03 -25.68 -2.27
C GLN A 2 -1.26 -24.71 -1.09
N VAL A 3 -1.99 -23.64 -1.32
CA VAL A 3 -2.27 -22.64 -0.29
C VAL A 3 -3.66 -22.82 0.36
N CYS A 4 -3.76 -22.57 1.66
CA CYS A 4 -5.07 -22.44 2.27
C CYS A 4 -5.09 -21.27 3.22
N THR A 5 -6.27 -20.93 3.71
CA THR A 5 -6.43 -19.82 4.62
C THR A 5 -6.64 -20.41 5.98
N GLY A 6 -6.24 -19.70 7.02
CA GLY A 6 -6.27 -20.23 8.37
C GLY A 6 -7.62 -20.05 9.04
N THR A 7 -7.62 -19.86 10.36
CA THR A 7 -8.82 -19.44 11.07
C THR A 7 -8.51 -18.47 12.20
N ASP A 8 -9.53 -17.80 12.75
CA ASP A 8 -9.35 -16.73 13.72
C ASP A 8 -10.37 -16.84 14.86
N MET A 9 -10.44 -18.06 15.39
CA MET A 9 -11.35 -18.37 16.49
C MET A 9 -10.74 -18.09 17.85
N LYS A 10 -9.41 -17.94 17.88
CA LYS A 10 -8.66 -17.83 19.11
C LYS A 10 -9.03 -18.98 20.03
N LEU A 11 -9.49 -18.63 21.23
CA LEU A 11 -9.76 -19.62 22.27
C LEU A 11 -11.23 -19.93 22.38
N ARG A 12 -12.03 -19.23 21.59
CA ARG A 12 -13.49 -19.36 21.65
C ARG A 12 -14.02 -20.73 21.21
N LEU A 13 -15.06 -21.18 21.91
CA LEU A 13 -15.46 -22.58 21.89
C LEU A 13 -16.36 -22.99 20.72
N PRO A 14 -15.96 -24.05 19.99
CA PRO A 14 -16.59 -24.54 18.75
C PRO A 14 -18.10 -24.67 18.84
N ALA A 15 -18.85 -23.84 18.13
CA ALA A 15 -20.32 -23.91 18.17
C ALA A 15 -20.82 -25.31 17.79
N SER A 16 -20.18 -25.93 16.80
CA SER A 16 -20.58 -27.27 16.43
C SER A 16 -19.44 -28.28 16.58
N PRO A 17 -19.20 -28.70 17.83
CA PRO A 17 -18.23 -29.75 18.18
C PRO A 17 -18.32 -31.00 17.28
N GLU A 18 -19.49 -31.24 16.68
CA GLU A 18 -19.67 -32.46 15.91
C GLU A 18 -19.21 -32.28 14.48
N THR A 19 -18.98 -31.02 14.10
CA THR A 19 -18.52 -30.70 12.76
C THR A 19 -17.15 -30.04 12.82
N HIS A 20 -16.77 -29.60 14.01
CA HIS A 20 -15.50 -28.89 14.23
C HIS A 20 -14.23 -29.49 13.61
N LEU A 21 -13.94 -30.77 13.88
CA LEU A 21 -12.80 -31.42 13.24
C LEU A 21 -13.07 -31.56 11.76
N ASP A 22 -14.33 -31.84 11.41
CA ASP A 22 -14.68 -32.04 10.02
C ASP A 22 -14.48 -30.76 9.24
N MET A 23 -14.64 -29.65 9.94
CA MET A 23 -14.27 -28.36 9.42
C MET A 23 -12.77 -28.41 9.11
N LEU A 24 -11.96 -28.55 10.16
CA LEU A 24 -10.50 -28.49 10.03
C LEU A 24 -9.97 -29.33 8.92
N ARG A 25 -10.49 -30.54 8.79
CA ARG A 25 -9.94 -31.41 7.78
C ARG A 25 -10.15 -30.78 6.40
N HIS A 26 -11.32 -30.18 6.19
CA HIS A 26 -11.63 -29.51 4.93
C HIS A 26 -10.68 -28.35 4.56
N LEU A 27 -10.46 -27.45 5.51
CA LEU A 27 -9.53 -26.33 5.34
C LEU A 27 -8.12 -26.77 5.01
N TYR A 28 -7.55 -27.62 5.86
CA TYR A 28 -6.12 -27.91 5.78
C TYR A 28 -5.73 -29.17 4.96
N GLN A 29 -6.71 -29.90 4.42
CA GLN A 29 -6.48 -31.22 3.81
C GLN A 29 -5.28 -31.40 2.89
N GLY A 30 -5.17 -30.63 1.82
CA GLY A 30 -4.02 -30.82 0.94
C GLY A 30 -2.93 -29.80 1.17
N CYS A 31 -3.15 -28.96 2.19
CA CYS A 31 -2.57 -27.65 2.28
C CYS A 31 -1.11 -27.63 2.69
N GLN A 32 -0.28 -26.94 1.91
CA GLN A 32 1.16 -26.79 2.20
C GLN A 32 1.52 -25.45 2.88
N VAL A 33 0.73 -24.41 2.62
CA VAL A 33 0.97 -23.10 3.21
C VAL A 33 -0.32 -22.57 3.78
N VAL A 34 -0.33 -22.09 5.01
CA VAL A 34 -1.55 -21.46 5.48
C VAL A 34 -1.35 -19.97 5.65
N GLN A 35 -1.83 -19.24 4.65
CA GLN A 35 -1.94 -17.81 4.78
C GLN A 35 -2.98 -17.68 5.88
N GLY A 36 -2.53 -17.30 7.08
CA GLY A 36 -3.42 -17.09 8.21
C GLY A 36 -2.93 -17.66 9.53
N ASN A 37 -3.87 -18.11 10.34
CA ASN A 37 -3.57 -18.68 11.65
C ASN A 37 -3.90 -20.15 11.86
N LEU A 38 -2.87 -20.99 11.83
CA LEU A 38 -3.01 -22.38 12.23
C LEU A 38 -3.49 -22.52 13.69
N GLU A 39 -4.79 -22.78 13.85
CA GLU A 39 -5.42 -22.87 15.17
C GLU A 39 -6.04 -24.22 15.36
N LEU A 40 -5.48 -25.01 16.28
CA LEU A 40 -5.94 -26.36 16.59
C LEU A 40 -6.32 -26.44 18.04
N THR A 41 -7.61 -26.32 18.30
CA THR A 41 -8.12 -26.31 19.66
C THR A 41 -9.26 -27.29 19.81
N TYR A 42 -9.47 -27.77 21.04
CA TYR A 42 -10.68 -28.53 21.38
C TYR A 42 -10.74 -29.94 20.78
N LEU A 43 -9.72 -30.30 20.00
CA LEU A 43 -9.66 -31.65 19.44
C LEU A 43 -9.70 -32.76 20.50
N PRO A 44 -10.70 -33.67 20.39
CA PRO A 44 -10.90 -34.83 21.26
C PRO A 44 -9.81 -35.89 21.16
N THR A 45 -9.57 -36.50 22.31
CA THR A 45 -8.46 -37.41 22.55
C THR A 45 -8.06 -38.46 21.47
N ASN A 46 -9.03 -39.05 20.78
CA ASN A 46 -8.70 -39.99 19.70
C ASN A 46 -9.08 -39.40 18.35
N ALA A 47 -8.28 -38.47 17.83
CA ALA A 47 -8.76 -37.63 16.70
C ALA A 47 -7.81 -37.47 15.52
N SER A 48 -8.05 -38.18 14.41
CA SER A 48 -7.13 -38.15 13.27
C SER A 48 -6.81 -36.77 12.69
N LEU A 49 -5.53 -36.41 12.74
CA LEU A 49 -5.07 -35.13 12.28
C LEU A 49 -4.11 -35.28 11.12
N SER A 50 -4.17 -36.42 10.46
CA SER A 50 -3.27 -36.71 9.34
C SER A 50 -3.29 -35.72 8.19
N PHE A 51 -4.33 -34.90 8.12
CA PHE A 51 -4.46 -33.93 7.03
C PHE A 51 -3.53 -32.76 7.22
N LEU A 52 -3.30 -32.41 8.49
CA LEU A 52 -2.30 -31.42 8.92
C LEU A 52 -0.87 -31.68 8.42
N GLN A 53 -0.63 -32.83 7.82
CA GLN A 53 0.72 -33.30 7.61
C GLN A 53 1.45 -32.71 6.42
N ASP A 54 0.84 -31.79 5.68
CA ASP A 54 1.57 -31.21 4.53
C ASP A 54 2.02 -29.77 4.71
N ILE A 55 1.41 -29.08 5.67
CA ILE A 55 1.78 -27.75 6.07
C ILE A 55 3.29 -27.50 6.23
N GLN A 56 3.85 -26.55 5.48
CA GLN A 56 5.22 -26.10 5.73
C GLN A 56 5.25 -24.69 6.35
N GLU A 57 4.51 -23.74 5.80
CA GLU A 57 4.51 -22.37 6.35
C GLU A 57 3.25 -22.07 7.14
N VAL A 58 3.36 -21.15 8.07
CA VAL A 58 2.18 -20.58 8.68
C VAL A 58 2.44 -19.09 8.69
N GLN A 59 1.58 -18.33 8.02
CA GLN A 59 1.93 -16.97 7.71
C GLN A 59 1.76 -16.14 8.96
N GLY A 60 0.78 -16.46 9.79
CA GLY A 60 0.62 -15.79 11.07
C GLY A 60 1.06 -16.70 12.21
N TYR A 61 0.31 -16.75 13.31
CA TYR A 61 0.73 -17.58 14.45
C TYR A 61 0.10 -18.97 14.48
N VAL A 62 0.66 -19.82 15.36
CA VAL A 62 0.18 -21.18 15.58
C VAL A 62 -0.38 -21.38 17.01
N LEU A 63 -1.63 -21.79 17.13
CA LEU A 63 -2.26 -21.94 18.43
C LEU A 63 -2.79 -23.34 18.64
N ILE A 64 -2.13 -24.08 19.53
CA ILE A 64 -2.54 -25.41 19.91
C ILE A 64 -2.98 -25.31 21.34
N ALA A 65 -4.28 -25.47 21.59
CA ALA A 65 -4.79 -25.29 22.93
C ALA A 65 -6.06 -26.10 23.24
N HIS A 66 -6.23 -26.42 24.51
CA HIS A 66 -7.40 -27.13 24.99
C HIS A 66 -7.66 -28.44 24.24
N ASN A 67 -6.59 -29.15 23.91
CA ASN A 67 -6.71 -30.40 23.18
C ASN A 67 -6.42 -31.59 24.07
N GLN A 68 -6.65 -32.79 23.56
CA GLN A 68 -6.35 -34.00 24.29
C GLN A 68 -5.72 -35.05 23.40
N VAL A 69 -5.65 -34.79 22.10
CA VAL A 69 -4.89 -35.65 21.22
C VAL A 69 -3.51 -35.64 21.77
N ARG A 70 -2.78 -36.70 21.50
CA ARG A 70 -1.47 -36.85 22.09
C ARG A 70 -0.42 -36.48 21.08
N GLN A 71 -0.80 -36.49 19.81
CA GLN A 71 0.07 -35.99 18.76
C GLN A 71 -0.67 -34.91 17.98
N VAL A 72 0.07 -34.00 17.34
CA VAL A 72 -0.46 -33.05 16.37
C VAL A 72 0.60 -32.96 15.27
N PRO A 73 0.44 -33.77 14.21
CA PRO A 73 1.46 -34.14 13.21
C PRO A 73 1.98 -33.04 12.28
N LEU A 74 2.63 -31.99 12.80
CA LEU A 74 3.20 -30.95 11.94
C LEU A 74 4.73 -31.08 11.85
N GLN A 75 5.21 -32.27 11.52
CA GLN A 75 6.65 -32.49 11.34
C GLN A 75 7.17 -31.58 10.26
N ARG A 76 6.35 -31.33 9.24
CA ARG A 76 6.84 -30.61 8.08
C ARG A 76 6.89 -29.08 8.22
N LEU A 77 6.10 -28.54 9.14
CA LEU A 77 6.05 -27.10 9.42
C LEU A 77 7.44 -26.65 9.77
N ARG A 78 7.85 -25.59 9.12
CA ARG A 78 9.22 -25.34 8.79
C ARG A 78 9.55 -23.90 9.16
N ILE A 79 8.61 -23.00 8.89
CA ILE A 79 8.70 -21.60 9.29
C ILE A 79 7.34 -21.05 9.66
N VAL A 80 7.19 -20.39 10.80
CA VAL A 80 6.06 -19.48 10.93
C VAL A 80 6.54 -18.04 10.77
N ARG A 81 5.66 -17.14 10.32
CA ARG A 81 6.07 -15.79 9.97
C ARG A 81 5.63 -14.79 11.02
N GLY A 82 4.62 -15.15 11.79
CA GLY A 82 4.16 -14.29 12.87
C GLY A 82 3.78 -12.94 12.32
N THR A 83 3.12 -12.97 11.15
CA THR A 83 2.52 -11.78 10.58
C THR A 83 1.61 -11.22 11.63
N GLN A 84 0.74 -12.09 12.14
CA GLN A 84 -0.12 -11.76 13.25
C GLN A 84 0.32 -12.60 14.43
N LEU A 85 -0.04 -12.18 15.64
CA LEU A 85 0.45 -12.87 16.83
C LEU A 85 -0.57 -13.10 17.93
N PHE A 86 -0.46 -14.25 18.58
CA PHE A 86 -1.36 -14.58 19.65
C PHE A 86 -1.08 -13.67 20.83
N GLU A 87 -2.15 -13.21 21.46
CA GLU A 87 -2.07 -12.12 22.45
C GLU A 87 -1.12 -10.99 22.05
N ASP A 88 -0.98 -10.79 20.74
CA ASP A 88 0.00 -9.84 20.19
C ASP A 88 1.50 -10.10 20.56
N ASN A 89 1.80 -11.26 21.11
CA ASN A 89 3.17 -11.54 21.47
C ASN A 89 3.76 -12.79 20.80
N TYR A 90 2.92 -13.79 20.58
CA TYR A 90 3.41 -15.14 20.34
C TYR A 90 3.15 -15.69 18.96
N ALA A 91 4.19 -16.23 18.33
CA ALA A 91 4.05 -16.81 17.02
C ALA A 91 3.68 -18.28 17.15
N LEU A 92 3.80 -18.79 18.37
CA LEU A 92 3.52 -20.19 18.68
C LEU A 92 3.09 -20.37 20.12
N ALA A 93 1.85 -20.77 20.33
CA ALA A 93 1.34 -20.93 21.67
C ALA A 93 0.79 -22.35 21.86
N VAL A 94 1.28 -23.07 22.87
CA VAL A 94 0.57 -24.26 23.29
C VAL A 94 0.15 -24.11 24.76
N LEU A 95 -1.18 -24.07 24.96
CA LEU A 95 -1.79 -23.87 26.26
C LEU A 95 -2.84 -24.91 26.59
N ASP A 96 -2.86 -25.34 27.86
CA ASP A 96 -3.96 -26.11 28.41
C ASP A 96 -4.31 -27.34 27.62
N ASN A 97 -3.30 -28.09 27.20
CA ASN A 97 -3.57 -29.34 26.51
C ASN A 97 -3.54 -30.53 27.48
N GLY A 98 -4.38 -30.44 28.51
CA GLY A 98 -4.34 -31.37 29.63
C GLY A 98 -5.65 -32.09 29.91
N ASP A 99 -6.01 -32.22 31.19
CA ASP A 99 -7.27 -32.88 31.54
C ASP A 99 -8.08 -32.14 32.61
N PRO A 100 -9.40 -32.01 32.39
CA PRO A 100 -10.31 -31.12 33.13
C PRO A 100 -11.34 -31.52 34.20
N LEU A 101 -11.71 -32.80 34.29
CA LEU A 101 -12.80 -33.19 35.18
C LEU A 101 -12.17 -34.31 36.01
N SER A 111 -2.06 -43.02 27.84
CA SER A 111 -3.33 -43.28 28.50
C SER A 111 -3.76 -42.28 29.58
N PRO A 112 -3.00 -41.20 29.79
CA PRO A 112 -3.84 -40.04 30.10
C PRO A 112 -4.03 -39.20 28.82
N GLY A 113 -4.81 -38.14 28.90
CA GLY A 113 -4.98 -37.28 27.75
C GLY A 113 -3.96 -36.17 27.87
N GLY A 114 -3.62 -35.56 26.74
CA GLY A 114 -2.58 -34.56 26.71
C GLY A 114 -1.61 -34.79 25.57
N LEU A 115 -0.99 -33.70 25.13
CA LEU A 115 -0.02 -33.74 24.06
C LEU A 115 1.25 -34.13 24.78
N ARG A 116 2.02 -35.04 24.20
CA ARG A 116 3.24 -35.54 24.86
C ARG A 116 4.55 -34.94 24.33
N GLU A 117 4.57 -34.55 23.05
CA GLU A 117 5.78 -34.01 22.41
C GLU A 117 5.38 -33.10 21.24
N LEU A 118 5.77 -31.82 21.26
CA LEU A 118 5.58 -30.91 20.10
C LEU A 118 6.04 -31.48 18.76
N GLN A 119 7.15 -32.18 18.74
CA GLN A 119 7.61 -32.83 17.52
C GLN A 119 7.78 -31.88 16.34
N LEU A 120 7.81 -30.58 16.62
CA LEU A 120 8.02 -29.56 15.59
C LEU A 120 9.44 -29.64 15.04
N ARG A 121 9.73 -30.69 14.27
CA ARG A 121 11.12 -31.05 13.99
C ARG A 121 11.61 -30.46 12.68
N SER A 122 10.80 -29.64 12.06
CA SER A 122 11.36 -28.91 10.94
C SER A 122 11.35 -27.41 11.23
N LEU A 123 10.84 -27.07 12.41
CA LEU A 123 10.64 -25.67 12.78
C LEU A 123 11.96 -24.97 13.08
N THR A 124 12.57 -24.44 12.03
CA THR A 124 13.79 -23.69 12.22
C THR A 124 13.56 -22.17 12.20
N GLU A 125 12.60 -21.69 11.42
CA GLU A 125 12.38 -20.25 11.32
C GLU A 125 11.16 -19.72 12.09
N ILE A 126 11.37 -18.69 12.90
CA ILE A 126 10.25 -17.91 13.42
C ILE A 126 10.55 -16.40 13.30
N LEU A 127 10.04 -15.79 12.21
CA LEU A 127 10.32 -14.42 11.78
C LEU A 127 9.86 -13.34 12.73
N LYS A 128 8.73 -13.51 13.38
CA LYS A 128 8.25 -12.46 14.27
C LYS A 128 7.34 -13.01 15.34
N GLY A 129 7.57 -12.61 16.59
CA GLY A 129 6.76 -13.08 17.71
C GLY A 129 7.53 -14.11 18.51
N GLY A 130 7.03 -14.44 19.71
CA GLY A 130 7.74 -15.35 20.60
C GLY A 130 6.98 -16.64 20.91
N VAL A 131 7.45 -17.39 21.92
CA VAL A 131 6.87 -18.70 22.18
C VAL A 131 6.37 -18.79 23.58
N LEU A 132 5.10 -19.12 23.73
CA LEU A 132 4.52 -19.27 25.05
C LEU A 132 4.00 -20.68 25.16
N ILE A 133 4.55 -21.46 26.07
CA ILE A 133 4.08 -22.81 26.31
C ILE A 133 3.63 -22.86 27.75
N GLN A 134 2.43 -23.36 28.01
CA GLN A 134 1.94 -23.38 29.39
C GLN A 134 0.82 -24.35 29.68
N ARG A 135 0.82 -24.83 30.92
CA ARG A 135 -0.18 -25.77 31.43
C ARG A 135 -0.40 -27.02 30.59
N ASN A 136 0.68 -27.73 30.24
CA ASN A 136 0.56 -28.97 29.49
C ASN A 136 1.17 -30.17 30.24
N PRO A 137 0.34 -30.88 31.00
CA PRO A 137 0.70 -31.99 31.88
C PRO A 137 1.68 -33.03 31.33
N GLN A 138 1.47 -33.53 30.12
CA GLN A 138 2.32 -34.62 29.62
C GLN A 138 3.40 -34.19 28.63
N LEU A 139 3.67 -32.90 28.58
CA LEU A 139 4.57 -32.35 27.54
C LEU A 139 6.07 -32.42 27.91
N CYS A 140 6.84 -33.15 27.13
CA CYS A 140 8.25 -33.37 27.40
C CYS A 140 9.15 -32.72 26.39
N TYR A 141 10.38 -32.38 26.80
CA TYR A 141 11.43 -31.78 25.95
C TYR A 141 11.29 -30.32 25.54
N GLN A 142 10.24 -29.61 25.94
CA GLN A 142 10.14 -28.22 25.46
C GLN A 142 11.36 -27.40 25.95
N ASP A 143 11.76 -27.65 27.19
CA ASP A 143 12.89 -26.96 27.75
C ASP A 143 14.21 -27.55 27.27
N THR A 144 14.16 -28.56 26.42
CA THR A 144 15.38 -28.99 25.77
C THR A 144 15.79 -28.06 24.60
N ILE A 145 14.86 -27.24 24.12
CA ILE A 145 14.96 -26.60 22.80
C ILE A 145 15.70 -25.26 22.84
N LEU A 146 16.65 -25.07 21.94
CA LEU A 146 17.39 -23.81 21.88
C LEU A 146 16.62 -22.78 21.06
N TRP A 147 15.65 -22.13 21.72
CA TRP A 147 14.70 -21.25 21.03
C TRP A 147 15.31 -20.06 20.25
N LYS A 148 16.43 -19.53 20.73
CA LYS A 148 17.07 -18.40 20.08
C LYS A 148 17.64 -18.82 18.71
N ASP A 149 17.77 -20.12 18.48
CA ASP A 149 18.20 -20.56 17.16
C ASP A 149 16.98 -20.55 16.26
N ILE A 150 15.80 -20.61 16.85
CA ILE A 150 14.63 -20.65 16.01
C ILE A 150 14.25 -19.24 15.60
N PHE A 151 14.03 -18.38 16.58
CA PHE A 151 13.82 -16.96 16.35
C PHE A 151 14.79 -16.41 15.31
N HIS A 152 14.27 -15.63 14.36
CA HIS A 152 15.12 -14.96 13.38
C HIS A 152 16.05 -13.98 14.09
N LYS A 153 17.12 -13.57 13.40
CA LYS A 153 17.96 -12.51 13.91
C LYS A 153 17.10 -11.29 14.18
N ASN A 154 16.57 -10.72 13.11
CA ASN A 154 15.85 -9.44 13.17
C ASN A 154 14.49 -9.49 13.90
N ASN A 155 14.21 -10.62 14.54
CA ASN A 155 12.93 -10.81 15.21
C ASN A 155 12.87 -9.97 16.49
N GLN A 156 12.01 -8.95 16.45
CA GLN A 156 11.86 -7.99 17.54
C GLN A 156 11.20 -8.56 18.79
N LEU A 157 10.46 -9.66 18.63
CA LEU A 157 9.59 -10.14 19.72
C LEU A 157 9.96 -11.49 20.35
N ALA A 158 11.28 -11.72 20.44
CA ALA A 158 11.85 -13.00 20.85
C ALA A 158 11.60 -13.36 22.30
N LEU A 159 10.75 -12.62 23.00
CA LEU A 159 10.37 -12.99 24.35
C LEU A 159 9.73 -14.40 24.36
N THR A 160 9.91 -15.12 25.44
CA THR A 160 9.58 -16.54 25.47
C THR A 160 9.13 -16.92 26.89
N LEU A 161 8.05 -17.69 26.99
CA LEU A 161 7.39 -17.91 28.27
C LEU A 161 7.01 -19.39 28.50
N ILE A 162 8.00 -20.23 28.78
CA ILE A 162 7.76 -21.65 28.79
C ILE A 162 7.62 -22.25 30.18
N ASP A 163 6.60 -23.08 30.35
CA ASP A 163 6.33 -23.75 31.61
C ASP A 163 6.92 -25.13 31.54
N THR A 164 7.34 -25.67 32.68
CA THR A 164 7.88 -27.00 32.64
C THR A 164 7.16 -27.96 33.58
N ASN A 165 6.27 -27.43 34.42
CA ASN A 165 5.44 -28.27 35.28
C ASN A 165 4.93 -29.43 34.44
N ARG A 166 5.07 -30.65 34.97
CA ARG A 166 4.70 -31.89 34.29
C ARG A 166 3.95 -32.79 35.23
N SER A 167 3.39 -33.86 34.70
CA SER A 167 2.92 -34.92 35.59
C SER A 167 3.31 -36.28 35.05
N ARG A 168 4.52 -36.35 34.50
CA ARG A 168 5.08 -37.60 33.99
C ARG A 168 6.52 -37.25 33.80
N ALA A 169 7.37 -38.18 33.39
CA ALA A 169 8.77 -37.81 33.26
C ALA A 169 9.34 -38.26 31.95
N CYS A 170 10.51 -37.74 31.60
CA CYS A 170 11.01 -37.87 30.23
C CYS A 170 12.16 -38.85 30.11
N HIS A 171 12.06 -39.72 29.11
CA HIS A 171 13.18 -40.53 28.68
C HIS A 171 14.31 -39.62 28.24
N PRO A 172 15.52 -40.15 28.15
CA PRO A 172 16.51 -39.29 27.47
C PRO A 172 16.15 -39.01 26.00
N CYS A 173 16.66 -37.89 25.50
CA CYS A 173 16.78 -37.59 24.08
C CYS A 173 17.49 -38.68 23.31
N SER A 174 17.35 -38.69 22.00
CA SER A 174 18.08 -39.69 21.27
C SER A 174 19.55 -39.56 21.42
N PRO A 175 20.27 -40.70 21.39
CA PRO A 175 21.72 -40.65 21.35
C PRO A 175 22.24 -39.76 20.23
N MET A 176 21.51 -39.57 19.13
CA MET A 176 21.99 -38.72 18.04
C MET A 176 21.86 -37.24 18.31
N CYS A 177 21.23 -36.92 19.43
CA CYS A 177 20.96 -35.53 19.67
C CYS A 177 22.35 -35.09 20.03
N LYS A 178 22.84 -34.15 19.23
CA LYS A 178 24.03 -33.34 19.52
C LYS A 178 23.65 -32.29 20.57
N GLY A 179 24.08 -32.48 21.80
CA GLY A 179 23.81 -31.47 22.80
C GLY A 179 22.51 -31.75 23.52
N SER A 180 21.93 -32.88 23.15
CA SER A 180 20.66 -33.38 23.69
C SER A 180 19.52 -32.37 23.78
N ARG A 181 19.11 -31.92 22.59
CA ARG A 181 17.95 -31.06 22.39
C ARG A 181 17.04 -31.66 21.29
N CYS A 182 15.83 -32.02 21.67
CA CYS A 182 15.00 -32.82 20.81
C CYS A 182 13.54 -32.40 20.92
N TRP A 183 12.77 -32.62 19.87
CA TRP A 183 11.35 -32.35 19.95
C TRP A 183 10.61 -33.59 20.44
N GLY A 184 11.35 -34.68 20.62
CA GLY A 184 10.76 -35.89 21.15
C GLY A 184 11.71 -37.06 21.29
N GLU A 185 11.18 -38.20 21.70
CA GLU A 185 11.99 -39.38 21.94
C GLU A 185 12.67 -39.97 20.70
N SER A 186 12.23 -39.63 19.49
CA SER A 186 12.94 -40.17 18.33
C SER A 186 14.23 -39.47 17.91
N SER A 187 14.98 -40.15 17.04
CA SER A 187 16.17 -39.57 16.46
C SER A 187 15.72 -38.47 15.52
N GLU A 188 14.57 -38.73 14.92
CA GLU A 188 13.93 -37.85 13.96
C GLU A 188 13.62 -36.51 14.59
N ASP A 189 13.54 -36.48 15.92
CA ASP A 189 13.11 -35.28 16.61
C ASP A 189 14.25 -34.41 17.11
N CYS A 190 15.45 -34.60 16.59
CA CYS A 190 16.57 -33.84 17.12
C CYS A 190 16.50 -32.40 16.61
N GLN A 191 16.69 -31.41 17.49
CA GLN A 191 16.58 -30.01 17.06
C GLN A 191 17.66 -29.61 16.09
N SER A 192 17.36 -29.50 14.82
CA SER A 192 18.34 -28.93 13.91
C SER A 192 18.71 -27.43 14.14
N LEU A 193 19.99 -27.15 14.40
CA LEU A 193 20.49 -25.77 14.61
C LEU A 193 20.92 -25.09 13.29
N THR A 194 20.47 -23.85 13.09
CA THR A 194 20.66 -23.20 11.79
C THR A 194 21.07 -21.73 11.93
N ARG A 195 21.09 -21.24 13.16
CA ARG A 195 21.47 -19.86 13.40
C ARG A 195 22.58 -19.48 14.38
N THR A 196 22.56 -20.04 15.58
CA THR A 196 23.67 -19.89 16.50
C THR A 196 25.05 -20.46 16.25
N VAL A 197 25.21 -21.33 15.23
CA VAL A 197 26.44 -22.14 14.96
C VAL A 197 27.06 -21.75 13.60
N CYS A 198 26.58 -20.67 13.01
CA CYS A 198 27.06 -20.28 11.68
C CYS A 198 28.34 -19.42 11.64
N ALA A 199 29.09 -19.56 10.54
CA ALA A 199 30.36 -18.86 10.29
C ALA A 199 30.19 -17.42 9.79
N GLY A 200 30.72 -16.48 10.56
CA GLY A 200 30.53 -15.08 10.23
C GLY A 200 29.24 -14.70 10.89
N GLY A 201 28.77 -13.50 10.62
CA GLY A 201 27.54 -13.06 11.25
C GLY A 201 26.29 -13.51 10.52
N CYS A 202 26.47 -14.27 9.43
CA CYS A 202 25.35 -14.61 8.56
C CYS A 202 24.24 -15.33 9.33
N ALA A 203 22.99 -15.12 8.90
CA ALA A 203 21.81 -15.42 9.72
C ALA A 203 21.29 -16.86 9.67
N ARG A 204 21.61 -17.57 8.60
CA ARG A 204 21.30 -18.99 8.49
C ARG A 204 22.41 -19.72 7.78
N CYS A 205 22.55 -21.01 8.08
CA CYS A 205 23.58 -21.85 7.49
C CYS A 205 23.27 -23.31 7.74
N LYS A 206 23.91 -24.18 6.98
CA LYS A 206 23.60 -25.60 7.00
C LYS A 206 24.78 -26.38 7.56
N GLY A 207 25.81 -25.63 7.95
CA GLY A 207 27.01 -26.21 8.50
C GLY A 207 27.90 -25.11 9.06
N PRO A 208 28.98 -25.50 9.74
CA PRO A 208 29.81 -24.55 10.50
C PRO A 208 30.74 -23.78 9.60
N LEU A 209 31.03 -24.32 8.43
CA LEU A 209 31.92 -23.66 7.47
C LEU A 209 31.23 -22.50 6.73
N PRO A 210 31.99 -21.43 6.41
CA PRO A 210 31.41 -20.28 5.71
C PRO A 210 30.80 -20.75 4.42
N THR A 211 31.41 -21.77 3.81
CA THR A 211 30.89 -22.40 2.61
C THR A 211 29.45 -22.94 2.77
N ASP A 212 28.97 -22.97 4.00
CA ASP A 212 27.66 -23.54 4.28
C ASP A 212 26.64 -22.44 4.46
N CYS A 213 27.11 -21.23 4.76
CA CYS A 213 26.23 -20.06 4.87
C CYS A 213 25.15 -19.95 3.80
N CYS A 214 23.96 -19.56 4.26
CA CYS A 214 22.81 -19.50 3.37
C CYS A 214 22.75 -18.14 2.70
N HIS A 215 22.23 -18.10 1.47
CA HIS A 215 22.00 -16.84 0.76
C HIS A 215 21.15 -15.95 1.64
N GLU A 216 21.46 -14.66 1.64
CA GLU A 216 20.85 -13.72 2.56
C GLU A 216 19.33 -13.56 2.43
N GLN A 217 18.77 -14.12 1.36
CA GLN A 217 17.33 -14.06 1.16
C GLN A 217 16.59 -15.28 1.72
N CYS A 218 17.31 -16.31 2.12
CA CYS A 218 16.67 -17.51 2.68
C CYS A 218 16.09 -17.27 4.07
N ALA A 219 15.38 -18.27 4.61
CA ALA A 219 14.73 -18.10 5.93
C ALA A 219 14.91 -19.27 6.88
N ALA A 220 14.73 -20.49 6.42
CA ALA A 220 14.82 -21.54 7.41
C ALA A 220 16.11 -22.36 7.31
N GLY A 221 16.80 -22.21 6.18
CA GLY A 221 18.01 -22.97 5.91
C GLY A 221 18.20 -23.19 4.43
N CYS A 222 19.11 -24.08 4.07
CA CYS A 222 19.47 -24.24 2.68
C CYS A 222 20.10 -25.57 2.33
N THR A 223 19.90 -25.97 1.08
CA THR A 223 20.56 -27.12 0.50
C THR A 223 21.87 -26.64 -0.16
N GLY A 224 22.09 -25.33 -0.19
CA GLY A 224 23.23 -24.80 -0.92
C GLY A 224 23.48 -23.34 -0.63
N PRO A 225 24.29 -22.65 -1.48
CA PRO A 225 24.67 -21.26 -1.23
C PRO A 225 23.73 -20.26 -1.92
N LYS A 226 22.97 -20.74 -2.89
CA LYS A 226 22.24 -19.86 -3.77
C LYS A 226 20.85 -19.48 -3.29
N HIS A 227 20.31 -18.42 -3.86
CA HIS A 227 18.95 -18.06 -3.57
C HIS A 227 18.00 -18.99 -4.32
N SER A 228 18.51 -20.11 -4.81
CA SER A 228 17.68 -21.14 -5.40
C SER A 228 17.66 -22.32 -4.43
N ASP A 229 18.52 -22.26 -3.43
CA ASP A 229 18.78 -23.40 -2.57
C ASP A 229 18.13 -23.26 -1.19
N CYS A 230 17.08 -22.45 -1.11
CA CYS A 230 16.50 -22.09 0.18
C CYS A 230 15.41 -23.07 0.64
N LEU A 231 15.22 -23.16 1.95
CA LEU A 231 14.17 -24.00 2.51
C LEU A 231 12.90 -23.21 2.55
N ALA A 232 13.04 -21.90 2.75
CA ALA A 232 11.91 -20.96 2.72
C ALA A 232 12.43 -19.56 2.40
N CYS A 233 11.71 -18.81 1.58
CA CYS A 233 12.06 -17.42 1.30
C CYS A 233 11.74 -16.47 2.44
N LEU A 234 12.65 -15.53 2.69
CA LEU A 234 12.49 -14.55 3.76
C LEU A 234 11.60 -13.41 3.29
N HIS A 235 11.50 -13.29 1.97
CA HIS A 235 10.61 -12.31 1.35
C HIS A 235 9.70 -12.80 0.25
N PHE A 236 10.27 -13.11 -0.90
CA PHE A 236 9.44 -13.53 -2.00
C PHE A 236 10.08 -14.64 -2.80
N ASN A 237 9.27 -15.67 -3.02
CA ASN A 237 9.65 -16.78 -3.83
C ASN A 237 9.10 -16.42 -5.15
N HIS A 238 9.98 -16.16 -6.11
CA HIS A 238 9.50 -15.82 -7.44
C HIS A 238 10.18 -16.78 -8.33
N SER A 239 9.55 -17.93 -8.46
CA SER A 239 10.16 -19.08 -9.11
C SER A 239 11.17 -19.87 -8.26
N GLY A 240 12.39 -20.07 -8.70
CA GLY A 240 13.15 -21.20 -8.20
C GLY A 240 13.85 -20.29 -7.19
N ILE A 241 13.73 -18.98 -7.39
CA ILE A 241 14.61 -17.97 -6.80
C ILE A 241 13.95 -17.11 -5.70
N CYS A 242 14.74 -16.79 -4.67
CA CYS A 242 14.31 -15.95 -3.57
C CYS A 242 14.79 -14.51 -3.74
N GLU A 243 13.85 -13.57 -3.67
CA GLU A 243 14.16 -12.17 -3.87
C GLU A 243 13.47 -11.32 -2.80
N LEU A 244 13.83 -10.03 -2.74
CA LEU A 244 13.34 -9.11 -1.71
C LEU A 244 11.98 -8.52 -2.07
N HIS A 245 11.69 -8.50 -3.36
CA HIS A 245 10.41 -8.03 -3.87
C HIS A 245 10.19 -8.53 -5.29
N CYS A 246 8.93 -8.49 -5.69
CA CYS A 246 8.55 -9.03 -6.99
C CYS A 246 8.68 -7.97 -8.06
N PRO A 247 9.18 -8.37 -9.24
CA PRO A 247 9.20 -7.59 -10.47
C PRO A 247 7.97 -6.71 -10.55
N ALA A 248 8.10 -5.29 -10.99
CA ALA A 248 6.93 -4.42 -10.99
C ALA A 248 6.06 -4.73 -12.18
N LEU A 249 4.81 -4.28 -12.11
CA LEU A 249 3.81 -4.61 -13.12
C LEU A 249 3.96 -3.85 -14.43
N VAL A 250 4.60 -2.69 -14.37
CA VAL A 250 4.70 -1.82 -15.52
C VAL A 250 5.98 -0.95 -15.48
N THR A 251 6.82 -1.06 -16.51
CA THR A 251 8.00 -0.21 -16.62
C THR A 251 7.70 1.12 -17.32
N TYR A 252 8.24 2.23 -16.81
CA TYR A 252 7.95 3.53 -17.40
C TYR A 252 8.93 3.95 -18.52
N ASN A 253 8.47 4.85 -19.38
CA ASN A 253 9.29 5.40 -20.44
C ASN A 253 10.06 6.61 -19.91
N THR A 254 11.38 6.54 -19.95
CA THR A 254 12.25 7.51 -19.27
C THR A 254 12.01 8.99 -19.64
N ASP A 255 11.42 9.25 -20.81
CA ASP A 255 11.12 10.63 -21.26
C ASP A 255 9.68 11.00 -20.89
N THR A 256 8.76 10.20 -21.42
CA THR A 256 7.32 10.42 -21.29
C THR A 256 6.84 10.10 -19.90
N PHE A 257 7.41 9.04 -19.32
CA PHE A 257 6.97 8.48 -18.04
C PHE A 257 5.60 7.90 -18.14
N GLU A 258 5.36 7.26 -19.28
CA GLU A 258 4.10 6.63 -19.53
C GLU A 258 4.30 5.16 -19.29
N SER A 259 3.35 4.59 -18.56
CA SER A 259 3.29 3.16 -18.27
C SER A 259 3.48 2.30 -19.52
N MET A 260 4.35 1.30 -19.44
CA MET A 260 4.39 0.26 -20.45
C MET A 260 4.26 -1.11 -19.79
N PRO A 261 3.35 -1.96 -20.30
CA PRO A 261 3.17 -3.28 -19.72
C PRO A 261 4.51 -4.03 -19.65
N ASN A 262 4.90 -4.37 -18.43
CA ASN A 262 6.12 -5.12 -18.17
C ASN A 262 5.93 -6.63 -18.34
N PRO A 263 6.49 -7.19 -19.43
CA PRO A 263 6.26 -8.57 -19.86
C PRO A 263 6.57 -9.61 -18.77
N GLU A 264 7.58 -9.37 -17.94
CA GLU A 264 7.94 -10.35 -16.94
C GLU A 264 7.55 -9.87 -15.53
N GLY A 265 6.54 -9.00 -15.48
CA GLY A 265 6.06 -8.44 -14.22
C GLY A 265 5.16 -9.38 -13.43
N ARG A 266 5.16 -9.21 -11.90
CA ARG A 266 4.35 -10.13 -11.13
C ARG A 266 3.53 -9.49 -10.00
N TYR A 267 2.45 -10.15 -9.62
CA TYR A 267 1.65 -9.76 -8.46
C TYR A 267 2.18 -10.40 -7.16
N THR A 268 1.86 -9.82 -6.01
CA THR A 268 2.31 -10.40 -4.76
C THR A 268 1.14 -10.94 -3.95
N PHE A 269 1.26 -12.22 -3.60
CA PHE A 269 0.22 -12.97 -2.92
C PHE A 269 0.85 -13.77 -1.79
N GLY A 270 0.57 -13.35 -0.57
CA GLY A 270 1.30 -13.84 0.57
C GLY A 270 2.77 -13.52 0.36
N ALA A 271 3.59 -14.57 0.23
CA ALA A 271 5.03 -14.39 0.11
C ALA A 271 5.52 -14.95 -1.23
N SER A 272 4.64 -14.91 -2.22
CA SER A 272 4.99 -15.42 -3.54
C SER A 272 4.81 -14.38 -4.65
N CYS A 273 5.57 -14.57 -5.72
CA CYS A 273 5.53 -13.74 -6.91
C CYS A 273 4.63 -14.43 -7.87
N VAL A 274 3.41 -13.92 -7.99
CA VAL A 274 2.33 -14.59 -8.70
C VAL A 274 1.98 -13.91 -10.03
N THR A 275 1.83 -14.70 -11.08
CA THR A 275 1.36 -14.16 -12.36
C THR A 275 0.00 -13.49 -12.27
N ALA A 276 -0.98 -14.16 -11.67
CA ALA A 276 -2.33 -13.57 -11.61
C ALA A 276 -3.00 -13.83 -10.27
N CYS A 277 -3.77 -12.87 -9.79
CA CYS A 277 -4.41 -13.03 -8.49
C CYS A 277 -5.41 -14.20 -8.46
N PRO A 278 -5.30 -15.04 -7.41
CA PRO A 278 -6.21 -16.16 -7.11
C PRO A 278 -7.67 -15.75 -6.88
N TYR A 279 -8.53 -16.74 -7.12
CA TYR A 279 -9.92 -16.48 -7.43
C TYR A 279 -10.63 -15.35 -6.70
N ASN A 280 -10.69 -15.36 -5.39
CA ASN A 280 -11.58 -14.41 -4.75
C ASN A 280 -10.92 -13.08 -4.37
N TYR A 281 -9.63 -12.96 -4.68
CA TYR A 281 -8.87 -11.77 -4.35
C TYR A 281 -8.94 -10.76 -5.46
N LEU A 282 -9.04 -9.48 -5.10
CA LEU A 282 -9.00 -8.43 -6.12
C LEU A 282 -7.57 -8.04 -6.36
N SER A 283 -7.22 -7.88 -7.63
CA SER A 283 -5.91 -7.39 -8.02
C SER A 283 -5.86 -5.87 -7.83
N THR A 284 -4.71 -5.26 -8.08
CA THR A 284 -4.58 -3.88 -7.68
C THR A 284 -3.58 -3.06 -8.49
N ASP A 285 -3.75 -1.74 -8.43
CA ASP A 285 -2.92 -0.79 -9.14
C ASP A 285 -1.41 -1.08 -8.94
N VAL A 286 -0.90 -0.90 -7.71
CA VAL A 286 0.49 -1.30 -7.34
C VAL A 286 0.99 -2.68 -7.85
N GLY A 287 0.31 -3.76 -7.48
CA GLY A 287 0.75 -5.09 -7.85
C GLY A 287 0.42 -6.11 -6.78
N SER A 288 -0.40 -5.71 -5.84
CA SER A 288 -0.75 -6.56 -4.71
C SER A 288 -2.12 -7.21 -4.87
N CYS A 289 -2.28 -8.40 -4.26
CA CYS A 289 -3.56 -9.10 -4.22
C CYS A 289 -4.21 -8.84 -2.88
N THR A 290 -5.47 -8.41 -2.87
CA THR A 290 -6.07 -8.07 -1.59
C THR A 290 -7.45 -8.66 -1.39
N LEU A 291 -7.99 -8.38 -0.22
CA LEU A 291 -9.36 -8.70 0.13
C LEU A 291 -10.01 -7.37 0.39
N VAL A 292 -9.19 -6.35 0.59
CA VAL A 292 -9.70 -4.99 0.75
C VAL A 292 -8.89 -4.01 -0.08
N CYS A 293 -9.58 -3.14 -0.82
CA CYS A 293 -8.91 -2.15 -1.65
C CYS A 293 -8.02 -1.19 -0.84
N PRO A 294 -7.00 -0.61 -1.50
CA PRO A 294 -6.19 0.41 -0.83
C PRO A 294 -6.96 1.71 -0.68
N LEU A 295 -6.43 2.61 0.13
CA LEU A 295 -7.08 3.87 0.53
C LEU A 295 -7.99 4.59 -0.50
N HIS A 296 -7.45 5.00 -1.64
CA HIS A 296 -8.23 5.82 -2.58
C HIS A 296 -8.65 5.11 -3.84
N ASN A 297 -9.32 3.96 -3.65
CA ASN A 297 -9.79 3.13 -4.74
C ASN A 297 -11.25 2.71 -4.64
N GLN A 298 -11.71 1.99 -5.65
CA GLN A 298 -13.06 1.51 -5.69
C GLN A 298 -13.10 0.35 -6.66
N GLU A 299 -13.99 -0.60 -6.42
CA GLU A 299 -13.94 -1.87 -7.13
C GLU A 299 -14.48 -1.86 -8.56
N VAL A 300 -13.72 -2.49 -9.45
CA VAL A 300 -14.03 -2.57 -10.87
C VAL A 300 -14.53 -3.99 -11.16
N THR A 301 -14.95 -4.26 -12.40
CA THR A 301 -15.28 -5.61 -12.85
C THR A 301 -15.17 -5.69 -14.36
N ALA A 302 -14.55 -6.74 -14.88
CA ALA A 302 -14.48 -6.94 -16.32
C ALA A 302 -15.61 -7.85 -16.78
N GLU A 303 -15.85 -7.92 -18.10
CA GLU A 303 -16.76 -8.92 -18.64
C GLU A 303 -16.16 -10.24 -18.19
N ASP A 304 -14.84 -10.31 -18.28
CA ASP A 304 -14.02 -11.27 -17.54
C ASP A 304 -14.44 -11.23 -16.05
N GLY A 305 -15.04 -12.32 -15.58
CA GLY A 305 -15.75 -12.37 -14.30
C GLY A 305 -15.12 -11.78 -13.03
N THR A 306 -13.84 -11.41 -13.08
CA THR A 306 -13.08 -11.02 -11.91
C THR A 306 -13.29 -9.55 -11.49
N GLN A 307 -12.58 -9.13 -10.45
CA GLN A 307 -12.64 -7.76 -9.97
C GLN A 307 -11.24 -7.18 -9.76
N ARG A 308 -11.12 -5.87 -9.93
CA ARG A 308 -9.88 -5.15 -9.68
C ARG A 308 -10.14 -3.97 -8.76
N CYS A 309 -9.08 -3.46 -8.16
CA CYS A 309 -9.14 -2.15 -7.54
C CYS A 309 -8.61 -1.14 -8.52
N GLU A 310 -9.17 0.06 -8.50
CA GLU A 310 -8.67 1.17 -9.31
C GLU A 310 -9.01 2.45 -8.57
N LYS A 311 -8.29 3.53 -8.87
CA LYS A 311 -8.54 4.84 -8.28
C LYS A 311 -9.76 5.55 -8.92
N CYS A 312 -10.25 6.58 -8.25
CA CYS A 312 -11.54 7.19 -8.61
C CYS A 312 -11.46 8.64 -9.09
N SER A 313 -12.53 9.09 -9.74
CA SER A 313 -12.54 10.41 -10.39
C SER A 313 -12.69 11.70 -9.59
N LYS A 314 -13.49 11.66 -8.53
CA LYS A 314 -13.51 12.73 -7.54
C LYS A 314 -13.35 11.83 -6.33
N PRO A 315 -13.07 12.41 -5.14
CA PRO A 315 -13.17 11.65 -3.89
C PRO A 315 -14.40 10.75 -3.90
N CYS A 316 -14.14 9.44 -3.87
CA CYS A 316 -15.08 8.36 -4.20
C CYS A 316 -16.55 8.43 -3.75
N ALA A 317 -17.44 7.90 -4.60
CA ALA A 317 -18.87 7.80 -4.30
C ALA A 317 -19.10 6.86 -3.14
N ARG A 318 -19.65 7.38 -2.04
CA ARG A 318 -19.87 6.60 -0.82
C ARG A 318 -20.64 5.32 -1.08
N VAL A 319 -20.41 4.34 -0.22
CA VAL A 319 -21.07 3.04 -0.35
C VAL A 319 -21.41 2.45 1.04
N CYS A 320 -22.27 1.44 1.08
CA CYS A 320 -22.65 0.85 2.35
C CYS A 320 -21.53 0.05 3.03
N TYR A 321 -21.25 0.37 4.28
CA TYR A 321 -20.31 -0.42 5.01
C TYR A 321 -21.08 -1.29 5.97
N GLY A 322 -20.68 -2.56 5.99
CA GLY A 322 -21.29 -3.55 6.87
C GLY A 322 -20.53 -3.63 8.18
N LEU A 323 -20.86 -4.63 8.97
CA LEU A 323 -20.14 -4.83 10.19
C LEU A 323 -18.71 -5.29 9.91
N GLY A 324 -17.82 -5.00 10.86
CA GLY A 324 -16.39 -5.25 10.74
C GLY A 324 -15.64 -4.25 9.85
N MET A 325 -16.18 -3.04 9.73
CA MET A 325 -15.70 -2.16 8.69
C MET A 325 -15.61 -0.78 9.30
N GLU A 326 -15.28 0.19 8.45
CA GLU A 326 -15.04 1.57 8.80
C GLU A 326 -16.32 1.90 9.57
N HIS A 327 -16.19 2.26 10.83
CA HIS A 327 -17.37 2.75 11.46
C HIS A 327 -18.17 1.73 12.21
N LEU A 328 -18.35 0.53 11.66
CA LEU A 328 -18.97 -0.58 12.35
C LEU A 328 -18.05 -1.68 12.81
N ARG A 329 -16.75 -1.46 12.63
CA ARG A 329 -15.73 -2.44 12.92
C ARG A 329 -15.71 -2.88 14.40
N GLU A 330 -16.30 -2.07 15.26
CA GLU A 330 -16.38 -2.42 16.67
C GLU A 330 -17.68 -3.13 17.04
N VAL A 331 -18.68 -3.07 16.16
CA VAL A 331 -20.01 -3.53 16.54
C VAL A 331 -20.28 -5.01 16.29
N ARG A 332 -20.72 -5.68 17.36
CA ARG A 332 -20.94 -7.12 17.36
C ARG A 332 -22.01 -7.52 16.35
N ALA A 333 -23.10 -6.75 16.32
CA ALA A 333 -24.35 -7.20 15.71
C ALA A 333 -25.14 -6.12 14.97
N VAL A 334 -25.98 -6.56 14.05
CA VAL A 334 -26.93 -5.71 13.35
C VAL A 334 -28.11 -5.44 14.26
N THR A 335 -28.48 -4.17 14.40
CA THR A 335 -29.54 -3.82 15.34
C THR A 335 -30.26 -2.54 14.95
N SER A 336 -31.42 -2.32 15.56
CA SER A 336 -32.27 -1.17 15.27
C SER A 336 -31.50 0.14 15.19
N ALA A 337 -30.48 0.25 16.04
CA ALA A 337 -29.62 1.43 16.04
C ALA A 337 -28.83 1.57 14.75
N ASN A 338 -28.72 0.49 13.97
CA ASN A 338 -28.04 0.57 12.68
C ASN A 338 -28.81 0.05 11.46
N ILE A 339 -29.99 -0.54 11.67
CA ILE A 339 -30.72 -1.16 10.56
C ILE A 339 -31.00 -0.19 9.41
N GLN A 340 -31.25 1.06 9.75
CA GLN A 340 -31.48 2.13 8.79
C GLN A 340 -30.30 2.30 7.83
N GLU A 341 -29.09 2.14 8.37
CA GLU A 341 -27.87 2.36 7.60
C GLU A 341 -27.73 1.41 6.40
N PHE A 342 -28.72 0.55 6.17
CA PHE A 342 -28.67 -0.36 5.04
C PHE A 342 -29.81 -0.07 4.08
N ALA A 343 -30.32 1.16 4.16
CA ALA A 343 -31.45 1.52 3.35
C ALA A 343 -31.08 1.38 1.88
N GLY A 344 -31.62 0.33 1.29
CA GLY A 344 -31.51 0.11 -0.13
C GLY A 344 -30.10 0.08 -0.62
N CYS A 345 -29.28 -0.82 -0.06
CA CYS A 345 -27.95 -1.09 -0.57
C CYS A 345 -27.96 -2.33 -1.46
N LYS A 346 -27.38 -2.22 -2.66
CA LYS A 346 -27.26 -3.41 -3.51
C LYS A 346 -25.99 -4.21 -3.16
N LYS A 347 -25.11 -3.63 -2.36
CA LYS A 347 -23.86 -4.30 -2.09
C LYS A 347 -23.21 -3.79 -0.83
N ILE A 348 -22.93 -4.68 0.10
CA ILE A 348 -22.35 -4.31 1.39
C ILE A 348 -20.91 -4.77 1.55
N PHE A 349 -20.04 -3.81 1.85
CA PHE A 349 -18.64 -4.04 2.07
C PHE A 349 -18.55 -4.27 3.54
N GLY A 350 -18.38 -5.52 3.91
CA GLY A 350 -18.46 -5.93 5.30
C GLY A 350 -19.37 -7.13 5.44
N SER A 351 -19.91 -7.29 6.64
CA SER A 351 -20.71 -8.47 6.96
C SER A 351 -21.96 -8.09 7.72
N LEU A 352 -22.94 -8.98 7.69
CA LEU A 352 -24.08 -8.82 8.56
C LEU A 352 -24.15 -10.04 9.46
N ALA A 353 -24.43 -9.80 10.72
CA ALA A 353 -24.70 -10.85 11.65
C ALA A 353 -25.88 -10.46 12.51
N PHE A 354 -26.76 -11.40 12.80
CA PHE A 354 -27.94 -11.11 13.58
C PHE A 354 -27.86 -12.03 14.75
N LEU A 355 -27.78 -11.46 15.95
CA LEU A 355 -27.61 -12.25 17.17
C LEU A 355 -28.87 -12.17 17.99
N PRO A 356 -29.01 -13.09 18.97
CA PRO A 356 -30.01 -12.96 20.03
C PRO A 356 -30.06 -11.53 20.48
N GLU A 357 -28.88 -10.98 20.76
CA GLU A 357 -28.69 -9.59 21.12
C GLU A 357 -29.60 -8.63 20.33
N SER A 358 -29.73 -8.89 19.03
CA SER A 358 -30.42 -7.99 18.10
C SER A 358 -31.93 -7.90 18.34
N PHE A 359 -32.59 -9.05 18.33
CA PHE A 359 -34.04 -9.10 18.37
C PHE A 359 -34.62 -9.03 19.76
N ASP A 360 -33.89 -9.56 20.73
CA ASP A 360 -34.12 -9.20 22.11
C ASP A 360 -33.67 -7.76 22.27
N GLY A 361 -34.15 -7.08 23.29
CA GLY A 361 -33.71 -5.73 23.56
C GLY A 361 -32.27 -5.66 23.99
N ASP A 362 -31.80 -4.46 24.26
CA ASP A 362 -30.48 -4.27 24.82
C ASP A 362 -30.57 -3.12 25.82
N PRO A 363 -31.23 -3.36 26.96
CA PRO A 363 -31.55 -2.30 27.92
C PRO A 363 -30.29 -1.71 28.55
N ALA A 364 -29.17 -2.40 28.38
CA ALA A 364 -27.89 -1.95 28.91
C ALA A 364 -27.55 -0.56 28.39
N SER A 365 -28.10 -0.21 27.24
CA SER A 365 -27.96 1.14 26.70
C SER A 365 -29.21 1.52 25.90
N ASN A 366 -30.37 1.27 26.48
CA ASN A 366 -31.69 1.58 25.90
C ASN A 366 -31.76 1.56 24.37
N THR A 367 -31.37 0.44 23.78
CA THR A 367 -31.56 0.23 22.34
C THR A 367 -32.63 -0.81 22.05
N ALA A 368 -33.53 -0.46 21.13
CA ALA A 368 -34.78 -1.18 20.97
C ALA A 368 -34.66 -2.50 20.21
N PRO A 369 -35.51 -3.48 20.60
CA PRO A 369 -35.62 -4.77 19.91
C PRO A 369 -35.95 -4.57 18.44
N LEU A 370 -35.16 -5.20 17.57
CA LEU A 370 -35.37 -5.09 16.12
C LEU A 370 -36.64 -5.84 15.68
N GLN A 371 -37.47 -5.19 14.85
CA GLN A 371 -38.76 -5.74 14.41
C GLN A 371 -38.71 -6.47 13.07
N PRO A 372 -39.45 -7.59 12.96
CA PRO A 372 -39.39 -8.50 11.81
C PRO A 372 -39.64 -7.83 10.47
N GLU A 373 -39.95 -6.54 10.51
CA GLU A 373 -40.37 -5.84 9.31
C GLU A 373 -39.35 -4.81 8.88
N GLN A 374 -38.45 -4.44 9.80
CA GLN A 374 -37.39 -3.49 9.47
C GLN A 374 -36.36 -4.22 8.64
N LEU A 375 -36.31 -5.54 8.83
CA LEU A 375 -35.41 -6.41 8.08
C LEU A 375 -35.54 -6.26 6.57
N GLN A 376 -36.57 -5.54 6.13
CA GLN A 376 -36.93 -5.50 4.72
C GLN A 376 -36.00 -4.55 3.98
N VAL A 377 -35.22 -3.80 4.74
CA VAL A 377 -34.20 -2.94 4.17
C VAL A 377 -33.25 -3.72 3.28
N PHE A 378 -33.13 -5.03 3.53
CA PHE A 378 -32.19 -5.88 2.81
C PHE A 378 -32.81 -6.52 1.57
N GLU A 379 -34.06 -6.16 1.27
CA GLU A 379 -34.72 -6.76 0.11
C GLU A 379 -34.04 -6.33 -1.20
N THR A 380 -33.38 -5.20 -1.16
CA THR A 380 -32.69 -4.75 -2.36
C THR A 380 -31.30 -5.36 -2.45
N LEU A 381 -30.83 -5.89 -1.32
CA LEU A 381 -29.45 -6.35 -1.17
C LEU A 381 -29.13 -7.53 -2.05
N GLU A 382 -27.98 -7.49 -2.71
CA GLU A 382 -27.61 -8.52 -3.66
C GLU A 382 -26.15 -8.96 -3.57
N GLU A 383 -25.29 -8.19 -2.89
CA GLU A 383 -23.92 -8.67 -2.69
C GLU A 383 -23.43 -8.39 -1.28
N ILE A 384 -22.84 -9.41 -0.67
CA ILE A 384 -22.14 -9.24 0.59
C ILE A 384 -20.69 -9.69 0.45
N THR A 385 -19.76 -8.80 0.78
CA THR A 385 -18.34 -9.06 0.58
C THR A 385 -17.81 -9.90 1.76
N GLY A 386 -18.32 -9.63 2.96
CA GLY A 386 -17.88 -10.40 4.12
C GLY A 386 -19.06 -11.34 4.24
N TYR A 387 -19.07 -12.09 5.35
CA TYR A 387 -20.06 -13.15 5.60
C TYR A 387 -21.46 -12.84 6.13
N LEU A 388 -22.35 -13.83 6.06
CA LEU A 388 -23.66 -13.74 6.64
C LEU A 388 -23.74 -14.70 7.80
N TYR A 389 -24.18 -14.19 8.94
CA TYR A 389 -24.22 -14.96 10.17
C TYR A 389 -25.52 -14.71 10.94
N ILE A 390 -26.36 -15.72 10.98
CA ILE A 390 -27.67 -15.57 11.61
C ILE A 390 -27.81 -16.61 12.70
N SER A 391 -28.23 -16.17 13.89
CA SER A 391 -28.20 -17.03 15.07
C SER A 391 -29.45 -16.79 15.89
N ALA A 392 -30.01 -15.62 15.77
CA ALA A 392 -31.39 -15.47 16.20
C ALA A 392 -32.11 -15.01 14.96
N TRP A 393 -33.43 -15.08 14.98
CA TRP A 393 -34.27 -14.72 13.83
C TRP A 393 -35.70 -14.82 14.33
N PRO A 394 -36.55 -13.84 13.99
CA PRO A 394 -37.85 -13.70 14.66
C PRO A 394 -38.75 -14.91 14.35
N ASP A 395 -39.46 -15.43 15.36
CA ASP A 395 -40.26 -16.65 15.16
C ASP A 395 -41.27 -16.53 14.02
N SER A 396 -41.83 -15.33 13.89
CA SER A 396 -42.81 -15.01 12.88
C SER A 396 -42.35 -15.48 11.51
N LEU A 397 -41.18 -15.04 11.08
CA LEU A 397 -40.72 -15.35 9.72
C LEU A 397 -40.29 -16.80 9.56
N PRO A 398 -40.91 -17.52 8.61
CA PRO A 398 -40.53 -18.91 8.31
C PRO A 398 -39.24 -19.06 7.53
N ASP A 399 -38.70 -17.98 7.00
CA ASP A 399 -37.50 -18.14 6.22
C ASP A 399 -36.62 -16.91 6.19
N LEU A 400 -35.64 -16.97 5.31
CA LEU A 400 -34.75 -15.86 5.12
C LEU A 400 -35.10 -15.33 3.75
N SER A 401 -36.31 -14.78 3.63
CA SER A 401 -36.78 -14.22 2.36
C SER A 401 -36.29 -12.81 2.16
N VAL A 402 -36.17 -12.08 3.26
CA VAL A 402 -35.64 -10.74 3.20
C VAL A 402 -34.29 -10.73 2.51
N PHE A 403 -33.58 -11.86 2.49
CA PHE A 403 -32.40 -11.96 1.63
C PHE A 403 -32.66 -12.74 0.32
N GLN A 404 -33.88 -12.70 -0.20
CA GLN A 404 -34.14 -13.51 -1.39
C GLN A 404 -33.58 -12.95 -2.69
N ASN A 405 -32.91 -11.79 -2.62
CA ASN A 405 -32.23 -11.21 -3.77
C ASN A 405 -30.71 -11.24 -3.66
N LEU A 406 -30.23 -11.56 -2.45
CA LEU A 406 -28.81 -11.87 -2.22
C LEU A 406 -28.35 -12.89 -3.24
N GLN A 407 -27.21 -12.63 -3.85
CA GLN A 407 -26.84 -13.40 -5.00
C GLN A 407 -25.39 -13.87 -4.88
N VAL A 408 -24.62 -13.21 -4.01
CA VAL A 408 -23.25 -13.61 -3.75
C VAL A 408 -22.83 -13.21 -2.35
N ILE A 409 -22.38 -14.19 -1.57
CA ILE A 409 -21.56 -13.91 -0.40
C ILE A 409 -20.09 -14.28 -0.67
N ARG A 410 -19.23 -13.30 -0.52
CA ARG A 410 -17.89 -13.41 -1.04
C ARG A 410 -16.94 -14.09 -0.06
N GLY A 411 -17.18 -13.91 1.23
CA GLY A 411 -16.35 -14.57 2.22
C GLY A 411 -15.06 -13.87 2.57
N ARG A 412 -14.65 -12.88 1.77
CA ARG A 412 -13.42 -12.13 2.03
C ARG A 412 -13.11 -11.88 3.49
N ILE A 413 -14.15 -11.68 4.31
CA ILE A 413 -14.00 -11.81 5.76
C ILE A 413 -14.90 -12.94 6.23
N LEU A 414 -14.32 -13.98 6.83
CA LEU A 414 -15.07 -15.16 7.28
C LEU A 414 -15.35 -15.06 8.76
N HIS A 415 -16.50 -15.58 9.19
CA HIS A 415 -16.82 -15.62 10.61
C HIS A 415 -15.90 -16.63 11.22
N ASN A 416 -15.30 -16.26 12.35
CA ASN A 416 -14.35 -17.12 13.03
C ASN A 416 -13.32 -17.68 12.07
N GLY A 417 -13.00 -16.93 11.04
CA GLY A 417 -11.93 -17.30 10.16
C GLY A 417 -12.29 -18.37 9.18
N ALA A 418 -13.50 -18.91 9.26
CA ALA A 418 -13.83 -20.05 8.41
C ALA A 418 -15.16 -20.02 7.68
N TYR A 419 -16.18 -19.43 8.31
CA TYR A 419 -17.54 -19.50 7.78
C TYR A 419 -18.13 -18.24 7.11
N SER A 420 -18.26 -18.32 5.79
CA SER A 420 -19.06 -17.36 5.03
C SER A 420 -20.57 -17.40 5.34
N LEU A 421 -21.16 -18.60 5.43
CA LEU A 421 -22.57 -18.70 5.80
C LEU A 421 -22.81 -19.50 7.07
N THR A 422 -23.55 -18.89 8.00
CA THR A 422 -23.86 -19.52 9.27
C THR A 422 -25.28 -19.22 9.70
N LEU A 423 -26.04 -20.30 9.84
CA LEU A 423 -27.40 -20.26 10.33
C LEU A 423 -27.42 -21.26 11.47
N GLN A 424 -27.77 -20.81 12.67
CA GLN A 424 -27.70 -21.71 13.81
C GLN A 424 -28.61 -21.34 14.95
N GLY A 425 -29.20 -22.36 15.57
CA GLY A 425 -30.17 -22.16 16.62
C GLY A 425 -31.42 -21.45 16.14
N LEU A 426 -31.74 -21.58 14.86
CA LEU A 426 -32.85 -20.81 14.31
C LEU A 426 -34.20 -21.51 14.46
N GLY A 427 -35.25 -20.84 13.98
CA GLY A 427 -36.59 -21.38 13.99
C GLY A 427 -37.17 -21.49 12.59
N ILE A 428 -36.43 -21.04 11.59
CA ILE A 428 -36.92 -21.07 10.22
C ILE A 428 -37.32 -22.46 9.72
N SER A 429 -38.19 -22.50 8.71
CA SER A 429 -38.68 -23.75 8.16
C SER A 429 -38.14 -24.05 6.76
N TRP A 430 -37.63 -23.05 6.07
CA TRP A 430 -36.83 -23.33 4.88
C TRP A 430 -35.87 -22.18 4.63
N LEU A 431 -34.99 -22.30 3.65
CA LEU A 431 -34.06 -21.21 3.46
C LEU A 431 -34.36 -19.97 2.54
N GLY A 432 -34.97 -20.20 1.38
CA GLY A 432 -35.32 -19.11 0.54
C GLY A 432 -34.36 -18.04 0.02
N LEU A 433 -33.09 -18.39 0.04
CA LEU A 433 -32.10 -17.61 -0.63
C LEU A 433 -32.12 -18.12 -2.08
N ARG A 434 -33.18 -17.75 -2.82
CA ARG A 434 -33.38 -18.18 -4.21
C ARG A 434 -32.29 -17.75 -5.19
N SER A 435 -31.75 -16.55 -5.01
CA SER A 435 -30.83 -16.00 -5.98
C SER A 435 -29.37 -16.11 -5.54
N LEU A 436 -29.13 -16.94 -4.53
CA LEU A 436 -27.79 -17.19 -3.99
C LEU A 436 -27.08 -18.17 -4.90
N ARG A 437 -26.31 -17.65 -5.85
CA ARG A 437 -25.68 -18.53 -6.82
C ARG A 437 -24.22 -18.82 -6.49
N GLU A 438 -23.67 -18.17 -5.45
CA GLU A 438 -22.25 -18.37 -5.11
C GLU A 438 -21.84 -17.93 -3.70
N LEU A 439 -21.18 -18.84 -2.98
CA LEU A 439 -20.42 -18.49 -1.80
C LEU A 439 -18.96 -18.42 -2.23
N GLY A 440 -18.38 -17.22 -2.18
CA GLY A 440 -17.07 -16.96 -2.79
C GLY A 440 -15.91 -17.70 -2.16
N SER A 441 -15.96 -17.84 -0.85
CA SER A 441 -14.89 -18.48 -0.15
C SER A 441 -15.45 -18.89 1.20
N GLY A 442 -14.85 -19.91 1.80
CA GLY A 442 -15.27 -20.38 3.11
C GLY A 442 -16.36 -21.42 3.01
N LEU A 443 -16.83 -21.86 4.18
CA LEU A 443 -17.75 -22.97 4.27
C LEU A 443 -18.98 -22.51 4.95
N ALA A 444 -20.08 -23.20 4.63
CA ALA A 444 -21.34 -23.03 5.32
C ALA A 444 -21.47 -24.00 6.52
N LEU A 445 -22.00 -23.47 7.61
CA LEU A 445 -22.34 -24.25 8.77
C LEU A 445 -23.79 -23.92 9.08
N ILE A 446 -24.67 -24.91 8.84
CA ILE A 446 -26.06 -24.86 9.24
C ILE A 446 -26.33 -25.92 10.30
N HIS A 447 -26.55 -25.51 11.54
CA HIS A 447 -26.71 -26.50 12.60
C HIS A 447 -27.68 -26.05 13.64
N HIS A 448 -28.34 -27.03 14.24
CA HIS A 448 -29.32 -26.82 15.30
C HIS A 448 -30.48 -25.94 14.93
N ASN A 449 -31.11 -26.26 13.82
CA ASN A 449 -32.35 -25.63 13.50
C ASN A 449 -33.40 -26.73 13.41
N THR A 450 -34.27 -26.79 14.42
CA THR A 450 -35.20 -27.90 14.52
C THR A 450 -36.11 -28.07 13.30
N HIS A 451 -36.60 -26.96 12.76
CA HIS A 451 -37.66 -27.03 11.76
C HIS A 451 -37.13 -26.89 10.34
N LEU A 452 -35.82 -26.91 10.19
CA LEU A 452 -35.26 -26.63 8.89
C LEU A 452 -35.35 -27.78 7.92
N CYS A 453 -36.31 -27.73 7.02
CA CYS A 453 -36.26 -28.59 5.85
C CYS A 453 -35.57 -27.91 4.66
N PHE A 454 -35.61 -28.58 3.51
CA PHE A 454 -35.16 -28.02 2.24
C PHE A 454 -33.70 -27.63 2.20
N VAL A 455 -32.92 -27.98 3.21
CA VAL A 455 -31.48 -27.83 3.11
C VAL A 455 -30.97 -28.78 2.02
N HIS A 456 -31.48 -30.01 2.05
CA HIS A 456 -30.93 -31.09 1.25
C HIS A 456 -31.03 -30.81 -0.25
N THR A 457 -31.93 -29.89 -0.57
CA THR A 457 -32.37 -29.59 -1.94
C THR A 457 -31.47 -28.60 -2.64
N VAL A 458 -31.05 -27.59 -1.88
CA VAL A 458 -30.05 -26.65 -2.31
C VAL A 458 -28.91 -27.46 -2.87
N PRO A 459 -28.51 -27.18 -4.11
CA PRO A 459 -27.33 -27.88 -4.67
C PRO A 459 -26.04 -27.17 -4.22
N TRP A 460 -25.63 -27.43 -2.99
CA TRP A 460 -24.56 -26.66 -2.39
C TRP A 460 -23.26 -26.71 -3.16
N ASP A 461 -23.04 -27.78 -3.91
CA ASP A 461 -21.83 -27.88 -4.72
C ASP A 461 -21.75 -26.78 -5.78
N GLN A 462 -22.89 -26.23 -6.16
CA GLN A 462 -22.94 -25.21 -7.21
C GLN A 462 -22.51 -23.82 -6.71
N LEU A 463 -22.93 -23.48 -5.50
CA LEU A 463 -22.48 -22.25 -4.85
C LEU A 463 -20.96 -22.16 -4.62
N PHE A 464 -20.32 -23.26 -4.19
CA PHE A 464 -18.89 -23.25 -3.84
C PHE A 464 -17.97 -22.99 -5.03
N ARG A 465 -16.79 -22.46 -4.71
CA ARG A 465 -15.81 -22.07 -5.72
C ARG A 465 -14.50 -22.83 -5.54
N ASN A 466 -14.06 -23.01 -4.29
CA ASN A 466 -12.78 -23.67 -4.05
C ASN A 466 -12.97 -24.99 -3.31
N PRO A 467 -12.12 -25.97 -3.59
CA PRO A 467 -12.44 -27.33 -3.10
C PRO A 467 -12.20 -27.52 -1.61
N HIS A 468 -11.72 -26.50 -0.92
CA HIS A 468 -11.65 -26.54 0.54
C HIS A 468 -12.96 -26.09 1.13
N GLN A 469 -14.05 -26.30 0.37
CA GLN A 469 -15.33 -25.78 0.77
C GLN A 469 -16.40 -26.86 0.92
N ALA A 470 -17.24 -26.69 1.93
CA ALA A 470 -18.34 -27.60 2.16
C ALA A 470 -19.40 -27.03 3.10
N LEU A 471 -20.57 -27.66 3.06
CA LEU A 471 -21.61 -27.42 4.03
C LEU A 471 -21.32 -28.32 5.24
N LEU A 472 -21.43 -27.80 6.45
CA LEU A 472 -21.36 -28.66 7.61
C LEU A 472 -22.67 -28.54 8.31
N HIS A 473 -23.40 -29.65 8.42
CA HIS A 473 -24.74 -29.56 9.00
C HIS A 473 -25.02 -30.64 9.97
N THR A 474 -25.79 -30.28 10.99
CA THR A 474 -26.18 -31.23 11.99
C THR A 474 -27.28 -30.64 12.87
N ALA A 475 -28.04 -31.51 13.54
CA ALA A 475 -29.10 -31.12 14.46
C ALA A 475 -30.16 -30.29 13.79
N ASN A 476 -30.32 -30.51 12.48
CA ASN A 476 -31.42 -29.92 11.72
C ASN A 476 -32.57 -30.91 11.58
N ARG A 477 -33.69 -30.44 11.03
CA ARG A 477 -34.77 -31.37 10.76
C ARG A 477 -34.26 -32.36 9.72
N PRO A 478 -34.43 -33.66 10.00
CA PRO A 478 -33.92 -34.75 9.19
C PRO A 478 -34.60 -34.80 7.85
N GLU A 479 -33.84 -34.95 6.76
CA GLU A 479 -34.44 -35.09 5.43
C GLU A 479 -35.50 -36.18 5.35
N ASP A 480 -35.21 -37.34 5.91
CA ASP A 480 -36.19 -38.40 6.04
C ASP A 480 -37.54 -37.88 6.52
N GLU A 481 -37.50 -37.00 7.52
CA GLU A 481 -38.72 -36.43 8.08
C GLU A 481 -39.28 -35.34 7.18
N CYS A 482 -38.56 -35.02 6.13
CA CYS A 482 -39.02 -33.99 5.23
C CYS A 482 -39.68 -34.69 4.04
N VAL A 483 -38.96 -35.62 3.43
CA VAL A 483 -39.49 -36.44 2.34
C VAL A 483 -40.78 -37.10 2.85
N GLY A 484 -40.69 -37.62 4.06
CA GLY A 484 -41.82 -38.27 4.70
C GLY A 484 -42.99 -37.32 4.82
N GLU A 485 -42.85 -36.32 5.67
CA GLU A 485 -43.95 -35.38 5.89
C GLU A 485 -44.32 -34.55 4.65
N GLY A 486 -43.81 -34.93 3.48
CA GLY A 486 -44.32 -34.40 2.22
C GLY A 486 -43.59 -33.24 1.55
N LEU A 487 -43.07 -32.31 2.35
CA LEU A 487 -42.34 -31.15 1.87
C LEU A 487 -41.26 -31.59 0.91
N ALA A 488 -41.25 -31.02 -0.29
CA ALA A 488 -40.28 -31.39 -1.34
C ALA A 488 -40.31 -30.47 -2.55
N CYS A 489 -39.39 -30.68 -3.47
CA CYS A 489 -39.27 -29.79 -4.61
C CYS A 489 -40.43 -29.88 -5.56
N HIS A 490 -41.13 -28.76 -5.67
CA HIS A 490 -42.18 -28.57 -6.66
C HIS A 490 -41.74 -29.12 -8.02
N GLN A 491 -42.66 -29.76 -8.73
CA GLN A 491 -42.28 -30.57 -9.90
C GLN A 491 -41.73 -29.75 -11.05
N LEU A 492 -41.96 -28.44 -10.99
CA LEU A 492 -41.51 -27.54 -12.03
C LEU A 492 -40.06 -27.11 -11.82
N CYS A 493 -39.49 -27.48 -10.69
CA CYS A 493 -38.12 -27.11 -10.35
C CYS A 493 -37.16 -28.08 -11.00
N ALA A 494 -36.57 -27.65 -12.11
CA ALA A 494 -35.61 -28.47 -12.86
C ALA A 494 -34.61 -29.19 -11.95
N ARG A 495 -34.29 -30.44 -12.30
CA ARG A 495 -33.25 -31.22 -11.62
C ARG A 495 -33.49 -31.41 -10.11
N GLY A 496 -34.64 -30.97 -9.61
CA GLY A 496 -35.04 -31.27 -8.25
C GLY A 496 -34.49 -30.39 -7.15
N HIS A 497 -33.90 -29.25 -7.49
CA HIS A 497 -33.28 -28.35 -6.51
C HIS A 497 -34.16 -27.14 -6.17
N CYS A 498 -34.48 -26.98 -4.89
CA CYS A 498 -35.21 -25.79 -4.44
C CYS A 498 -34.63 -25.25 -3.14
N TRP A 499 -35.17 -24.12 -2.70
CA TRP A 499 -34.70 -23.43 -1.50
C TRP A 499 -35.83 -23.43 -0.52
N GLY A 500 -36.81 -24.28 -0.80
CA GLY A 500 -38.06 -24.21 -0.08
C GLY A 500 -39.25 -24.73 -0.84
N PRO A 501 -40.42 -24.69 -0.20
CA PRO A 501 -41.66 -25.18 -0.78
C PRO A 501 -42.11 -24.26 -1.91
N GLY A 502 -42.51 -24.86 -3.01
CA GLY A 502 -43.22 -24.10 -4.03
C GLY A 502 -42.49 -23.86 -5.33
N PRO A 503 -43.15 -23.13 -6.24
CA PRO A 503 -42.64 -22.83 -7.59
C PRO A 503 -41.97 -21.45 -7.65
N THR A 504 -42.08 -20.73 -6.54
CA THR A 504 -41.37 -19.48 -6.33
C THR A 504 -39.88 -19.76 -6.05
N GLN A 505 -39.59 -20.97 -5.54
CA GLN A 505 -38.32 -21.30 -4.88
C GLN A 505 -37.40 -22.24 -5.64
N CYS A 506 -37.66 -22.49 -6.92
CA CYS A 506 -36.78 -23.37 -7.70
C CYS A 506 -35.41 -22.75 -7.92
N VAL A 507 -34.39 -23.56 -8.14
CA VAL A 507 -33.13 -22.91 -8.48
C VAL A 507 -33.14 -22.76 -9.97
N ASN A 508 -33.77 -23.72 -10.65
CA ASN A 508 -33.98 -23.57 -12.09
C ASN A 508 -35.38 -23.95 -12.56
N CYS A 509 -35.87 -23.23 -13.56
CA CYS A 509 -37.22 -23.43 -14.08
C CYS A 509 -37.17 -24.12 -15.42
N SER A 510 -37.70 -25.35 -15.44
CA SER A 510 -37.69 -26.20 -16.63
C SER A 510 -39.01 -25.97 -17.32
N GLN A 511 -39.53 -24.76 -17.15
CA GLN A 511 -40.62 -24.27 -17.98
C GLN A 511 -40.36 -22.81 -17.71
N PHE A 512 -41.37 -21.97 -17.83
CA PHE A 512 -41.12 -20.56 -17.89
C PHE A 512 -41.30 -19.80 -16.55
N LEU A 513 -40.98 -18.51 -16.58
CA LEU A 513 -40.92 -17.71 -15.37
C LEU A 513 -41.86 -16.51 -15.45
N ARG A 514 -43.02 -16.61 -14.82
CA ARG A 514 -43.85 -15.43 -14.71
C ARG A 514 -43.53 -14.73 -13.40
N GLY A 515 -42.54 -13.85 -13.45
CA GLY A 515 -42.13 -13.10 -12.29
C GLY A 515 -41.21 -13.92 -11.43
N GLN A 516 -41.58 -14.11 -10.17
CA GLN A 516 -40.77 -14.95 -9.32
C GLN A 516 -41.47 -16.27 -9.10
N GLU A 517 -41.94 -16.86 -10.20
CA GLU A 517 -42.77 -18.07 -10.12
C GLU A 517 -42.71 -18.94 -11.37
N CYS A 518 -42.74 -20.25 -11.17
CA CYS A 518 -42.72 -21.16 -12.29
C CYS A 518 -44.12 -21.49 -12.80
N VAL A 519 -44.20 -21.66 -14.10
CA VAL A 519 -45.46 -21.81 -14.79
C VAL A 519 -45.16 -22.73 -15.97
N GLU A 520 -46.03 -23.72 -16.18
CA GLU A 520 -45.76 -24.72 -17.21
C GLU A 520 -45.93 -24.15 -18.61
N GLU A 521 -46.64 -23.03 -18.69
CA GLU A 521 -46.85 -22.33 -19.96
C GLU A 521 -47.23 -20.88 -19.73
N CYS A 522 -46.81 -20.00 -20.64
CA CYS A 522 -47.23 -18.61 -20.60
C CYS A 522 -48.51 -18.41 -21.42
N ARG A 523 -49.15 -17.27 -21.18
CA ARG A 523 -50.45 -16.99 -21.78
C ARG A 523 -50.29 -16.40 -23.19
N VAL A 524 -49.84 -17.21 -24.14
CA VAL A 524 -49.82 -16.77 -25.55
C VAL A 524 -50.87 -17.45 -26.41
N LEU A 525 -51.50 -18.47 -25.84
CA LEU A 525 -52.57 -19.19 -26.50
C LEU A 525 -53.88 -18.82 -25.84
N GLN A 526 -53.90 -18.91 -24.51
CA GLN A 526 -55.12 -18.80 -23.73
C GLN A 526 -54.86 -17.92 -22.51
N GLY A 527 -55.76 -17.96 -21.57
CA GLY A 527 -55.51 -17.23 -20.36
C GLY A 527 -55.81 -15.77 -20.47
N LEU A 528 -56.32 -15.32 -19.35
CA LEU A 528 -57.10 -14.14 -19.17
C LEU A 528 -56.28 -12.87 -19.29
N PRO A 529 -55.77 -12.35 -18.07
CA PRO A 529 -55.01 -11.09 -18.21
C PRO A 529 -54.01 -11.12 -19.32
N ARG A 530 -54.36 -11.96 -20.27
CA ARG A 530 -53.57 -11.89 -21.54
C ARG A 530 -52.04 -11.57 -21.57
N GLU A 531 -51.22 -12.31 -22.35
CA GLU A 531 -49.74 -12.18 -22.33
C GLU A 531 -48.91 -12.55 -23.58
N TYR A 532 -47.57 -12.55 -23.41
CA TYR A 532 -46.58 -12.84 -24.46
C TYR A 532 -45.23 -13.43 -23.97
N VAL A 533 -44.49 -14.07 -24.87
CA VAL A 533 -43.25 -14.80 -24.48
C VAL A 533 -41.93 -14.23 -25.00
N ASN A 534 -40.99 -14.00 -24.07
CA ASN A 534 -39.61 -13.57 -24.37
C ASN A 534 -38.57 -14.59 -23.89
N ALA A 535 -37.55 -14.12 -23.17
CA ALA A 535 -36.46 -14.98 -22.72
C ALA A 535 -36.91 -15.88 -21.58
N ARG A 536 -37.58 -16.97 -21.95
CA ARG A 536 -38.20 -17.92 -21.02
C ARG A 536 -39.19 -17.30 -20.03
N HIS A 537 -39.55 -16.03 -20.22
CA HIS A 537 -40.43 -15.34 -19.29
C HIS A 537 -41.84 -15.12 -19.84
N CYS A 538 -42.64 -14.32 -19.15
CA CYS A 538 -44.02 -14.11 -19.55
C CYS A 538 -44.50 -12.71 -19.20
N LEU A 539 -44.27 -11.75 -20.08
CA LEU A 539 -44.47 -10.34 -19.77
C LEU A 539 -45.87 -9.87 -20.19
N PRO A 540 -46.47 -8.94 -19.44
CA PRO A 540 -47.81 -8.45 -19.82
C PRO A 540 -47.82 -7.56 -21.06
N CYS A 541 -48.92 -7.64 -21.82
CA CYS A 541 -49.18 -6.72 -22.93
C CYS A 541 -50.02 -5.53 -22.48
N HIS A 542 -50.21 -4.57 -23.38
CA HIS A 542 -50.86 -3.31 -23.09
C HIS A 542 -52.22 -3.46 -22.38
N PRO A 543 -52.53 -2.56 -21.43
CA PRO A 543 -53.83 -2.48 -20.74
C PRO A 543 -55.04 -2.47 -21.70
N GLU A 544 -54.76 -2.23 -22.98
CA GLU A 544 -55.69 -2.42 -24.08
C GLU A 544 -55.20 -2.91 -25.46
N CYS A 545 -54.84 -4.17 -25.58
CA CYS A 545 -54.44 -4.70 -26.90
C CYS A 545 -55.46 -5.81 -27.18
N GLN A 546 -55.04 -6.89 -27.85
CA GLN A 546 -56.00 -7.92 -28.25
C GLN A 546 -56.78 -8.94 -27.43
N PRO A 547 -58.08 -8.69 -27.25
CA PRO A 547 -58.84 -9.47 -26.28
C PRO A 547 -59.25 -10.82 -26.85
N GLN A 548 -58.61 -11.26 -27.94
CA GLN A 548 -59.19 -12.28 -28.82
C GLN A 548 -59.04 -13.74 -28.45
N ASN A 549 -59.55 -14.57 -29.34
CA ASN A 549 -59.52 -16.02 -29.22
C ASN A 549 -58.93 -16.57 -30.52
N GLY A 550 -58.25 -15.69 -31.24
CA GLY A 550 -57.58 -16.04 -32.48
C GLY A 550 -56.21 -16.60 -32.18
N SER A 551 -55.39 -16.73 -33.22
CA SER A 551 -54.07 -17.35 -33.06
C SER A 551 -52.92 -16.34 -32.78
N VAL A 552 -51.96 -16.75 -31.95
CA VAL A 552 -50.79 -15.96 -31.50
C VAL A 552 -51.28 -14.49 -31.35
N THR A 553 -52.00 -14.20 -30.29
CA THR A 553 -52.46 -12.84 -30.15
C THR A 553 -51.61 -11.90 -29.30
N CYS A 554 -50.35 -11.72 -29.67
CA CYS A 554 -49.52 -10.66 -29.09
C CYS A 554 -48.12 -10.76 -29.59
N PHE A 555 -47.18 -10.17 -28.86
CA PHE A 555 -45.85 -10.04 -29.38
C PHE A 555 -45.16 -9.02 -28.55
N GLY A 556 -45.93 -8.31 -27.77
CA GLY A 556 -45.27 -7.31 -26.94
C GLY A 556 -46.04 -6.41 -25.99
N PRO A 557 -45.30 -5.58 -25.25
CA PRO A 557 -45.67 -4.74 -24.10
C PRO A 557 -46.57 -3.54 -24.41
N GLU A 558 -46.16 -2.68 -25.35
CA GLU A 558 -46.99 -1.53 -25.72
C GLU A 558 -47.97 -1.87 -26.84
N ALA A 559 -48.61 -0.83 -27.38
CA ALA A 559 -49.38 -0.99 -28.61
C ALA A 559 -48.45 -0.76 -29.80
N ASP A 560 -47.15 -0.68 -29.51
CA ASP A 560 -46.13 -0.56 -30.54
C ASP A 560 -46.05 -1.85 -31.34
N GLN A 561 -46.04 -2.98 -30.65
CA GLN A 561 -45.66 -4.22 -31.32
C GLN A 561 -46.68 -5.39 -31.26
N CYS A 562 -47.88 -5.13 -30.75
CA CYS A 562 -48.84 -6.23 -30.52
C CYS A 562 -49.90 -6.43 -31.62
N VAL A 563 -49.56 -6.00 -32.84
CA VAL A 563 -50.38 -6.22 -34.06
C VAL A 563 -51.83 -5.64 -34.13
N ALA A 564 -52.01 -4.39 -33.73
CA ALA A 564 -53.25 -3.62 -33.93
C ALA A 564 -53.06 -2.17 -33.51
N THR B 1 10.09 34.97 0.51
CA THR B 1 10.26 35.75 1.73
C THR B 1 10.53 37.15 1.13
N GLN B 2 11.81 37.49 0.98
CA GLN B 2 12.24 38.65 0.17
C GLN B 2 12.98 38.30 -1.12
N VAL B 3 13.98 37.45 -1.00
CA VAL B 3 14.72 37.03 -2.18
C VAL B 3 14.51 35.53 -2.34
N CYS B 4 14.44 35.06 -3.58
CA CYS B 4 14.40 33.63 -3.84
C CYS B 4 15.33 33.35 -5.00
N THR B 5 15.56 32.07 -5.27
CA THR B 5 16.51 31.68 -6.30
C THR B 5 15.75 31.02 -7.44
N GLY B 6 15.86 31.55 -8.65
CA GLY B 6 15.18 30.93 -9.78
C GLY B 6 15.84 29.65 -10.23
N THR B 7 15.46 29.17 -11.41
CA THR B 7 15.91 27.86 -11.84
C THR B 7 16.47 27.82 -13.26
N ASP B 8 17.04 26.68 -13.61
CA ASP B 8 17.67 26.45 -14.90
C ASP B 8 17.22 25.12 -15.48
N MET B 9 16.03 25.18 -16.08
CA MET B 9 15.38 24.04 -16.70
C MET B 9 15.43 24.15 -18.20
N LYS B 10 15.38 25.41 -18.68
CA LYS B 10 15.23 25.76 -20.09
C LYS B 10 13.94 25.16 -20.64
N LEU B 11 14.05 24.52 -21.79
CA LEU B 11 12.87 23.98 -22.43
C LEU B 11 12.64 22.52 -22.07
N ARG B 12 13.11 22.14 -20.88
CA ARG B 12 13.28 20.73 -20.54
C ARG B 12 12.15 20.15 -19.69
N LEU B 13 11.69 18.98 -20.12
CA LEU B 13 10.43 18.43 -19.67
C LEU B 13 10.45 18.02 -18.21
N PRO B 14 9.50 18.56 -17.42
CA PRO B 14 9.36 18.25 -16.00
C PRO B 14 9.10 16.78 -15.81
N ALA B 15 10.03 16.10 -15.14
CA ALA B 15 9.91 14.67 -14.91
C ALA B 15 8.70 14.35 -14.02
N SER B 16 8.40 15.22 -13.06
CA SER B 16 7.21 15.03 -12.25
C SER B 16 6.13 16.09 -12.53
N PRO B 17 5.41 15.93 -13.65
CA PRO B 17 4.32 16.86 -13.89
C PRO B 17 3.34 17.02 -12.72
N GLU B 18 3.29 16.07 -11.80
CA GLU B 18 2.26 16.14 -10.78
C GLU B 18 2.70 17.02 -9.64
N THR B 19 4.02 17.16 -9.49
CA THR B 19 4.62 17.96 -8.42
C THR B 19 5.23 19.24 -8.99
N HIS B 20 5.34 19.28 -10.31
CA HIS B 20 6.03 20.37 -10.97
C HIS B 20 5.59 21.79 -10.57
N LEU B 21 4.28 22.05 -10.64
CA LEU B 21 3.73 23.34 -10.19
C LEU B 21 3.92 23.53 -8.67
N ASP B 22 3.90 22.43 -7.93
CA ASP B 22 4.09 22.46 -6.47
C ASP B 22 5.52 22.89 -6.10
N MET B 23 6.44 22.66 -7.02
CA MET B 23 7.77 23.17 -6.85
C MET B 23 7.69 24.71 -6.94
N LEU B 24 7.16 25.18 -8.07
CA LEU B 24 7.06 26.61 -8.41
C LEU B 24 6.48 27.46 -7.30
N ARG B 25 5.43 26.96 -6.67
CA ARG B 25 4.82 27.68 -5.57
C ARG B 25 5.82 27.84 -4.46
N HIS B 26 6.51 26.74 -4.12
CA HIS B 26 7.48 26.69 -3.02
C HIS B 26 8.67 27.63 -3.19
N LEU B 27 9.18 27.70 -4.42
CA LEU B 27 10.25 28.61 -4.80
C LEU B 27 9.86 30.06 -4.66
N TYR B 28 8.77 30.44 -5.35
CA TYR B 28 8.48 31.85 -5.60
C TYR B 28 7.46 32.48 -4.67
N GLN B 29 6.79 31.68 -3.84
CA GLN B 29 5.72 32.15 -2.96
C GLN B 29 5.72 33.48 -2.19
N GLY B 30 6.86 33.92 -1.68
CA GLY B 30 6.80 35.17 -0.94
C GLY B 30 7.68 36.11 -1.76
N CYS B 31 8.29 35.52 -2.79
CA CYS B 31 9.49 36.06 -3.41
C CYS B 31 9.27 37.42 -4.04
N GLN B 32 10.19 38.34 -3.80
CA GLN B 32 10.15 39.66 -4.43
C GLN B 32 11.23 39.78 -5.48
N VAL B 33 12.45 39.39 -5.11
CA VAL B 33 13.54 39.44 -6.05
C VAL B 33 13.89 38.02 -6.30
N VAL B 34 13.80 37.57 -7.54
CA VAL B 34 14.28 36.22 -7.81
C VAL B 34 15.66 36.40 -8.35
N GLN B 35 16.64 36.11 -7.53
CA GLN B 35 18.00 36.11 -7.98
C GLN B 35 18.15 34.83 -8.79
N GLY B 36 18.49 34.95 -10.07
CA GLY B 36 18.45 33.83 -10.99
C GLY B 36 17.36 33.93 -12.07
N ASN B 37 16.94 32.78 -12.58
CA ASN B 37 16.00 32.69 -13.71
C ASN B 37 14.54 32.23 -13.55
N LEU B 38 13.62 33.18 -13.71
CA LEU B 38 12.18 32.88 -13.82
C LEU B 38 11.83 31.97 -15.02
N GLU B 39 11.66 30.67 -14.81
CA GLU B 39 11.25 29.77 -15.89
C GLU B 39 9.90 29.18 -15.57
N LEU B 40 8.85 29.75 -16.15
CA LEU B 40 7.50 29.19 -16.08
C LEU B 40 7.22 28.39 -17.33
N THR B 41 7.13 27.07 -17.15
CA THR B 41 6.99 26.17 -18.26
C THR B 41 5.96 25.10 -17.99
N TYR B 42 5.37 24.58 -19.05
CA TYR B 42 4.63 23.33 -18.99
C TYR B 42 3.40 23.34 -18.08
N LEU B 43 3.06 24.50 -17.54
CA LEU B 43 1.85 24.67 -16.72
C LEU B 43 0.57 24.48 -17.54
N PRO B 44 -0.43 23.79 -16.99
CA PRO B 44 -1.65 23.43 -17.69
C PRO B 44 -2.60 24.62 -17.81
N THR B 45 -3.66 24.39 -18.60
CA THR B 45 -4.76 25.33 -18.82
C THR B 45 -5.29 25.96 -17.52
N ASN B 46 -5.77 25.16 -16.58
CA ASN B 46 -6.02 25.68 -15.25
C ASN B 46 -4.87 25.45 -14.28
N ALA B 47 -4.18 26.52 -13.90
CA ALA B 47 -3.04 26.41 -12.98
C ALA B 47 -2.92 27.70 -12.15
N SER B 48 -2.99 27.59 -10.83
CA SER B 48 -3.13 28.79 -10.03
C SER B 48 -1.76 29.43 -9.77
N LEU B 49 -1.40 30.44 -10.59
CA LEU B 49 -0.10 31.10 -10.48
C LEU B 49 -0.07 32.34 -9.58
N SER B 50 -0.89 32.35 -8.53
CA SER B 50 -0.98 33.49 -7.62
C SER B 50 0.23 33.75 -6.72
N PHE B 51 1.07 32.75 -6.51
CA PHE B 51 2.29 32.95 -5.71
C PHE B 51 3.26 33.89 -6.46
N LEU B 52 3.20 33.82 -7.80
CA LEU B 52 4.02 34.64 -8.70
C LEU B 52 3.76 36.14 -8.61
N GLN B 53 2.82 36.52 -7.76
CA GLN B 53 2.31 37.86 -7.79
C GLN B 53 3.19 38.95 -7.15
N ASP B 54 4.26 38.58 -6.47
CA ASP B 54 5.02 39.61 -5.75
C ASP B 54 6.30 40.03 -6.48
N ILE B 55 6.69 39.22 -7.45
CA ILE B 55 7.93 39.44 -8.19
C ILE B 55 8.12 40.85 -8.77
N GLN B 56 9.19 41.53 -8.36
CA GLN B 56 9.58 42.82 -8.92
C GLN B 56 10.82 42.74 -9.81
N GLU B 57 11.87 42.08 -9.35
CA GLU B 57 13.09 41.94 -10.14
C GLU B 57 13.30 40.49 -10.54
N VAL B 58 14.00 40.30 -11.64
CA VAL B 58 14.43 38.99 -12.08
C VAL B 58 15.85 39.16 -12.58
N GLN B 59 16.82 38.73 -11.77
CA GLN B 59 18.21 39.02 -12.01
C GLN B 59 18.67 38.41 -13.33
N GLY B 60 18.16 37.23 -13.69
CA GLY B 60 18.50 36.64 -14.97
C GLY B 60 17.50 36.93 -16.07
N TYR B 61 17.14 35.92 -16.88
CA TYR B 61 16.09 36.08 -17.90
C TYR B 61 14.75 35.54 -17.45
N VAL B 62 13.71 35.87 -18.21
CA VAL B 62 12.39 35.34 -17.94
C VAL B 62 11.87 34.53 -19.13
N LEU B 63 11.48 33.29 -18.85
CA LEU B 63 11.08 32.34 -19.87
C LEU B 63 9.67 31.85 -19.62
N ILE B 64 8.84 31.87 -20.65
CA ILE B 64 7.43 31.51 -20.55
C ILE B 64 7.09 30.68 -21.76
N ALA B 65 7.33 29.38 -21.65
CA ALA B 65 7.13 28.53 -22.80
C ALA B 65 6.48 27.18 -22.51
N HIS B 66 5.87 26.65 -23.57
CA HIS B 66 5.08 25.42 -23.55
C HIS B 66 4.02 25.48 -22.47
N ASN B 67 3.25 26.56 -22.48
CA ASN B 67 2.23 26.75 -21.47
C ASN B 67 0.82 26.79 -22.03
N GLN B 68 -0.15 26.82 -21.12
CA GLN B 68 -1.55 26.82 -21.50
C GLN B 68 -2.36 27.56 -20.49
N VAL B 69 -1.71 28.06 -19.45
CA VAL B 69 -2.38 29.08 -18.67
C VAL B 69 -2.65 30.18 -19.68
N ARG B 70 -3.61 31.03 -19.38
CA ARG B 70 -3.90 32.10 -20.29
C ARG B 70 -3.46 33.40 -19.67
N GLN B 71 -3.21 33.33 -18.36
CA GLN B 71 -2.62 34.43 -17.60
C GLN B 71 -1.39 33.95 -16.83
N VAL B 72 -0.31 34.74 -16.82
CA VAL B 72 0.83 34.53 -15.92
C VAL B 72 1.15 35.83 -15.16
N PRO B 73 0.45 36.06 -14.02
CA PRO B 73 0.34 37.29 -13.23
C PRO B 73 1.78 37.78 -12.92
N LEU B 74 2.23 38.81 -13.63
CA LEU B 74 3.58 39.34 -13.44
C LEU B 74 3.46 40.86 -13.54
N GLN B 75 2.33 41.36 -13.04
CA GLN B 75 2.03 42.77 -13.14
C GLN B 75 3.05 43.61 -12.41
N ARG B 76 3.55 43.08 -11.30
CA ARG B 76 4.48 43.82 -10.48
C ARG B 76 5.93 43.76 -10.97
N LEU B 77 6.22 42.83 -11.88
CA LEU B 77 7.58 42.68 -12.40
C LEU B 77 7.95 43.95 -13.12
N ARG B 78 9.04 44.53 -12.63
CA ARG B 78 9.43 45.90 -12.77
C ARG B 78 10.68 46.02 -13.61
N ILE B 79 11.57 45.02 -13.48
CA ILE B 79 12.87 44.99 -14.15
C ILE B 79 13.37 43.58 -14.35
N VAL B 80 14.04 43.33 -15.47
CA VAL B 80 14.86 42.13 -15.61
C VAL B 80 16.22 42.60 -16.07
N ARG B 81 17.27 41.90 -15.64
CA ARG B 81 18.65 42.41 -15.78
C ARG B 81 19.44 41.70 -16.85
N GLY B 82 18.92 40.55 -17.32
CA GLY B 82 19.61 39.75 -18.30
C GLY B 82 21.03 39.40 -17.87
N THR B 83 21.22 39.20 -16.55
CA THR B 83 22.51 38.77 -16.00
C THR B 83 22.93 37.51 -16.73
N GLN B 84 21.95 36.63 -17.00
CA GLN B 84 22.10 35.52 -17.95
C GLN B 84 20.96 35.58 -18.98
N LEU B 85 21.15 34.94 -20.13
CA LEU B 85 20.24 35.09 -21.25
C LEU B 85 19.87 33.80 -21.96
N PHE B 86 18.57 33.61 -22.15
CA PHE B 86 18.05 32.52 -22.95
C PHE B 86 18.63 32.59 -24.38
N GLU B 87 19.10 31.44 -24.86
CA GLU B 87 19.79 31.30 -26.15
C GLU B 87 20.92 32.32 -26.34
N ASP B 88 21.44 32.78 -25.21
CA ASP B 88 22.52 33.75 -25.16
C ASP B 88 22.19 35.17 -25.64
N ASN B 89 20.94 35.37 -26.04
CA ASN B 89 20.51 36.67 -26.57
C ASN B 89 19.36 37.35 -25.82
N TYR B 90 18.49 36.55 -25.20
CA TYR B 90 17.18 37.05 -24.81
C TYR B 90 16.93 37.14 -23.31
N ALA B 91 16.58 38.34 -22.88
CA ALA B 91 16.23 38.62 -21.50
C ALA B 91 14.82 38.11 -21.20
N LEU B 92 14.00 38.01 -22.25
CA LEU B 92 12.61 37.59 -22.09
C LEU B 92 12.16 36.78 -23.28
N ALA B 93 11.92 35.50 -23.04
CA ALA B 93 11.52 34.62 -24.11
C ALA B 93 10.11 34.12 -23.81
N VAL B 94 9.18 34.26 -24.76
CA VAL B 94 7.91 33.57 -24.60
C VAL B 94 7.63 32.76 -25.86
N LEU B 95 7.63 31.44 -25.70
CA LEU B 95 7.59 30.51 -26.82
C LEU B 95 6.47 29.49 -26.65
N ASP B 96 5.99 28.99 -27.79
CA ASP B 96 5.10 27.83 -27.85
C ASP B 96 4.03 27.82 -26.78
N ASN B 97 3.43 28.96 -26.50
CA ASN B 97 2.40 28.96 -25.48
C ASN B 97 1.01 28.66 -26.00
N GLY B 98 0.90 27.63 -26.84
CA GLY B 98 -0.33 27.31 -27.57
C GLY B 98 -0.99 25.98 -27.29
N ASP B 99 -1.32 25.23 -28.35
CA ASP B 99 -1.97 23.91 -28.19
C ASP B 99 -1.51 22.73 -29.06
N PRO B 100 -1.13 21.60 -28.41
CA PRO B 100 -0.40 20.47 -29.03
C PRO B 100 -0.92 19.31 -29.89
N LEU B 101 -2.17 18.86 -29.69
CA LEU B 101 -2.70 17.72 -30.43
C LEU B 101 -3.75 18.32 -31.38
N SER B 111 -11.51 29.77 -24.19
CA SER B 111 -11.67 28.32 -24.32
C SER B 111 -10.40 27.64 -24.88
N PRO B 112 -9.86 28.13 -26.02
CA PRO B 112 -8.56 27.57 -26.36
C PRO B 112 -7.52 27.83 -25.28
N GLY B 113 -6.56 26.93 -25.16
CA GLY B 113 -5.51 27.13 -24.18
C GLY B 113 -4.49 28.09 -24.77
N GLY B 114 -3.75 28.75 -23.89
CA GLY B 114 -2.65 29.57 -24.32
C GLY B 114 -2.66 30.92 -23.65
N LEU B 115 -1.47 31.53 -23.56
CA LEU B 115 -1.32 32.88 -23.04
C LEU B 115 -2.12 33.84 -23.90
N ARG B 116 -2.87 34.75 -23.27
CA ARG B 116 -3.67 35.74 -24.05
C ARG B 116 -3.02 37.15 -24.18
N GLU B 117 -2.44 37.64 -23.07
CA GLU B 117 -1.79 38.94 -22.93
C GLU B 117 -0.53 38.74 -22.06
N LEU B 118 0.57 39.44 -22.38
CA LEU B 118 1.74 39.47 -21.47
C LEU B 118 1.40 40.18 -20.18
N GLN B 119 0.72 41.30 -20.28
CA GLN B 119 0.24 41.99 -19.09
C GLN B 119 1.42 42.38 -18.22
N LEU B 120 2.53 42.74 -18.86
CA LEU B 120 3.73 43.11 -18.13
C LEU B 120 3.73 44.62 -17.88
N ARG B 121 2.83 45.07 -17.01
CA ARG B 121 2.51 46.50 -16.90
C ARG B 121 3.52 47.31 -16.04
N SER B 122 4.35 46.66 -15.25
CA SER B 122 5.39 47.44 -14.60
C SER B 122 6.71 47.31 -15.31
N LEU B 123 6.78 46.41 -16.29
CA LEU B 123 8.06 46.13 -16.94
C LEU B 123 8.62 47.29 -17.74
N THR B 124 9.34 48.19 -17.07
CA THR B 124 9.93 49.33 -17.76
C THR B 124 11.41 49.17 -18.14
N GLU B 125 12.12 48.30 -17.44
CA GLU B 125 13.59 48.17 -17.62
C GLU B 125 14.08 46.76 -18.01
N ILE B 126 14.94 46.71 -19.01
CA ILE B 126 15.67 45.52 -19.38
C ILE B 126 17.14 45.88 -19.66
N LEU B 127 17.95 45.84 -18.59
CA LEU B 127 19.41 46.10 -18.62
C LEU B 127 20.23 45.43 -19.76
N LYS B 128 20.11 44.13 -19.95
CA LYS B 128 20.92 43.50 -20.97
C LYS B 128 20.10 42.42 -21.63
N GLY B 129 20.24 42.28 -22.93
CA GLY B 129 19.56 41.21 -23.65
C GLY B 129 18.24 41.66 -24.25
N GLY B 130 17.72 40.88 -25.20
CA GLY B 130 16.54 41.23 -25.94
C GLY B 130 15.28 40.38 -25.73
N VAL B 131 14.36 40.45 -26.69
CA VAL B 131 13.03 39.87 -26.51
C VAL B 131 12.68 38.96 -27.66
N LEU B 132 12.26 37.75 -27.35
CA LEU B 132 11.87 36.81 -28.37
C LEU B 132 10.49 36.29 -28.02
N ILE B 133 9.49 36.73 -28.78
CA ILE B 133 8.10 36.39 -28.54
C ILE B 133 7.65 35.58 -29.76
N GLN B 134 7.35 34.29 -29.60
CA GLN B 134 7.34 33.46 -30.78
C GLN B 134 6.31 32.32 -30.68
N ARG B 135 5.53 32.15 -31.75
CA ARG B 135 4.58 31.07 -31.90
C ARG B 135 3.60 31.01 -30.77
N ASN B 136 2.77 32.04 -30.62
CA ASN B 136 1.84 32.02 -29.51
C ASN B 136 0.46 32.31 -29.97
N PRO B 137 -0.19 31.31 -30.59
CA PRO B 137 -1.60 31.45 -31.00
C PRO B 137 -2.33 32.01 -29.80
N GLN B 138 -3.24 32.98 -29.95
CA GLN B 138 -3.95 33.64 -28.81
C GLN B 138 -3.23 34.83 -28.08
N LEU B 139 -2.03 35.19 -28.50
CA LEU B 139 -1.35 36.30 -27.83
C LEU B 139 -1.59 37.62 -28.58
N CYS B 140 -1.98 38.66 -27.84
CA CYS B 140 -2.29 39.96 -28.41
C CYS B 140 -1.46 41.09 -27.81
N TYR B 141 -1.24 42.12 -28.63
CA TYR B 141 -0.61 43.38 -28.26
C TYR B 141 0.89 43.34 -28.12
N GLN B 142 1.56 42.23 -28.46
CA GLN B 142 3.02 42.22 -28.28
C GLN B 142 3.73 43.14 -29.29
N ASP B 143 3.15 43.25 -30.49
CA ASP B 143 3.64 44.20 -31.48
C ASP B 143 3.22 45.65 -31.18
N THR B 144 2.24 45.83 -30.31
CA THR B 144 1.82 47.16 -29.89
C THR B 144 2.90 47.90 -29.07
N ILE B 145 3.73 47.14 -28.36
CA ILE B 145 4.70 47.64 -27.38
C ILE B 145 5.95 48.30 -27.99
N LEU B 146 6.36 49.43 -27.43
CA LEU B 146 7.58 50.08 -27.88
C LEU B 146 8.76 49.55 -27.06
N TRP B 147 9.46 48.54 -27.59
CA TRP B 147 10.45 47.82 -26.80
C TRP B 147 11.74 48.61 -26.56
N LYS B 148 11.95 49.63 -27.38
CA LYS B 148 13.18 50.38 -27.25
C LYS B 148 13.08 51.28 -26.02
N ASP B 149 11.88 51.54 -25.53
CA ASP B 149 11.79 52.27 -24.27
C ASP B 149 12.16 51.33 -23.14
N ILE B 150 11.91 50.04 -23.30
CA ILE B 150 12.14 49.11 -22.20
C ILE B 150 13.63 48.79 -22.06
N PHE B 151 14.26 48.40 -23.17
CA PHE B 151 15.70 48.24 -23.27
C PHE B 151 16.46 49.44 -22.67
N HIS B 152 17.40 49.16 -21.76
CA HIS B 152 18.25 50.18 -21.15
C HIS B 152 19.04 50.94 -22.20
N LYS B 153 19.42 52.19 -21.87
CA LYS B 153 20.18 52.99 -22.80
C LYS B 153 21.46 52.29 -23.23
N ASN B 154 22.15 51.69 -22.28
CA ASN B 154 23.43 51.07 -22.59
C ASN B 154 23.30 49.63 -23.11
N ASN B 155 22.06 49.13 -23.19
CA ASN B 155 21.82 47.73 -23.54
C ASN B 155 22.43 47.28 -24.88
N GLN B 156 23.40 46.38 -24.77
CA GLN B 156 24.24 45.94 -25.88
C GLN B 156 23.61 44.78 -26.67
N LEU B 157 22.60 44.14 -26.09
CA LEU B 157 21.96 43.00 -26.74
C LEU B 157 20.47 43.19 -27.12
N ALA B 158 20.15 44.43 -27.53
CA ALA B 158 18.77 44.88 -27.74
C ALA B 158 18.05 44.25 -28.93
N LEU B 159 18.59 43.17 -29.51
CA LEU B 159 17.92 42.53 -30.65
C LEU B 159 16.63 41.80 -30.20
N THR B 160 15.58 41.85 -31.01
CA THR B 160 14.26 41.54 -30.48
C THR B 160 13.32 40.92 -31.50
N LEU B 161 13.01 39.62 -31.35
CA LEU B 161 12.28 38.75 -32.31
C LEU B 161 10.82 38.47 -31.98
N ILE B 162 9.88 39.03 -32.74
CA ILE B 162 8.48 39.03 -32.30
C ILE B 162 7.39 38.58 -33.30
N ASP B 163 6.51 37.70 -32.85
CA ASP B 163 5.55 37.04 -33.72
C ASP B 163 4.25 37.79 -33.68
N THR B 164 3.54 37.82 -34.79
CA THR B 164 2.18 38.34 -34.78
C THR B 164 1.19 37.31 -35.34
N ASN B 165 1.72 36.15 -35.74
CA ASN B 165 0.86 35.05 -36.11
C ASN B 165 -0.11 34.81 -34.97
N ARG B 166 -1.39 34.85 -35.27
CA ARG B 166 -2.43 34.65 -34.29
C ARG B 166 -3.46 33.71 -34.85
N SER B 167 -4.33 33.21 -33.98
CA SER B 167 -5.52 32.54 -34.45
C SER B 167 -6.75 33.12 -33.72
N ARG B 168 -6.64 34.39 -33.33
CA ARG B 168 -7.74 35.11 -32.75
C ARG B 168 -7.51 36.56 -33.12
N ALA B 169 -8.40 37.44 -32.72
CA ALA B 169 -8.30 38.83 -33.10
C ALA B 169 -8.32 39.68 -31.86
N CYS B 170 -7.76 40.88 -31.99
CA CYS B 170 -7.55 41.75 -30.85
C CYS B 170 -8.52 42.90 -30.84
N HIS B 171 -9.15 43.07 -29.70
CA HIS B 171 -9.91 44.27 -29.41
C HIS B 171 -8.94 45.45 -29.46
N PRO B 172 -9.46 46.67 -29.63
CA PRO B 172 -8.55 47.81 -29.44
C PRO B 172 -7.92 47.88 -28.06
N CYS B 173 -6.78 48.57 -27.98
CA CYS B 173 -6.24 49.04 -26.71
C CYS B 173 -7.28 49.88 -25.94
N SER B 174 -7.04 50.12 -24.66
CA SER B 174 -7.94 51.00 -23.94
C SER B 174 -7.78 52.41 -24.52
N PRO B 175 -8.89 53.17 -24.56
CA PRO B 175 -8.83 54.57 -24.98
C PRO B 175 -7.73 55.26 -24.21
N MET B 176 -7.71 55.04 -22.89
CA MET B 176 -6.67 55.57 -22.00
C MET B 176 -5.23 55.57 -22.54
N CYS B 177 -4.88 54.62 -23.38
CA CYS B 177 -3.50 54.41 -23.74
C CYS B 177 -3.04 55.32 -24.85
N LYS B 178 -1.85 55.88 -24.65
CA LYS B 178 -1.34 57.02 -25.42
C LYS B 178 -1.30 57.00 -26.93
N GLY B 179 -0.63 56.00 -27.48
CA GLY B 179 -0.42 55.97 -28.91
C GLY B 179 -0.83 54.57 -29.26
N SER B 180 -1.88 54.14 -28.56
CA SER B 180 -2.29 52.73 -28.47
C SER B 180 -1.13 51.70 -28.44
N ARG B 181 -0.44 51.68 -27.29
CA ARG B 181 0.48 50.61 -26.92
C ARG B 181 0.04 50.12 -25.53
N CYS B 182 -0.22 48.82 -25.43
CA CYS B 182 -0.82 48.25 -24.24
C CYS B 182 -0.41 46.80 -23.97
N TRP B 183 -0.45 46.40 -22.71
CA TRP B 183 -0.13 45.04 -22.32
C TRP B 183 -1.39 44.17 -22.21
N GLY B 184 -2.53 44.73 -22.62
CA GLY B 184 -3.79 44.03 -22.54
C GLY B 184 -4.98 44.90 -22.83
N GLU B 185 -6.13 44.28 -23.04
CA GLU B 185 -7.38 45.01 -23.16
C GLU B 185 -7.64 46.01 -22.02
N SER B 186 -7.10 45.78 -20.83
CA SER B 186 -7.44 46.66 -19.72
C SER B 186 -6.95 48.10 -19.87
N SER B 187 -7.59 48.99 -19.13
CA SER B 187 -7.12 50.35 -19.06
C SER B 187 -5.79 50.35 -18.34
N GLU B 188 -5.61 49.35 -17.50
CA GLU B 188 -4.45 49.32 -16.63
C GLU B 188 -3.24 48.70 -17.31
N ASP B 189 -3.34 48.45 -18.61
CA ASP B 189 -2.26 47.77 -19.30
C ASP B 189 -1.57 48.64 -20.33
N CYS B 190 -1.51 49.95 -20.11
CA CYS B 190 -0.85 50.84 -21.06
C CYS B 190 0.67 50.80 -20.83
N GLN B 191 1.43 50.59 -21.91
CA GLN B 191 2.88 50.63 -21.77
C GLN B 191 3.27 51.95 -21.19
N SER B 192 3.66 51.98 -19.94
CA SER B 192 4.25 53.21 -19.42
C SER B 192 5.63 53.49 -20.02
N LEU B 193 5.79 54.69 -20.59
CA LEU B 193 7.06 55.12 -21.18
C LEU B 193 7.95 55.84 -20.14
N THR B 194 9.23 55.49 -20.10
CA THR B 194 10.15 56.06 -19.10
C THR B 194 11.49 56.48 -19.70
N ARG B 195 11.71 56.19 -20.98
CA ARG B 195 12.98 56.48 -21.61
C ARG B 195 12.87 57.44 -22.78
N THR B 196 12.25 57.00 -23.86
CA THR B 196 12.22 57.74 -25.11
C THR B 196 11.46 59.08 -25.06
N VAL B 197 11.03 59.48 -23.88
CA VAL B 197 10.17 60.62 -23.70
C VAL B 197 10.90 61.77 -22.99
N CYS B 198 12.08 61.45 -22.46
CA CYS B 198 12.69 62.26 -21.40
C CYS B 198 13.49 63.51 -21.82
N ALA B 199 13.42 64.53 -20.95
CA ALA B 199 14.13 65.82 -21.08
C ALA B 199 15.64 65.71 -20.87
N GLY B 200 16.39 65.75 -21.96
CA GLY B 200 17.83 65.67 -21.89
C GLY B 200 18.27 64.40 -22.58
N GLY B 201 19.40 63.88 -22.15
CA GLY B 201 19.84 62.60 -22.65
C GLY B 201 19.57 61.49 -21.65
N CYS B 202 19.06 61.88 -20.48
CA CYS B 202 18.92 60.98 -19.34
C CYS B 202 18.11 59.72 -19.70
N ALA B 203 18.46 58.60 -19.04
CA ALA B 203 18.00 57.30 -19.52
C ALA B 203 16.70 56.81 -18.87
N ARG B 204 16.26 57.47 -17.81
CA ARG B 204 14.99 57.15 -17.19
C ARG B 204 14.42 58.39 -16.53
N CYS B 205 13.11 58.53 -16.61
CA CYS B 205 12.40 59.67 -16.02
C CYS B 205 10.96 59.30 -15.73
N LYS B 206 10.21 60.28 -15.25
CA LYS B 206 8.85 60.04 -14.76
C LYS B 206 7.87 61.07 -15.32
N GLY B 207 8.40 61.98 -16.13
CA GLY B 207 7.62 63.01 -16.80
C GLY B 207 8.40 63.49 -18.01
N PRO B 208 7.96 64.58 -18.64
CA PRO B 208 8.66 65.06 -19.85
C PRO B 208 9.50 66.29 -19.59
N LEU B 209 9.43 66.81 -18.36
CA LEU B 209 10.20 67.97 -17.90
C LEU B 209 11.59 67.57 -17.41
N PRO B 210 12.52 68.54 -17.29
CA PRO B 210 13.83 68.22 -16.70
C PRO B 210 13.66 67.91 -15.23
N THR B 211 12.73 68.61 -14.58
CA THR B 211 12.44 68.38 -13.17
C THR B 211 11.97 66.95 -12.90
N ASP B 212 11.69 66.22 -13.98
CA ASP B 212 11.06 64.92 -13.86
C ASP B 212 12.11 63.84 -13.83
N CYS B 213 13.26 64.12 -14.44
CA CYS B 213 14.33 63.13 -14.58
C CYS B 213 14.61 62.30 -13.36
N CYS B 214 14.94 61.03 -13.60
CA CYS B 214 15.39 60.12 -12.57
C CYS B 214 16.88 60.21 -12.43
N HIS B 215 17.33 60.09 -11.19
CA HIS B 215 18.75 60.00 -10.82
C HIS B 215 19.53 59.05 -11.73
N GLU B 216 20.81 59.29 -11.92
CA GLU B 216 21.58 58.52 -12.89
C GLU B 216 21.87 57.13 -12.38
N GLN B 217 21.61 56.93 -11.08
CA GLN B 217 21.81 55.64 -10.44
C GLN B 217 20.60 54.69 -10.52
N CYS B 218 19.43 55.25 -10.81
CA CYS B 218 18.18 54.53 -10.93
C CYS B 218 18.06 53.63 -12.16
N ALA B 219 17.14 52.66 -12.11
CA ALA B 219 17.00 51.69 -13.20
C ALA B 219 15.65 51.60 -13.86
N ALA B 220 14.55 51.74 -13.12
CA ALA B 220 13.25 51.65 -13.82
C ALA B 220 12.55 52.99 -14.04
N GLY B 221 12.44 53.75 -12.96
CA GLY B 221 11.83 55.05 -13.00
C GLY B 221 11.95 55.60 -11.59
N CYS B 222 11.09 56.54 -11.22
CA CYS B 222 11.25 57.16 -9.92
C CYS B 222 10.02 57.87 -9.40
N THR B 223 9.90 57.86 -8.08
CA THR B 223 8.93 58.68 -7.39
C THR B 223 9.56 60.02 -7.04
N GLY B 224 10.57 60.43 -7.81
CA GLY B 224 11.30 61.64 -7.49
C GLY B 224 12.64 61.82 -8.19
N PRO B 225 13.38 62.90 -7.83
CA PRO B 225 14.58 63.31 -8.55
C PRO B 225 15.89 62.75 -7.95
N LYS B 226 15.87 62.30 -6.71
CA LYS B 226 17.10 61.91 -6.03
C LYS B 226 17.41 60.41 -6.16
N HIS B 227 18.39 59.94 -5.39
CA HIS B 227 18.80 58.53 -5.41
C HIS B 227 18.12 57.66 -4.34
N SER B 228 17.13 58.25 -3.68
CA SER B 228 16.27 57.48 -2.80
C SER B 228 15.01 57.07 -3.57
N ASP B 229 14.50 57.99 -4.37
CA ASP B 229 13.21 57.80 -5.03
C ASP B 229 13.23 56.79 -6.17
N CYS B 230 14.25 55.94 -6.19
CA CYS B 230 14.40 54.96 -7.26
C CYS B 230 13.36 53.86 -7.22
N LEU B 231 12.91 53.43 -8.41
CA LEU B 231 12.05 52.25 -8.56
C LEU B 231 12.88 50.98 -8.47
N ALA B 232 14.07 51.01 -9.06
CA ALA B 232 15.06 49.95 -8.92
C ALA B 232 16.45 50.56 -9.07
N CYS B 233 17.38 50.21 -8.18
CA CYS B 233 18.78 50.59 -8.35
C CYS B 233 19.41 49.94 -9.61
N LEU B 234 20.18 50.72 -10.35
CA LEU B 234 20.84 50.21 -11.55
C LEU B 234 22.04 49.32 -11.21
N HIS B 235 22.60 49.52 -10.01
CA HIS B 235 23.74 48.73 -9.53
C HIS B 235 23.52 48.16 -8.15
N PHE B 236 23.71 48.97 -7.13
CA PHE B 236 23.56 48.45 -5.79
C PHE B 236 22.64 49.30 -4.98
N ASN B 237 21.91 48.63 -4.13
CA ASN B 237 20.97 49.25 -3.22
C ASN B 237 21.57 49.30 -1.82
N HIS B 238 22.04 50.49 -1.45
CA HIS B 238 22.71 50.64 -0.17
C HIS B 238 21.75 51.21 0.89
N SER B 239 21.00 50.31 1.52
CA SER B 239 19.89 50.70 2.38
C SER B 239 18.94 51.59 1.60
N GLY B 240 18.83 52.84 1.99
CA GLY B 240 17.93 53.72 1.24
C GLY B 240 18.39 54.19 -0.12
N ILE B 241 19.64 53.94 -0.49
CA ILE B 241 20.27 54.71 -1.55
C ILE B 241 20.81 53.82 -2.64
N CYS B 242 20.68 54.26 -3.89
CA CYS B 242 21.31 53.58 -5.02
C CYS B 242 22.71 54.08 -5.27
N GLU B 243 23.67 53.16 -5.22
CA GLU B 243 25.07 53.51 -5.39
C GLU B 243 25.78 52.62 -6.42
N LEU B 244 26.74 53.21 -7.14
CA LEU B 244 27.54 52.47 -8.12
C LEU B 244 28.24 51.24 -7.47
N HIS B 245 28.50 51.34 -6.17
CA HIS B 245 29.09 50.26 -5.41
C HIS B 245 28.86 50.40 -3.90
N CYS B 246 28.97 49.25 -3.23
CA CYS B 246 28.76 49.16 -1.80
C CYS B 246 30.00 49.63 -1.08
N PRO B 247 29.86 50.00 0.19
CA PRO B 247 31.06 50.33 0.98
C PRO B 247 32.09 49.22 0.87
N ALA B 248 33.33 49.46 1.22
CA ALA B 248 34.26 48.37 1.24
C ALA B 248 34.34 47.83 2.63
N LEU B 249 34.89 46.65 2.77
CA LEU B 249 34.95 46.03 4.07
C LEU B 249 36.00 46.70 4.91
N VAL B 250 37.13 47.02 4.29
CA VAL B 250 38.13 47.88 4.87
C VAL B 250 38.79 48.76 3.80
N THR B 251 39.02 50.01 4.16
CA THR B 251 39.90 51.08 3.65
C THR B 251 41.39 50.84 3.96
N TYR B 252 42.27 51.36 3.13
CA TYR B 252 43.69 51.23 3.35
C TYR B 252 44.25 52.50 3.99
N ASN B 253 45.40 52.39 4.63
CA ASN B 253 45.99 53.56 5.23
C ASN B 253 46.77 54.33 4.20
N THR B 254 46.52 55.63 4.15
CA THR B 254 47.17 56.54 3.20
C THR B 254 48.68 56.36 3.18
N ASP B 255 49.27 56.11 4.36
CA ASP B 255 50.73 55.90 4.51
C ASP B 255 51.17 54.44 4.42
N THR B 256 50.64 53.60 5.31
CA THR B 256 51.03 52.19 5.40
C THR B 256 50.48 51.38 4.23
N PHE B 257 49.28 51.75 3.78
CA PHE B 257 48.49 50.98 2.85
C PHE B 257 48.11 49.67 3.49
N GLU B 258 47.62 49.80 4.70
CA GLU B 258 47.20 48.65 5.46
C GLU B 258 45.72 48.67 5.64
N SER B 259 45.09 47.60 5.18
CA SER B 259 43.66 47.38 5.35
C SER B 259 43.16 47.74 6.74
N MET B 260 41.98 48.37 6.81
CA MET B 260 41.33 48.68 8.08
C MET B 260 39.88 48.22 7.97
N PRO B 261 39.24 47.94 9.11
CA PRO B 261 37.86 47.50 8.96
C PRO B 261 36.98 48.70 8.60
N ASN B 262 36.64 48.83 7.32
CA ASN B 262 35.70 49.87 6.88
C ASN B 262 34.36 49.76 7.59
N PRO B 263 34.30 50.39 8.74
CA PRO B 263 33.43 50.06 9.85
C PRO B 263 31.99 50.10 9.52
N GLU B 264 31.67 49.98 8.26
CA GLU B 264 30.32 50.11 7.82
C GLU B 264 30.18 49.54 6.44
N GLY B 265 31.22 48.90 5.94
CA GLY B 265 31.18 48.30 4.64
C GLY B 265 30.17 47.22 4.72
N ARG B 266 29.95 46.55 3.61
CA ARG B 266 28.87 45.64 3.53
C ARG B 266 29.31 44.70 2.49
N TYR B 267 28.62 43.58 2.40
CA TYR B 267 28.89 42.60 1.36
C TYR B 267 27.97 42.87 0.14
N THR B 268 28.33 42.33 -1.01
CA THR B 268 27.45 42.42 -2.17
C THR B 268 26.72 41.12 -2.45
N PHE B 269 25.53 40.99 -1.88
CA PHE B 269 24.60 39.93 -2.27
C PHE B 269 24.36 40.41 -3.71
N GLY B 270 23.52 39.68 -4.44
CA GLY B 270 23.27 39.94 -5.84
C GLY B 270 23.29 41.37 -6.33
N ALA B 271 22.45 42.21 -5.74
CA ALA B 271 22.38 43.60 -6.14
C ALA B 271 22.03 44.45 -4.94
N SER B 272 22.30 43.93 -3.75
CA SER B 272 22.15 44.76 -2.55
C SER B 272 23.42 44.84 -1.69
N CYS B 273 23.36 45.67 -0.64
CA CYS B 273 24.48 45.86 0.26
C CYS B 273 24.13 45.17 1.56
N VAL B 274 24.33 43.87 1.59
CA VAL B 274 24.05 43.12 2.81
C VAL B 274 25.13 43.24 3.89
N THR B 275 24.66 43.36 5.13
CA THR B 275 25.49 43.28 6.33
C THR B 275 26.27 41.95 6.41
N ALA B 276 25.58 40.84 6.14
CA ALA B 276 26.19 39.52 6.28
C ALA B 276 25.62 38.56 5.28
N CYS B 277 26.49 37.92 4.52
CA CYS B 277 26.09 36.92 3.55
C CYS B 277 24.97 35.99 4.04
N PRO B 278 23.91 35.83 3.22
CA PRO B 278 22.80 34.98 3.62
C PRO B 278 23.24 33.50 3.69
N TYR B 279 22.40 32.69 4.34
CA TYR B 279 22.81 31.43 4.92
C TYR B 279 23.77 30.54 4.12
N ASN B 280 23.36 30.01 2.98
CA ASN B 280 24.17 28.92 2.38
C ASN B 280 25.37 29.39 1.57
N TYR B 281 25.35 30.67 1.16
CA TYR B 281 26.45 31.31 0.44
C TYR B 281 27.67 31.51 1.34
N LEU B 282 28.86 31.61 0.74
CA LEU B 282 30.07 31.87 1.53
C LEU B 282 30.64 33.27 1.32
N SER B 283 30.90 33.96 2.42
CA SER B 283 31.53 35.28 2.34
C SER B 283 32.97 35.19 1.81
N THR B 284 33.55 36.33 1.49
CA THR B 284 34.74 36.34 0.67
C THR B 284 35.67 37.46 1.13
N ASP B 285 36.96 37.28 0.86
CA ASP B 285 38.01 38.22 1.23
C ASP B 285 37.60 39.62 0.81
N VAL B 286 37.38 39.77 -0.49
CA VAL B 286 36.98 41.03 -1.10
C VAL B 286 35.76 41.65 -0.40
N GLY B 287 34.68 40.88 -0.30
CA GLY B 287 33.44 41.42 0.24
C GLY B 287 32.25 41.06 -0.63
N SER B 288 32.42 40.02 -1.45
CA SER B 288 31.33 39.52 -2.26
C SER B 288 30.77 38.27 -1.63
N CYS B 289 29.63 37.81 -2.15
CA CYS B 289 29.01 36.55 -1.74
C CYS B 289 28.89 35.63 -2.92
N THR B 290 29.35 34.40 -2.78
CA THR B 290 29.28 33.46 -3.88
C THR B 290 28.80 32.05 -3.49
N LEU B 291 28.75 31.20 -4.49
CA LEU B 291 28.54 29.78 -4.32
C LEU B 291 29.81 29.04 -4.70
N VAL B 292 30.80 29.80 -5.17
CA VAL B 292 32.13 29.27 -5.53
C VAL B 292 33.22 30.29 -5.23
N CYS B 293 34.33 29.81 -4.67
CA CYS B 293 35.47 30.68 -4.36
C CYS B 293 36.29 31.09 -5.58
N PRO B 294 36.96 32.25 -5.48
CA PRO B 294 37.84 32.76 -6.53
C PRO B 294 39.15 31.97 -6.68
N LEU B 295 39.81 32.16 -7.83
CA LEU B 295 40.93 31.35 -8.33
C LEU B 295 41.91 30.78 -7.29
N HIS B 296 42.56 31.64 -6.52
CA HIS B 296 43.54 31.17 -5.55
C HIS B 296 43.01 31.21 -4.11
N ASN B 297 41.93 30.45 -3.89
CA ASN B 297 41.25 30.39 -2.59
C ASN B 297 40.84 28.98 -2.19
N GLN B 298 40.58 28.80 -0.89
CA GLN B 298 40.12 27.53 -0.32
C GLN B 298 39.13 27.82 0.81
N GLU B 299 38.25 26.86 1.12
CA GLU B 299 37.17 27.11 2.09
C GLU B 299 37.56 26.93 3.56
N VAL B 300 36.91 27.70 4.44
CA VAL B 300 37.25 27.73 5.86
C VAL B 300 35.97 27.63 6.69
N THR B 301 36.12 27.63 8.02
CA THR B 301 34.99 27.50 8.95
C THR B 301 35.44 27.95 10.34
N ALA B 302 34.49 28.36 11.18
CA ALA B 302 34.80 28.62 12.59
C ALA B 302 33.96 27.72 13.49
N GLU B 303 34.01 27.94 14.81
CA GLU B 303 33.09 27.28 15.74
C GLU B 303 31.70 27.85 15.44
N ASP B 304 31.70 29.08 14.95
CA ASP B 304 30.58 29.63 14.21
C ASP B 304 30.46 28.80 12.93
N GLY B 305 29.39 27.99 12.84
CA GLY B 305 29.26 26.96 11.83
C GLY B 305 29.35 27.31 10.35
N THR B 306 29.42 28.60 10.02
CA THR B 306 29.38 29.06 8.63
C THR B 306 30.66 28.78 7.85
N GLN B 307 30.82 29.42 6.71
CA GLN B 307 32.00 29.20 5.88
C GLN B 307 32.45 30.46 5.16
N ARG B 308 33.72 30.46 4.76
CA ARG B 308 34.37 31.59 4.10
C ARG B 308 35.41 31.09 3.10
N CYS B 309 35.71 31.90 2.09
CA CYS B 309 36.90 31.67 1.26
C CYS B 309 38.05 32.53 1.80
N GLU B 310 39.19 31.92 2.09
CA GLU B 310 40.41 32.68 2.38
C GLU B 310 41.35 32.45 1.21
N LYS B 311 42.58 32.93 1.32
CA LYS B 311 43.64 32.55 0.39
C LYS B 311 44.48 31.40 0.98
N CYS B 312 45.56 31.04 0.30
CA CYS B 312 46.27 29.81 0.63
C CYS B 312 47.76 29.98 0.81
N SER B 313 48.41 28.96 1.37
CA SER B 313 49.79 29.12 1.80
C SER B 313 50.78 28.86 0.67
N LYS B 314 50.80 27.62 0.18
CA LYS B 314 51.35 27.33 -1.14
C LYS B 314 50.12 27.41 -2.04
N PRO B 315 50.32 27.43 -3.39
CA PRO B 315 49.11 27.33 -4.23
C PRO B 315 48.29 26.10 -3.84
N CYS B 316 47.09 26.40 -3.35
CA CYS B 316 46.24 25.49 -2.57
C CYS B 316 46.29 24.00 -2.89
N ALA B 317 46.45 23.21 -1.83
CA ALA B 317 46.52 21.75 -1.90
C ALA B 317 45.29 21.20 -2.59
N ARG B 318 45.46 20.13 -3.36
CA ARG B 318 44.40 19.60 -4.23
C ARG B 318 43.17 19.06 -3.50
N VAL B 319 42.15 18.74 -4.29
CA VAL B 319 40.85 18.38 -3.75
C VAL B 319 39.93 17.83 -4.85
N CYS B 320 39.05 16.88 -4.48
CA CYS B 320 38.17 16.19 -5.41
C CYS B 320 37.15 17.09 -6.10
N TYR B 321 37.16 17.10 -7.44
CA TYR B 321 36.16 17.84 -8.20
C TYR B 321 35.10 16.91 -8.78
N GLY B 322 33.84 17.20 -8.43
CA GLY B 322 32.73 16.39 -8.92
C GLY B 322 32.19 16.86 -10.25
N LEU B 323 30.93 16.56 -10.53
CA LEU B 323 30.36 16.89 -11.82
C LEU B 323 29.98 18.35 -11.90
N GLY B 324 30.13 18.91 -13.09
CA GLY B 324 29.90 20.32 -13.36
C GLY B 324 31.00 21.24 -12.84
N MET B 325 32.26 20.85 -13.02
CA MET B 325 33.35 21.58 -12.41
C MET B 325 34.61 21.70 -13.27
N GLU B 326 35.74 21.93 -12.62
CA GLU B 326 37.01 22.10 -13.30
C GLU B 326 37.32 20.73 -13.85
N HIS B 327 37.00 20.56 -15.13
CA HIS B 327 37.33 19.37 -15.94
C HIS B 327 36.30 18.25 -15.81
N LEU B 328 35.09 18.57 -15.33
CA LEU B 328 34.02 17.58 -15.33
C LEU B 328 32.74 18.35 -15.69
N ARG B 329 32.91 19.64 -15.99
CA ARG B 329 31.79 20.53 -16.26
C ARG B 329 31.11 20.16 -17.58
N GLU B 330 31.79 19.41 -18.42
CA GLU B 330 31.20 19.02 -19.70
C GLU B 330 30.42 17.74 -19.55
N VAL B 331 30.56 17.08 -18.40
CA VAL B 331 30.16 15.67 -18.26
C VAL B 331 28.80 15.44 -17.60
N ARG B 332 27.98 14.63 -18.26
CA ARG B 332 26.64 14.33 -17.82
C ARG B 332 26.58 13.56 -16.51
N ALA B 333 27.41 12.53 -16.39
CA ALA B 333 27.18 11.51 -15.37
C ALA B 333 28.45 10.81 -14.93
N VAL B 334 28.46 10.43 -13.65
CA VAL B 334 29.49 9.57 -13.11
C VAL B 334 29.46 8.27 -13.88
N THR B 335 30.63 7.75 -14.21
CA THR B 335 30.69 6.51 -14.96
C THR B 335 32.03 5.85 -14.75
N SER B 336 32.15 4.62 -15.26
CA SER B 336 33.38 3.84 -15.17
C SER B 336 34.62 4.67 -15.45
N ALA B 337 34.51 5.57 -16.42
CA ALA B 337 35.63 6.44 -16.78
C ALA B 337 36.03 7.40 -15.65
N ASN B 338 35.05 7.90 -14.89
CA ASN B 338 35.36 8.86 -13.84
C ASN B 338 35.20 8.36 -12.40
N ILE B 339 34.61 7.17 -12.24
CA ILE B 339 34.37 6.59 -10.90
C ILE B 339 35.65 6.56 -10.08
N GLN B 340 36.76 6.40 -10.81
CA GLN B 340 38.09 6.38 -10.25
C GLN B 340 38.39 7.67 -9.51
N GLU B 341 38.09 8.78 -10.17
CA GLU B 341 38.45 10.11 -9.65
C GLU B 341 37.97 10.43 -8.24
N PHE B 342 37.06 9.61 -7.70
CA PHE B 342 36.44 9.92 -6.41
C PHE B 342 36.97 9.03 -5.32
N ALA B 343 38.07 8.35 -5.63
CA ALA B 343 38.69 7.44 -4.68
C ALA B 343 38.98 8.13 -3.34
N GLY B 344 38.28 7.68 -2.30
CA GLY B 344 38.48 8.15 -0.95
C GLY B 344 38.48 9.65 -0.72
N CYS B 345 37.37 10.31 -1.07
CA CYS B 345 37.21 11.75 -0.87
C CYS B 345 36.20 12.05 0.24
N LYS B 346 36.58 12.88 1.21
CA LYS B 346 35.64 13.25 2.27
C LYS B 346 34.69 14.36 1.83
N LYS B 347 34.90 14.94 0.64
CA LYS B 347 34.16 16.15 0.23
C LYS B 347 34.28 16.49 -1.26
N ILE B 348 33.17 16.39 -1.98
CA ILE B 348 33.17 16.55 -3.42
C ILE B 348 32.71 17.95 -3.88
N PHE B 349 33.63 18.64 -4.56
CA PHE B 349 33.37 20.00 -5.01
C PHE B 349 32.70 19.91 -6.36
N GLY B 350 31.38 19.82 -6.34
CA GLY B 350 30.66 19.59 -7.57
C GLY B 350 29.48 18.69 -7.35
N SER B 351 29.07 17.93 -8.35
CA SER B 351 27.88 17.14 -8.14
C SER B 351 28.01 15.68 -8.55
N LEU B 352 27.15 14.82 -8.03
CA LEU B 352 27.10 13.47 -8.53
C LEU B 352 25.74 13.23 -9.14
N ALA B 353 25.76 12.59 -10.30
CA ALA B 353 24.53 12.20 -10.94
C ALA B 353 24.75 10.91 -11.66
N PHE B 354 23.84 9.96 -11.43
CA PHE B 354 23.88 8.65 -12.08
C PHE B 354 22.64 8.53 -12.96
N LEU B 355 22.86 8.20 -14.21
CA LEU B 355 21.79 8.09 -15.19
C LEU B 355 21.83 6.70 -15.73
N PRO B 356 20.72 6.25 -16.37
CA PRO B 356 20.70 5.00 -17.11
C PRO B 356 21.94 4.82 -17.97
N GLU B 357 22.49 5.94 -18.41
CA GLU B 357 23.77 5.96 -19.11
C GLU B 357 24.91 5.30 -18.29
N SER B 358 24.89 5.49 -16.97
CA SER B 358 26.02 5.11 -16.15
C SER B 358 26.24 3.59 -16.12
N PHE B 359 25.19 2.83 -15.83
CA PHE B 359 25.30 1.40 -15.65
C PHE B 359 25.08 0.62 -16.95
N ASP B 360 24.27 1.16 -17.86
CA ASP B 360 24.16 0.59 -19.19
C ASP B 360 25.48 0.84 -19.89
N GLY B 361 25.79 0.03 -20.90
CA GLY B 361 27.03 0.19 -21.63
C GLY B 361 26.99 1.49 -22.41
N ASP B 362 28.14 2.13 -22.58
CA ASP B 362 28.24 3.25 -23.50
C ASP B 362 29.22 2.89 -24.61
N PRO B 363 28.83 1.94 -25.48
CA PRO B 363 29.75 1.42 -26.49
C PRO B 363 30.03 2.43 -27.58
N ALA B 364 29.24 3.51 -27.61
CA ALA B 364 29.40 4.59 -28.59
C ALA B 364 30.82 5.18 -28.58
N SER B 365 31.51 4.99 -27.46
CA SER B 365 32.92 5.36 -27.36
C SER B 365 33.65 4.37 -26.47
N ASN B 366 33.19 3.12 -26.50
CA ASN B 366 33.79 2.03 -25.70
C ASN B 366 34.08 2.41 -24.25
N THR B 367 33.02 2.65 -23.49
CA THR B 367 33.16 2.90 -22.06
C THR B 367 32.37 1.85 -21.27
N ALA B 368 32.85 1.52 -20.07
CA ALA B 368 32.38 0.33 -19.35
C ALA B 368 31.14 0.57 -18.52
N PRO B 369 30.28 -0.45 -18.45
CA PRO B 369 29.12 -0.42 -17.55
C PRO B 369 29.60 -0.50 -16.12
N LEU B 370 29.29 0.56 -15.36
CA LEU B 370 29.73 0.70 -13.98
C LEU B 370 29.21 -0.48 -13.16
N GLN B 371 30.10 -1.11 -12.39
CA GLN B 371 29.74 -2.28 -11.59
C GLN B 371 29.37 -1.92 -10.15
N PRO B 372 28.38 -2.64 -9.58
CA PRO B 372 27.85 -2.22 -8.28
C PRO B 372 28.89 -2.21 -7.17
N GLU B 373 30.07 -2.79 -7.41
CA GLU B 373 31.13 -2.78 -6.41
C GLU B 373 31.84 -1.43 -6.39
N GLN B 374 32.06 -0.87 -7.58
CA GLN B 374 32.78 0.38 -7.72
C GLN B 374 32.12 1.51 -6.96
N LEU B 375 30.80 1.49 -6.83
CA LEU B 375 30.12 2.50 -6.04
C LEU B 375 30.62 2.59 -4.60
N GLN B 376 31.48 1.65 -4.19
CA GLN B 376 32.03 1.68 -2.84
C GLN B 376 32.95 2.88 -2.60
N VAL B 377 33.35 3.55 -3.69
CA VAL B 377 34.33 4.62 -3.57
C VAL B 377 33.80 5.73 -2.68
N PHE B 378 32.48 5.89 -2.66
CA PHE B 378 31.86 7.05 -2.03
C PHE B 378 31.61 6.80 -0.56
N GLU B 379 32.06 5.65 -0.08
CA GLU B 379 31.67 5.25 1.24
C GLU B 379 32.37 6.10 2.29
N THR B 380 33.33 6.91 1.84
CA THR B 380 34.10 7.75 2.77
C THR B 380 33.70 9.20 2.63
N LEU B 381 32.90 9.45 1.59
CA LEU B 381 32.34 10.77 1.26
C LEU B 381 31.40 11.28 2.34
N GLU B 382 31.54 12.53 2.72
CA GLU B 382 30.69 13.12 3.76
C GLU B 382 30.12 14.51 3.46
N GLU B 383 30.57 15.16 2.37
CA GLU B 383 29.97 16.44 1.95
C GLU B 383 29.94 16.59 0.43
N ILE B 384 28.81 17.06 -0.08
CA ILE B 384 28.72 17.46 -1.46
C ILE B 384 28.21 18.90 -1.52
N THR B 385 29.03 19.76 -2.08
CA THR B 385 28.66 21.12 -2.42
C THR B 385 28.12 20.89 -3.79
N GLY B 386 26.85 21.18 -4.03
CA GLY B 386 26.27 20.79 -5.31
C GLY B 386 25.11 19.88 -5.02
N TYR B 387 24.89 18.89 -5.88
CA TYR B 387 23.70 18.04 -5.69
C TYR B 387 23.93 16.54 -5.89
N LEU B 388 23.00 15.73 -5.38
CA LEU B 388 22.96 14.33 -5.74
C LEU B 388 21.76 14.07 -6.65
N TYR B 389 22.00 13.35 -7.74
CA TYR B 389 20.92 13.02 -8.66
C TYR B 389 21.04 11.55 -9.09
N ILE B 390 20.09 10.73 -8.64
CA ILE B 390 20.07 9.31 -8.97
C ILE B 390 18.81 8.94 -9.76
N SER B 391 19.02 8.45 -10.97
CA SER B 391 17.93 8.11 -11.88
C SER B 391 18.17 6.70 -12.44
N ALA B 392 19.20 6.05 -11.92
CA ALA B 392 19.45 4.66 -12.24
C ALA B 392 20.30 4.10 -11.13
N TRP B 393 20.14 2.81 -10.87
CA TRP B 393 20.77 2.17 -9.73
C TRP B 393 20.72 0.66 -9.89
N PRO B 394 21.72 -0.03 -9.35
CA PRO B 394 21.72 -1.48 -9.59
C PRO B 394 20.59 -2.19 -8.81
N ASP B 395 19.78 -2.96 -9.54
CA ASP B 395 18.62 -3.65 -8.94
C ASP B 395 19.02 -4.48 -7.73
N SER B 396 20.28 -4.87 -7.72
CA SER B 396 20.86 -5.62 -6.62
C SER B 396 20.71 -4.84 -5.31
N LEU B 397 21.38 -3.70 -5.24
CA LEU B 397 21.39 -2.87 -4.04
C LEU B 397 20.01 -2.25 -3.75
N PRO B 398 19.42 -2.63 -2.60
CA PRO B 398 18.08 -2.27 -2.14
C PRO B 398 18.08 -0.92 -1.45
N ASP B 399 19.20 -0.21 -1.56
CA ASP B 399 19.31 1.06 -0.88
C ASP B 399 20.45 1.89 -1.44
N LEU B 400 20.59 3.10 -0.92
CA LEU B 400 21.66 3.97 -1.35
C LEU B 400 22.69 3.88 -0.25
N SER B 401 23.20 2.68 -0.03
CA SER B 401 24.03 2.41 1.15
C SER B 401 25.40 3.05 1.01
N VAL B 402 25.89 3.09 -0.22
CA VAL B 402 27.19 3.67 -0.45
C VAL B 402 27.27 5.10 0.12
N PHE B 403 26.17 5.86 0.05
CA PHE B 403 26.19 7.21 0.58
C PHE B 403 25.75 7.26 2.04
N GLN B 404 26.15 6.25 2.84
CA GLN B 404 25.63 6.16 4.21
C GLN B 404 26.44 6.94 5.20
N ASN B 405 27.53 7.54 4.74
CA ASN B 405 28.26 8.48 5.58
C ASN B 405 28.04 9.89 5.08
N LEU B 406 27.32 10.01 3.98
CA LEU B 406 26.94 11.31 3.44
C LEU B 406 26.26 12.13 4.50
N GLN B 407 26.70 13.35 4.67
CA GLN B 407 26.31 14.10 5.85
C GLN B 407 25.66 15.43 5.50
N VAL B 408 26.10 16.04 4.40
CA VAL B 408 25.51 17.27 3.92
C VAL B 408 25.53 17.30 2.39
N ILE B 409 24.39 17.62 1.79
CA ILE B 409 24.40 18.07 0.42
C ILE B 409 23.96 19.51 0.45
N ARG B 410 24.91 20.40 0.14
CA ARG B 410 24.75 21.84 0.32
C ARG B 410 23.80 22.46 -0.71
N GLY B 411 23.96 22.09 -1.98
CA GLY B 411 23.06 22.57 -3.02
C GLY B 411 23.46 23.86 -3.72
N ARG B 412 24.69 24.31 -3.52
CA ARG B 412 25.23 25.45 -4.26
C ARG B 412 25.04 25.30 -5.77
N ILE B 413 25.09 24.09 -6.29
CA ILE B 413 24.55 23.87 -7.64
C ILE B 413 23.33 22.99 -7.46
N LEU B 414 22.25 23.26 -8.21
CA LEU B 414 20.99 22.51 -8.11
C LEU B 414 20.57 21.93 -9.44
N HIS B 415 20.10 20.69 -9.43
CA HIS B 415 19.67 20.09 -10.68
C HIS B 415 18.47 20.90 -11.18
N ASN B 416 18.52 21.24 -12.47
CA ASN B 416 17.51 22.10 -13.05
C ASN B 416 17.21 23.35 -12.24
N GLY B 417 18.11 23.70 -11.33
CA GLY B 417 17.97 24.93 -10.58
C GLY B 417 17.16 24.76 -9.32
N ALA B 418 16.77 23.53 -9.01
CA ALA B 418 15.84 23.37 -7.92
C ALA B 418 15.94 22.15 -7.05
N TYR B 419 16.58 21.09 -7.56
CA TYR B 419 16.67 19.86 -6.76
C TYR B 419 18.11 19.58 -6.33
N SER B 420 18.35 19.81 -5.04
CA SER B 420 19.54 19.30 -4.38
C SER B 420 19.54 17.78 -4.32
N LEU B 421 18.38 17.16 -4.06
CA LEU B 421 18.27 15.71 -3.96
C LEU B 421 17.15 15.16 -4.80
N THR B 422 17.50 14.25 -5.71
CA THR B 422 16.57 13.68 -6.67
C THR B 422 16.79 12.21 -6.89
N LEU B 423 15.80 11.41 -6.54
CA LEU B 423 15.88 9.98 -6.70
C LEU B 423 14.69 9.68 -7.56
N GLN B 424 14.89 9.13 -8.75
CA GLN B 424 13.71 8.85 -9.57
C GLN B 424 13.84 7.65 -10.48
N GLY B 425 12.71 6.98 -10.68
CA GLY B 425 12.66 5.76 -11.44
C GLY B 425 13.46 4.61 -10.84
N LEU B 426 13.54 4.52 -9.51
CA LEU B 426 14.45 3.53 -8.90
C LEU B 426 13.86 2.21 -8.39
N GLY B 427 14.74 1.20 -8.33
CA GLY B 427 14.37 -0.07 -7.75
C GLY B 427 14.37 -0.05 -6.23
N ILE B 428 15.28 0.73 -5.64
CA ILE B 428 15.52 0.71 -4.19
C ILE B 428 14.42 0.78 -3.14
N SER B 429 14.44 -0.21 -2.25
CA SER B 429 13.37 -0.37 -1.27
C SER B 429 13.35 0.52 -0.03
N TRP B 430 14.53 0.83 0.49
CA TRP B 430 14.67 1.93 1.46
C TRP B 430 15.73 2.91 0.95
N LEU B 431 15.92 4.03 1.63
CA LEU B 431 16.96 4.99 1.23
C LEU B 431 18.33 4.66 1.84
N GLY B 432 18.40 4.71 3.16
CA GLY B 432 19.62 4.36 3.87
C GLY B 432 20.70 5.42 3.68
N LEU B 433 20.41 6.63 4.11
CA LEU B 433 21.42 7.67 4.16
C LEU B 433 21.32 8.11 5.60
N ARG B 434 21.76 7.22 6.48
CA ARG B 434 21.71 7.39 7.93
C ARG B 434 22.32 8.69 8.40
N SER B 435 23.41 9.08 7.74
CA SER B 435 24.18 10.26 8.14
C SER B 435 23.66 11.63 7.64
N LEU B 436 22.79 11.64 6.62
CA LEU B 436 22.32 12.90 6.04
C LEU B 436 21.60 13.77 7.04
N ARG B 437 22.18 14.92 7.38
CA ARG B 437 21.63 15.78 8.41
C ARG B 437 21.26 17.14 7.86
N GLU B 438 21.66 17.42 6.61
CA GLU B 438 21.41 18.73 6.02
C GLU B 438 21.25 18.74 4.51
N LEU B 439 20.16 19.34 4.05
CA LEU B 439 20.09 19.82 2.69
C LEU B 439 20.08 21.38 2.64
N GLY B 440 21.27 22.00 2.58
CA GLY B 440 21.38 23.45 2.73
C GLY B 440 20.60 24.35 1.78
N SER B 441 20.26 23.81 0.63
CA SER B 441 19.48 24.55 -0.32
C SER B 441 18.87 23.60 -1.33
N GLY B 442 17.64 23.89 -1.74
CA GLY B 442 17.07 23.15 -2.83
C GLY B 442 15.96 22.29 -2.31
N LEU B 443 15.22 21.68 -3.23
CA LEU B 443 14.11 20.83 -2.89
C LEU B 443 14.55 19.40 -3.00
N ALA B 444 13.87 18.52 -2.26
CA ALA B 444 14.02 17.10 -2.48
C ALA B 444 12.87 16.63 -3.34
N LEU B 445 13.20 15.92 -4.42
CA LEU B 445 12.21 15.30 -5.29
C LEU B 445 12.45 13.81 -5.32
N ILE B 446 11.62 13.05 -4.60
CA ILE B 446 11.70 11.59 -4.64
C ILE B 446 10.45 11.01 -5.29
N HIS B 447 10.56 10.56 -6.54
CA HIS B 447 9.37 10.17 -7.29
C HIS B 447 9.57 8.97 -8.23
N HIS B 448 8.46 8.28 -8.48
CA HIS B 448 8.38 7.08 -9.32
C HIS B 448 9.34 5.95 -8.97
N ASN B 449 9.37 5.59 -7.70
CA ASN B 449 10.09 4.39 -7.30
C ASN B 449 9.14 3.39 -6.65
N THR B 450 8.72 2.43 -7.44
CA THR B 450 7.66 1.53 -7.01
C THR B 450 7.89 0.85 -5.65
N HIS B 451 9.13 0.49 -5.35
CA HIS B 451 9.44 -0.33 -4.16
C HIS B 451 9.89 0.48 -2.96
N LEU B 452 9.98 1.79 -3.13
CA LEU B 452 10.55 2.63 -2.09
C LEU B 452 9.66 2.85 -0.87
N CYS B 453 10.00 2.17 0.23
CA CYS B 453 9.37 2.49 1.51
C CYS B 453 10.20 3.46 2.36
N PHE B 454 9.74 3.72 3.58
CA PHE B 454 10.53 4.42 4.58
C PHE B 454 10.86 5.85 4.22
N VAL B 455 10.22 6.38 3.18
CA VAL B 455 10.36 7.80 2.94
C VAL B 455 9.67 8.47 4.08
N HIS B 456 8.44 8.07 4.38
CA HIS B 456 7.63 8.80 5.33
C HIS B 456 8.26 8.94 6.71
N THR B 457 9.28 8.12 6.97
CA THR B 457 9.92 8.04 8.29
C THR B 457 11.18 8.88 8.46
N VAL B 458 11.62 9.51 7.39
CA VAL B 458 12.69 10.50 7.46
C VAL B 458 12.02 11.74 7.98
N PRO B 459 12.67 12.44 8.93
CA PRO B 459 12.11 13.71 9.37
C PRO B 459 12.62 14.88 8.50
N TRP B 460 12.22 14.89 7.22
CA TRP B 460 12.65 15.88 6.27
C TRP B 460 12.69 17.34 6.74
N ASP B 461 11.77 17.68 7.62
CA ASP B 461 11.67 19.01 8.21
C ASP B 461 12.98 19.41 8.89
N GLN B 462 13.72 18.40 9.33
CA GLN B 462 14.97 18.63 10.05
C GLN B 462 16.10 18.92 9.08
N LEU B 463 16.15 18.19 7.97
CA LEU B 463 17.22 18.36 6.99
C LEU B 463 17.23 19.75 6.29
N PHE B 464 16.08 20.40 6.27
CA PHE B 464 15.89 21.64 5.51
C PHE B 464 16.37 22.89 6.26
N ARG B 465 16.94 23.84 5.51
CA ARG B 465 17.60 24.98 6.09
C ARG B 465 16.82 26.24 5.93
N ASN B 466 16.21 26.44 4.76
CA ASN B 466 15.42 27.63 4.49
C ASN B 466 13.96 27.24 4.33
N PRO B 467 13.03 28.22 4.42
CA PRO B 467 11.61 27.85 4.37
C PRO B 467 11.02 27.67 2.97
N HIS B 468 11.77 28.02 1.94
CA HIS B 468 11.34 27.76 0.56
C HIS B 468 11.62 26.33 0.19
N GLN B 469 11.62 25.45 1.20
CA GLN B 469 12.17 24.12 1.02
C GLN B 469 11.19 23.02 1.37
N ALA B 470 11.19 21.96 0.56
CA ALA B 470 10.17 20.92 0.66
C ALA B 470 10.58 19.59 0.00
N LEU B 471 10.00 18.51 0.49
CA LEU B 471 10.05 17.26 -0.25
C LEU B 471 8.87 17.20 -1.21
N LEU B 472 9.12 16.85 -2.46
CA LEU B 472 8.06 16.68 -3.42
C LEU B 472 8.09 15.25 -3.86
N HIS B 473 7.11 14.45 -3.45
CA HIS B 473 7.11 13.01 -3.77
C HIS B 473 5.81 12.51 -4.35
N THR B 474 5.93 11.62 -5.33
CA THR B 474 4.76 10.93 -5.80
C THR B 474 5.20 9.64 -6.49
N ALA B 475 4.25 8.70 -6.64
CA ALA B 475 4.49 7.44 -7.31
C ALA B 475 5.59 6.66 -6.63
N ASN B 476 5.63 6.73 -5.31
CA ASN B 476 6.46 5.78 -4.60
C ASN B 476 5.58 4.66 -4.08
N ARG B 477 6.14 3.78 -3.25
CA ARG B 477 5.30 2.79 -2.61
C ARG B 477 4.39 3.48 -1.57
N PRO B 478 3.09 3.16 -1.59
CA PRO B 478 2.13 3.77 -0.67
C PRO B 478 2.47 3.53 0.78
N GLU B 479 2.45 4.54 1.65
CA GLU B 479 2.80 4.33 3.07
C GLU B 479 1.90 3.32 3.80
N ASP B 480 0.64 3.20 3.41
CA ASP B 480 -0.22 2.17 4.00
C ASP B 480 0.30 0.81 3.61
N GLU B 481 0.49 0.65 2.31
CA GLU B 481 1.08 -0.55 1.74
C GLU B 481 2.46 -0.84 2.33
N CYS B 482 2.93 0.05 3.21
CA CYS B 482 4.16 -0.13 3.93
C CYS B 482 3.78 -0.48 5.39
N VAL B 483 2.93 0.34 6.01
CA VAL B 483 2.50 0.14 7.40
C VAL B 483 1.61 -1.11 7.52
N GLY B 484 1.10 -1.55 6.38
CA GLY B 484 0.38 -2.80 6.34
C GLY B 484 1.35 -3.96 6.34
N GLU B 485 2.26 -3.92 5.37
CA GLU B 485 3.25 -4.97 5.19
C GLU B 485 4.27 -5.03 6.36
N GLY B 486 3.98 -4.29 7.43
CA GLY B 486 4.77 -4.38 8.64
C GLY B 486 6.17 -3.78 8.63
N LEU B 487 6.68 -3.33 7.49
CA LEU B 487 7.93 -2.58 7.48
C LEU B 487 7.69 -1.37 8.34
N ALA B 488 8.66 -1.05 9.21
CA ALA B 488 8.59 0.14 10.08
C ALA B 488 9.89 0.41 10.81
N CYS B 489 9.98 1.60 11.40
CA CYS B 489 11.17 1.98 12.12
C CYS B 489 11.35 1.00 13.27
N HIS B 490 12.56 0.46 13.39
CA HIS B 490 12.95 -0.37 14.51
C HIS B 490 12.48 0.27 15.82
N GLN B 491 12.08 -0.57 16.77
CA GLN B 491 11.37 -0.06 17.94
C GLN B 491 12.30 0.77 18.81
N LEU B 492 13.60 0.63 18.55
CA LEU B 492 14.62 1.32 19.32
C LEU B 492 15.04 2.65 18.68
N CYS B 493 14.30 3.09 17.67
CA CYS B 493 14.61 4.34 17.00
C CYS B 493 13.86 5.45 17.69
N ALA B 494 14.58 6.42 18.22
CA ALA B 494 13.97 7.56 18.88
C ALA B 494 13.10 8.53 18.08
N ARG B 495 11.84 8.65 18.48
CA ARG B 495 10.93 9.66 17.96
C ARG B 495 10.25 9.04 16.72
N GLY B 496 10.60 7.80 16.40
CA GLY B 496 10.02 7.12 15.26
C GLY B 496 10.77 7.24 13.96
N HIS B 497 11.95 7.86 13.96
CA HIS B 497 12.66 8.21 12.71
C HIS B 497 13.78 7.26 12.31
N CYS B 498 13.66 6.69 11.12
CA CYS B 498 14.71 5.85 10.57
C CYS B 498 14.80 6.07 9.09
N TRP B 499 15.93 5.68 8.51
CA TRP B 499 16.15 5.81 7.06
C TRP B 499 15.93 4.48 6.38
N GLY B 500 15.18 3.60 7.04
CA GLY B 500 15.06 2.24 6.58
C GLY B 500 14.78 1.28 7.71
N PRO B 501 14.62 -0.01 7.38
CA PRO B 501 14.31 -1.08 8.32
C PRO B 501 15.50 -1.36 9.22
N GLY B 502 15.29 -1.47 10.53
CA GLY B 502 16.30 -2.08 11.39
C GLY B 502 17.14 -1.19 12.27
N PRO B 503 18.03 -1.81 13.06
CA PRO B 503 18.70 -1.20 14.23
C PRO B 503 19.89 -0.31 13.85
N THR B 504 20.44 -0.61 12.69
CA THR B 504 21.47 0.16 12.03
C THR B 504 20.98 1.59 11.61
N GLN B 505 19.66 1.73 11.48
CA GLN B 505 19.09 2.74 10.58
C GLN B 505 18.27 3.87 11.21
N CYS B 506 18.33 4.02 12.52
CA CYS B 506 17.63 5.13 13.19
C CYS B 506 18.24 6.47 12.80
N VAL B 507 17.56 7.58 13.04
CA VAL B 507 18.31 8.84 13.00
C VAL B 507 18.71 9.17 14.41
N ASN B 508 18.18 8.43 15.36
CA ASN B 508 18.59 8.63 16.75
C ASN B 508 18.48 7.39 17.64
N CYS B 509 19.63 6.86 18.05
CA CYS B 509 19.64 5.71 18.93
C CYS B 509 19.26 6.10 20.34
N SER B 510 18.08 5.66 20.75
CA SER B 510 17.53 6.05 22.04
C SER B 510 18.29 5.34 23.13
N GLN B 511 18.87 4.21 22.76
CA GLN B 511 19.74 3.48 23.65
C GLN B 511 21.09 3.41 22.98
N PHE B 512 21.96 2.56 23.49
CA PHE B 512 23.34 2.58 23.01
C PHE B 512 23.75 2.12 21.62
N LEU B 513 24.98 2.46 21.24
CA LEU B 513 25.41 2.26 19.88
C LEU B 513 26.63 1.35 19.80
N ARG B 514 26.40 0.06 19.62
CA ARG B 514 27.50 -0.86 19.36
C ARG B 514 27.89 -0.71 17.89
N GLY B 515 28.76 0.24 17.60
CA GLY B 515 29.19 0.48 16.23
C GLY B 515 28.17 1.31 15.49
N GLN B 516 27.61 0.75 14.40
CA GLN B 516 26.55 1.44 13.69
C GLN B 516 25.24 0.72 13.94
N GLU B 517 25.01 0.35 15.20
CA GLU B 517 23.83 -0.45 15.53
C GLU B 517 23.22 -0.12 16.88
N CYS B 518 21.90 -0.05 16.92
CA CYS B 518 21.20 0.10 18.19
C CYS B 518 21.15 -1.19 19.00
N VAL B 519 21.36 -1.06 20.29
CA VAL B 519 21.31 -2.19 21.18
C VAL B 519 20.70 -1.69 22.47
N GLU B 520 19.91 -2.52 23.12
CA GLU B 520 19.23 -2.10 24.33
C GLU B 520 20.21 -1.91 25.49
N GLU B 521 21.28 -2.72 25.52
CA GLU B 521 22.30 -2.61 26.56
C GLU B 521 23.65 -3.21 26.15
N CYS B 522 24.71 -2.77 26.83
CA CYS B 522 26.05 -3.30 26.59
C CYS B 522 26.51 -4.23 27.69
N ARG B 523 27.74 -4.69 27.56
CA ARG B 523 28.27 -5.74 28.41
C ARG B 523 29.19 -5.22 29.50
N VAL B 524 28.72 -4.21 30.22
CA VAL B 524 29.43 -3.78 31.41
C VAL B 524 29.01 -4.64 32.60
N LEU B 525 27.83 -5.25 32.50
CA LEU B 525 27.19 -5.83 33.63
C LEU B 525 27.21 -7.34 33.49
N GLN B 526 27.17 -7.80 32.24
CA GLN B 526 26.86 -9.18 31.87
C GLN B 526 27.36 -9.31 30.46
N GLY B 527 26.89 -10.30 29.72
CA GLY B 527 27.07 -10.29 28.27
C GLY B 527 27.91 -11.36 27.61
N LEU B 528 28.46 -11.05 26.44
CA LEU B 528 29.31 -12.01 25.75
C LEU B 528 30.78 -11.53 25.54
N PRO B 529 31.13 -10.81 24.44
CA PRO B 529 32.54 -10.39 24.52
C PRO B 529 32.89 -9.05 25.22
N ARG B 530 32.17 -8.69 26.28
CA ARG B 530 32.71 -7.90 27.39
C ARG B 530 33.04 -6.39 27.42
N GLU B 531 32.20 -5.57 26.79
CA GLU B 531 32.45 -4.12 26.68
C GLU B 531 32.47 -3.12 27.86
N TYR B 532 32.64 -1.84 27.53
CA TYR B 532 32.54 -0.71 28.48
C TYR B 532 31.74 0.45 27.87
N VAL B 533 31.38 1.45 28.67
CA VAL B 533 30.42 2.48 28.24
C VAL B 533 30.96 3.91 28.16
N ASN B 534 31.12 4.44 26.95
CA ASN B 534 31.56 5.83 26.77
C ASN B 534 30.86 6.60 25.66
N ALA B 535 30.09 7.60 26.07
CA ALA B 535 29.34 8.46 25.15
C ALA B 535 28.34 7.65 24.37
N ARG B 536 27.40 7.03 25.10
CA ARG B 536 26.36 6.20 24.50
C ARG B 536 26.87 5.10 23.54
N HIS B 537 28.16 4.81 23.56
CA HIS B 537 28.74 3.74 22.74
C HIS B 537 29.18 2.51 23.54
N CYS B 538 29.50 1.44 22.81
CA CYS B 538 29.89 0.17 23.42
C CYS B 538 31.21 -0.31 22.85
N LEU B 539 32.29 0.12 23.47
CA LEU B 539 33.61 -0.27 22.99
C LEU B 539 34.07 -1.50 23.73
N PRO B 540 34.98 -2.33 22.81
CA PRO B 540 35.49 -3.55 23.43
C PRO B 540 36.43 -3.26 24.60
N CYS B 541 36.50 -4.17 25.56
CA CYS B 541 37.47 -4.09 26.62
C CYS B 541 38.73 -4.72 26.06
N HIS B 542 39.88 -4.20 26.45
CA HIS B 542 41.10 -4.53 25.85
C HIS B 542 40.91 -5.97 25.61
N PRO B 543 41.79 -6.60 24.95
CA PRO B 543 41.54 -8.05 24.86
C PRO B 543 41.87 -8.75 26.15
N GLU B 544 41.72 -8.13 27.43
CA GLU B 544 42.11 -8.76 28.66
C GLU B 544 42.00 -7.73 29.76
N CYS B 545 41.14 -8.00 30.72
CA CYS B 545 41.15 -7.22 31.94
C CYS B 545 40.11 -7.62 32.98
N GLN B 546 39.39 -8.70 32.78
CA GLN B 546 38.66 -9.24 33.91
C GLN B 546 37.37 -9.87 33.49
N PRO B 547 37.45 -10.75 32.50
CA PRO B 547 36.21 -11.41 32.09
C PRO B 547 35.44 -11.92 33.28
N GLN B 548 35.66 -11.27 34.41
CA GLN B 548 34.95 -11.49 35.64
C GLN B 548 33.48 -11.38 35.43
N ASN B 549 32.76 -11.28 36.52
CA ASN B 549 31.33 -11.14 36.49
C ASN B 549 30.91 -10.00 37.38
N GLY B 550 30.90 -10.26 38.68
CA GLY B 550 30.43 -9.27 39.64
C GLY B 550 30.29 -7.86 39.08
N SER B 551 30.08 -6.94 40.01
CA SER B 551 29.70 -5.58 39.70
C SER B 551 30.70 -4.91 38.81
N VAL B 552 30.17 -4.21 37.82
CA VAL B 552 30.95 -3.52 36.83
C VAL B 552 32.29 -4.16 36.66
N THR B 553 32.43 -4.95 35.63
CA THR B 553 33.73 -5.42 35.26
C THR B 553 34.48 -4.21 34.79
N CYS B 554 35.01 -4.44 33.57
CA CYS B 554 35.89 -3.58 32.74
C CYS B 554 36.05 -2.20 33.31
N PHE B 555 36.56 -1.29 32.50
CA PHE B 555 36.66 0.10 32.92
C PHE B 555 37.27 0.96 31.85
N GLY B 556 37.76 0.34 30.80
CA GLY B 556 38.40 1.11 29.76
C GLY B 556 39.01 0.26 28.69
N PRO B 557 39.61 0.99 27.67
CA PRO B 557 40.06 0.16 26.55
C PRO B 557 41.32 -0.63 26.77
N GLU B 558 42.26 -0.07 27.51
CA GLU B 558 43.52 -0.79 27.73
C GLU B 558 43.57 -1.43 29.12
N ALA B 559 44.72 -1.98 29.50
CA ALA B 559 44.91 -2.44 30.86
C ALA B 559 45.11 -1.23 31.75
N ASP B 560 45.59 -0.17 31.11
CA ASP B 560 45.88 1.13 31.71
C ASP B 560 44.78 1.62 32.67
N GLN B 561 43.52 1.48 32.30
CA GLN B 561 42.42 1.99 33.13
C GLN B 561 41.32 0.99 33.47
N CYS B 562 41.51 -0.27 33.10
CA CYS B 562 40.60 -1.33 33.53
C CYS B 562 41.00 -1.85 34.91
N VAL B 563 41.76 -1.01 35.63
CA VAL B 563 42.17 -1.22 37.02
C VAL B 563 42.77 -2.61 37.34
N ALA B 564 43.37 -3.23 36.31
CA ALA B 564 44.08 -4.49 36.49
C ALA B 564 45.54 -4.35 36.05
N GLU C 1 -16.43 27.22 -42.30
CA GLU C 1 -16.37 28.66 -42.48
C GLU C 1 -17.16 29.41 -41.41
N VAL C 2 -16.83 30.69 -41.23
CA VAL C 2 -17.37 31.46 -40.11
C VAL C 2 -18.82 31.79 -40.40
N GLN C 3 -19.70 31.50 -39.45
CA GLN C 3 -21.10 31.78 -39.68
C GLN C 3 -21.67 32.53 -38.48
N LEU C 4 -22.44 33.57 -38.78
CA LEU C 4 -23.26 34.24 -37.79
C LEU C 4 -24.73 34.15 -38.22
N VAL C 5 -25.52 33.49 -37.39
CA VAL C 5 -26.92 33.28 -37.70
C VAL C 5 -27.82 33.87 -36.62
N GLN C 6 -28.79 34.64 -37.08
CA GLN C 6 -29.58 35.47 -36.21
C GLN C 6 -31.01 34.94 -36.10
N SER C 7 -31.69 35.36 -35.03
CA SER C 7 -33.08 35.04 -34.84
C SER C 7 -33.89 35.53 -35.99
N GLY C 8 -35.00 34.84 -36.23
CA GLY C 8 -35.98 35.28 -37.20
C GLY C 8 -36.59 36.60 -36.79
N ALA C 9 -37.31 37.20 -37.74
CA ALA C 9 -37.82 38.57 -37.69
C ALA C 9 -38.76 38.77 -36.54
N GLU C 10 -39.05 40.02 -36.21
CA GLU C 10 -39.86 40.27 -35.03
C GLU C 10 -40.84 41.43 -35.21
N VAL C 11 -41.98 41.32 -34.51
CA VAL C 11 -42.98 42.39 -34.46
C VAL C 11 -43.42 42.68 -33.04
N LYS C 12 -43.38 43.96 -32.67
CA LYS C 12 -43.53 44.32 -31.27
C LYS C 12 -44.27 45.64 -31.13
N LYS C 13 -45.03 45.77 -30.07
CA LYS C 13 -45.81 46.98 -29.80
C LYS C 13 -45.03 47.87 -28.89
N PRO C 14 -45.08 49.19 -29.13
CA PRO C 14 -44.44 50.19 -28.29
C PRO C 14 -44.70 49.91 -26.82
N GLY C 15 -43.62 49.78 -26.05
CA GLY C 15 -43.69 49.42 -24.65
C GLY C 15 -43.12 48.04 -24.34
N GLU C 16 -42.89 47.22 -25.36
CA GLU C 16 -42.46 45.84 -25.13
C GLU C 16 -40.95 45.64 -25.21
N SER C 17 -40.42 44.57 -24.62
CA SER C 17 -39.01 44.29 -24.75
C SER C 17 -38.74 43.47 -25.99
N LEU C 18 -37.50 43.10 -26.23
CA LEU C 18 -37.18 42.30 -27.40
C LEU C 18 -35.85 41.64 -27.15
N LYS C 19 -35.64 40.48 -27.77
CA LYS C 19 -34.39 39.75 -27.55
C LYS C 19 -33.95 38.95 -28.77
N ILE C 20 -33.14 39.55 -29.63
CA ILE C 20 -32.51 38.85 -30.74
C ILE C 20 -31.47 37.88 -30.20
N SER C 21 -31.05 36.92 -31.00
CA SER C 21 -29.99 36.03 -30.59
C SER C 21 -29.10 35.89 -31.80
N CYS C 22 -27.87 35.44 -31.57
CA CYS C 22 -26.94 35.31 -32.68
C CYS C 22 -25.95 34.22 -32.37
N LYS C 23 -26.03 33.14 -33.13
CA LYS C 23 -25.19 31.99 -32.88
C LYS C 23 -24.10 31.90 -33.93
N GLY C 24 -22.86 32.00 -33.47
CA GLY C 24 -21.72 31.87 -34.36
C GLY C 24 -21.33 30.42 -34.53
N SER C 25 -20.45 30.16 -35.49
CA SER C 25 -19.95 28.82 -35.72
C SER C 25 -18.82 28.89 -36.74
N GLY C 26 -17.85 28.00 -36.60
CA GLY C 26 -16.77 27.90 -37.58
C GLY C 26 -15.51 28.58 -37.14
N TYR C 27 -15.52 29.05 -35.90
CA TYR C 27 -14.38 29.74 -35.31
C TYR C 27 -14.47 29.54 -33.79
N SER C 28 -13.47 29.95 -33.03
CA SER C 28 -13.63 29.87 -31.58
C SER C 28 -14.43 31.02 -31.03
N PHE C 29 -15.61 30.72 -30.48
CA PHE C 29 -16.52 31.77 -30.05
C PHE C 29 -15.88 32.69 -29.03
N THR C 30 -15.32 32.13 -27.98
CA THR C 30 -14.79 32.95 -26.91
C THR C 30 -13.63 33.83 -27.38
N SER C 31 -13.14 33.59 -28.58
CA SER C 31 -11.90 34.19 -29.06
C SER C 31 -12.04 35.61 -29.60
N TYR C 32 -13.26 36.01 -29.96
CA TYR C 32 -13.53 37.32 -30.55
C TYR C 32 -14.56 38.13 -29.75
N TRP C 33 -14.83 39.36 -30.17
CA TRP C 33 -15.90 40.14 -29.55
C TRP C 33 -17.11 40.15 -30.48
N ILE C 34 -18.32 40.24 -29.93
CA ILE C 34 -19.49 40.30 -30.82
C ILE C 34 -20.09 41.70 -30.89
N GLY C 35 -20.33 42.18 -32.11
CA GLY C 35 -20.81 43.55 -32.34
C GLY C 35 -22.30 43.64 -32.62
N TRP C 36 -22.90 44.78 -32.31
CA TRP C 36 -24.32 44.98 -32.65
C TRP C 36 -24.64 46.32 -33.39
N VAL C 37 -24.71 46.24 -34.70
CA VAL C 37 -25.05 47.38 -35.52
C VAL C 37 -26.46 47.18 -36.04
N ARG C 38 -27.36 48.12 -35.79
CA ARG C 38 -28.71 48.13 -36.40
C ARG C 38 -28.83 49.19 -37.50
N GLN C 39 -29.83 49.02 -38.37
CA GLN C 39 -30.11 49.96 -39.48
C GLN C 39 -31.61 50.24 -39.60
N ALA C 40 -32.01 51.44 -39.18
CA ALA C 40 -33.40 51.89 -39.34
C ALA C 40 -33.75 51.81 -40.82
N PRO C 41 -35.04 51.60 -41.14
CA PRO C 41 -35.37 51.35 -42.54
C PRO C 41 -34.95 52.55 -43.37
N GLY C 42 -33.95 52.32 -44.22
CA GLY C 42 -33.38 53.35 -45.06
C GLY C 42 -32.67 54.50 -44.34
N GLN C 43 -31.75 54.18 -43.43
CA GLN C 43 -30.79 55.17 -42.94
C GLN C 43 -29.41 54.55 -42.69
N GLY C 44 -28.56 55.32 -42.02
CA GLY C 44 -27.21 54.90 -41.72
C GLY C 44 -27.10 53.72 -40.77
N LEU C 45 -25.92 53.11 -40.75
CA LEU C 45 -25.54 52.15 -39.71
C LEU C 45 -25.42 52.89 -38.39
N GLU C 46 -26.04 52.37 -37.36
CA GLU C 46 -25.83 52.87 -36.01
C GLU C 46 -25.37 51.70 -35.15
N TRP C 47 -24.27 51.88 -34.43
CA TRP C 47 -23.67 50.82 -33.63
C TRP C 47 -24.28 50.90 -32.23
N MET C 48 -24.66 49.74 -31.68
CA MET C 48 -25.34 49.66 -30.38
C MET C 48 -24.44 49.23 -29.23
N GLY C 49 -23.49 48.33 -29.49
CA GLY C 49 -22.60 47.84 -28.45
C GLY C 49 -21.72 46.66 -28.82
N TRP C 50 -20.88 46.24 -27.88
CA TRP C 50 -20.15 44.98 -28.05
C TRP C 50 -20.00 44.14 -26.76
N ILE C 51 -19.72 42.84 -26.91
CA ILE C 51 -19.29 41.99 -25.80
C ILE C 51 -18.02 41.19 -26.06
N SER C 52 -17.25 40.98 -25.00
CA SER C 52 -16.27 39.91 -24.98
C SER C 52 -16.97 38.55 -24.84
N ALA C 53 -16.91 37.70 -25.87
CA ALA C 53 -17.33 36.32 -25.69
C ALA C 53 -16.45 35.60 -24.64
N TYR C 54 -15.24 36.11 -24.45
CA TYR C 54 -14.34 35.63 -23.43
C TYR C 54 -14.59 36.08 -21.98
N ASN C 55 -15.18 37.24 -21.70
CA ASN C 55 -15.28 37.58 -20.28
C ASN C 55 -16.42 38.51 -19.85
N GLY C 56 -17.41 38.70 -20.72
CA GLY C 56 -18.64 39.38 -20.36
C GLY C 56 -18.55 40.90 -20.36
N ASN C 57 -17.36 41.41 -20.61
CA ASN C 57 -17.15 42.85 -20.70
C ASN C 57 -17.95 43.50 -21.84
N THR C 58 -18.58 44.63 -21.54
CA THR C 58 -19.38 45.35 -22.55
C THR C 58 -19.22 46.86 -22.54
N ASN C 59 -19.24 47.47 -23.73
CA ASN C 59 -19.69 48.86 -23.80
C ASN C 59 -20.94 48.98 -24.64
N TYR C 60 -21.83 49.86 -24.21
CA TYR C 60 -23.08 50.17 -24.90
C TYR C 60 -23.39 51.63 -25.27
N ALA C 61 -24.13 51.83 -26.33
CA ALA C 61 -24.16 53.15 -26.93
C ALA C 61 -24.95 53.89 -25.87
N GLN C 62 -24.50 55.10 -25.51
CA GLN C 62 -25.16 55.98 -24.50
C GLN C 62 -26.57 56.50 -24.68
N LYS C 63 -27.04 56.45 -25.94
CA LYS C 63 -28.46 56.54 -26.24
C LYS C 63 -29.14 55.35 -25.56
N LEU C 64 -28.56 54.18 -25.80
CA LEU C 64 -29.09 52.90 -25.37
C LEU C 64 -28.82 52.57 -23.90
N GLN C 65 -27.96 53.34 -23.25
CA GLN C 65 -27.58 53.08 -21.85
C GLN C 65 -28.78 52.77 -20.96
N GLY C 66 -28.72 51.65 -20.26
CA GLY C 66 -29.78 51.23 -19.35
C GLY C 66 -30.97 50.54 -19.97
N ARG C 67 -30.92 50.37 -21.30
CA ARG C 67 -32.03 49.82 -22.06
C ARG C 67 -31.58 48.65 -22.91
N VAL C 68 -30.30 48.62 -23.29
CA VAL C 68 -29.72 47.38 -23.79
C VAL C 68 -29.07 46.53 -22.70
N THR C 69 -28.87 45.27 -23.05
CA THR C 69 -28.13 44.32 -22.25
C THR C 69 -27.62 43.23 -23.18
N MET C 70 -26.32 43.25 -23.54
CA MET C 70 -25.83 42.12 -24.32
C MET C 70 -25.26 41.06 -23.40
N THR C 71 -25.38 39.81 -23.81
CA THR C 71 -24.88 38.67 -23.03
C THR C 71 -24.50 37.56 -23.99
N THR C 72 -23.69 36.63 -23.53
CA THR C 72 -23.39 35.49 -24.35
C THR C 72 -23.55 34.29 -23.48
N ASP C 73 -23.66 33.14 -24.11
CA ASP C 73 -23.70 31.86 -23.42
C ASP C 73 -22.69 30.94 -24.10
N THR C 74 -21.57 30.76 -23.43
CA THR C 74 -20.39 30.12 -24.03
C THR C 74 -20.64 28.72 -24.56
N SER C 75 -21.43 27.96 -23.81
CA SER C 75 -21.88 26.62 -24.21
C SER C 75 -22.61 26.60 -25.55
N THR C 76 -23.73 27.30 -25.66
CA THR C 76 -24.49 27.35 -26.93
C THR C 76 -23.84 28.16 -28.05
N SER C 77 -22.79 28.93 -27.72
CA SER C 77 -22.10 29.83 -28.64
C SER C 77 -23.05 30.88 -29.24
N THR C 78 -23.97 31.35 -28.40
CA THR C 78 -24.92 32.37 -28.79
C THR C 78 -24.64 33.65 -28.02
N ALA C 79 -24.72 34.78 -28.73
CA ALA C 79 -24.77 36.11 -28.13
C ALA C 79 -26.20 36.63 -28.17
N TYR C 80 -26.60 37.34 -27.11
CA TYR C 80 -27.99 37.80 -26.94
C TYR C 80 -28.18 39.33 -26.76
N MET C 81 -28.55 40.02 -27.83
CA MET C 81 -28.93 41.42 -27.72
C MET C 81 -30.35 41.50 -27.16
N GLU C 82 -30.56 42.31 -26.13
CA GLU C 82 -31.89 42.47 -25.56
C GLU C 82 -32.15 43.95 -25.34
N LEU C 83 -33.09 44.49 -26.11
CA LEU C 83 -33.44 45.91 -26.05
C LEU C 83 -34.78 46.07 -25.36
N ARG C 84 -34.77 46.68 -24.18
CA ARG C 84 -35.99 46.93 -23.42
C ARG C 84 -36.67 48.22 -23.82
N SER C 85 -37.86 48.43 -23.25
CA SER C 85 -38.62 49.68 -23.35
C SER C 85 -38.71 50.17 -24.78
N LEU C 86 -38.87 49.22 -25.71
CA LEU C 86 -39.05 49.50 -27.13
C LEU C 86 -40.22 50.43 -27.17
N ARG C 87 -39.96 51.66 -27.54
CA ARG C 87 -41.06 52.54 -27.80
C ARG C 87 -40.89 53.21 -29.16
N SER C 88 -41.78 52.83 -30.08
CA SER C 88 -41.71 53.12 -31.51
C SER C 88 -40.37 52.72 -32.10
N ASP C 89 -39.79 53.74 -32.71
CA ASP C 89 -38.86 53.65 -33.83
C ASP C 89 -37.62 52.97 -33.27
N ASP C 90 -37.61 51.65 -33.22
CA ASP C 90 -36.38 50.94 -32.93
C ASP C 90 -36.59 49.96 -34.07
N THR C 91 -37.47 50.34 -34.98
CA THR C 91 -37.70 49.58 -36.19
C THR C 91 -36.43 49.64 -37.00
N ALA C 92 -35.76 48.50 -37.13
CA ALA C 92 -34.51 48.45 -37.87
C ALA C 92 -34.12 47.01 -38.15
N VAL C 93 -32.95 46.85 -38.78
CA VAL C 93 -32.50 45.54 -39.25
C VAL C 93 -31.68 44.73 -38.23
N TYR C 94 -30.90 45.41 -37.39
CA TYR C 94 -30.24 44.71 -36.29
C TYR C 94 -29.19 43.58 -36.41
N TYR C 95 -28.21 43.79 -37.27
CA TYR C 95 -27.11 42.85 -37.32
C TYR C 95 -26.36 42.53 -36.04
N CYS C 96 -25.73 41.36 -36.01
CA CYS C 96 -24.63 41.12 -35.11
C CYS C 96 -23.41 40.76 -35.95
N ALA C 97 -22.22 41.03 -35.41
CA ALA C 97 -21.01 41.04 -36.22
C ALA C 97 -19.76 40.64 -35.43
N ARG C 98 -18.81 39.99 -36.10
CA ARG C 98 -17.57 39.56 -35.44
C ARG C 98 -16.53 40.67 -35.51
N GLU C 99 -15.78 40.86 -34.42
CA GLU C 99 -14.95 42.06 -34.30
C GLU C 99 -13.44 41.88 -34.43
N GLY C 100 -12.88 42.51 -35.46
CA GLY C 100 -11.45 42.64 -35.63
C GLY C 100 -10.95 43.82 -34.82
N ASP C 101 -10.12 44.66 -35.42
CA ASP C 101 -9.54 45.79 -34.72
C ASP C 101 -10.51 46.95 -34.62
N GLY C 102 -11.64 46.73 -33.97
CA GLY C 102 -12.69 47.74 -33.96
C GLY C 102 -13.34 47.71 -35.32
N ALA C 103 -13.14 46.62 -36.04
CA ALA C 103 -13.79 46.39 -37.34
C ALA C 103 -14.55 45.06 -37.43
N PHE C 104 -15.62 45.05 -38.22
CA PHE C 104 -16.46 43.87 -38.35
C PHE C 104 -16.21 43.07 -39.64
N ASP C 105 -15.64 41.88 -39.50
CA ASP C 105 -15.23 41.05 -40.63
C ASP C 105 -16.29 40.03 -41.13
N TYR C 106 -17.20 39.63 -40.26
CA TYR C 106 -18.30 38.74 -40.61
C TYR C 106 -19.51 39.29 -39.91
N TRP C 107 -20.66 39.23 -40.59
CA TRP C 107 -21.91 39.73 -40.05
C TRP C 107 -22.98 38.64 -40.04
N GLY C 108 -24.13 38.95 -39.45
CA GLY C 108 -25.28 38.09 -39.51
C GLY C 108 -26.22 38.53 -40.61
N GLN C 109 -27.19 37.69 -40.95
CA GLN C 109 -28.13 38.00 -42.02
C GLN C 109 -28.99 39.19 -41.64
N GLY C 110 -29.24 39.35 -40.36
CA GLY C 110 -30.03 40.46 -39.85
C GLY C 110 -31.21 39.94 -39.06
N THR C 111 -31.79 40.77 -38.21
CA THR C 111 -33.03 40.42 -37.56
C THR C 111 -33.96 41.60 -37.61
N LEU C 112 -34.83 41.62 -38.61
CA LEU C 112 -35.73 42.73 -38.83
C LEU C 112 -36.69 42.84 -37.66
N VAL C 113 -36.71 44.00 -37.03
CA VAL C 113 -37.64 44.21 -35.92
C VAL C 113 -38.58 45.31 -36.31
N THR C 114 -39.88 45.08 -36.19
CA THR C 114 -40.86 46.13 -36.44
C THR C 114 -41.59 46.55 -35.16
N VAL C 115 -41.63 47.85 -34.91
CA VAL C 115 -42.37 48.35 -33.75
C VAL C 115 -43.42 49.36 -34.19
N SER C 116 -44.63 48.87 -34.39
CA SER C 116 -45.71 49.67 -34.92
C SER C 116 -46.89 49.49 -33.99
N SER C 117 -47.56 50.59 -33.67
CA SER C 117 -48.73 50.50 -32.79
C SER C 117 -49.89 49.86 -33.57
N ALA C 118 -49.94 50.19 -34.87
CA ALA C 118 -51.01 49.80 -35.77
C ALA C 118 -51.05 48.30 -36.09
N SER C 119 -52.24 47.71 -36.04
CA SER C 119 -52.42 46.28 -36.25
C SER C 119 -52.28 45.85 -37.72
N THR C 120 -51.65 44.70 -37.92
CA THR C 120 -51.16 44.23 -39.22
C THR C 120 -52.23 43.76 -40.22
N LYS C 121 -52.11 44.17 -41.49
CA LYS C 121 -52.97 43.71 -42.59
C LYS C 121 -52.12 43.06 -43.69
N GLY C 122 -52.74 42.67 -44.80
CA GLY C 122 -52.02 41.93 -45.81
C GLY C 122 -51.96 42.54 -47.21
N PRO C 123 -51.39 41.77 -48.17
CA PRO C 123 -51.15 42.17 -49.56
C PRO C 123 -52.33 42.00 -50.53
N SER C 124 -52.68 43.09 -51.21
CA SER C 124 -53.64 43.02 -52.32
C SER C 124 -52.87 42.94 -53.65
N VAL C 125 -52.93 41.78 -54.29
CA VAL C 125 -52.15 41.53 -55.51
C VAL C 125 -52.95 41.73 -56.80
N PHE C 126 -52.74 42.89 -57.43
CA PHE C 126 -53.44 43.25 -58.66
C PHE C 126 -52.46 43.25 -59.82
N PRO C 127 -52.78 42.55 -60.93
CA PRO C 127 -51.84 42.49 -62.05
C PRO C 127 -51.74 43.81 -62.82
N LEU C 128 -50.57 44.06 -63.42
CA LEU C 128 -50.45 45.09 -64.44
C LEU C 128 -50.32 44.36 -65.77
N ALA C 129 -51.16 44.70 -66.73
CA ALA C 129 -51.20 43.93 -67.96
C ALA C 129 -50.63 44.67 -69.15
N PRO C 130 -49.85 43.85 -69.97
CA PRO C 130 -49.27 44.57 -71.10
C PRO C 130 -50.26 44.50 -72.23
N SER C 131 -49.77 44.61 -73.46
CA SER C 131 -50.62 44.43 -74.62
C SER C 131 -49.88 44.90 -75.83
N SER C 132 -50.63 45.09 -76.90
CA SER C 132 -50.06 45.72 -78.09
C SER C 132 -50.65 47.05 -77.62
N LYS C 133 -51.23 47.02 -76.43
CA LYS C 133 -51.72 48.21 -75.75
C LYS C 133 -50.57 48.79 -74.91
N SER C 134 -49.65 47.92 -74.50
CA SER C 134 -48.43 48.40 -73.84
C SER C 134 -47.15 47.80 -74.43
N THR C 135 -47.02 47.89 -75.76
CA THR C 135 -45.80 47.48 -76.45
C THR C 135 -44.95 48.70 -76.79
N SER C 136 -43.64 48.55 -76.70
CA SER C 136 -42.71 49.60 -77.10
C SER C 136 -41.97 49.23 -78.40
N GLY C 137 -42.62 48.39 -79.21
CA GLY C 137 -42.09 48.03 -80.52
C GLY C 137 -41.24 46.77 -80.54
N GLY C 138 -41.70 45.73 -79.87
CA GLY C 138 -41.04 44.43 -79.88
C GLY C 138 -40.58 43.95 -78.50
N THR C 139 -40.88 44.73 -77.47
CA THR C 139 -40.55 44.38 -76.10
C THR C 139 -41.55 45.00 -75.12
N ALA C 140 -42.32 44.15 -74.44
CA ALA C 140 -43.39 44.61 -73.53
C ALA C 140 -43.09 44.34 -72.05
N ALA C 141 -43.97 44.74 -71.13
CA ALA C 141 -43.56 44.84 -69.71
C ALA C 141 -44.32 44.14 -68.54
N LEU C 142 -45.66 44.28 -68.46
CA LEU C 142 -46.49 43.63 -67.40
C LEU C 142 -46.23 44.00 -65.90
N GLY C 143 -46.06 42.97 -65.05
CA GLY C 143 -45.68 43.14 -63.64
C GLY C 143 -46.82 43.16 -62.63
N CYS C 144 -46.64 42.51 -61.47
CA CYS C 144 -47.65 42.53 -60.40
C CYS C 144 -47.74 43.86 -59.66
N LEU C 145 -48.66 43.95 -58.70
CA LEU C 145 -48.76 45.11 -57.82
C LEU C 145 -49.33 44.76 -56.45
N VAL C 146 -48.60 45.15 -55.40
CA VAL C 146 -49.07 45.01 -54.02
C VAL C 146 -49.56 46.36 -53.52
N LYS C 147 -50.64 46.35 -52.74
CA LYS C 147 -51.26 47.61 -52.32
C LYS C 147 -51.79 47.56 -50.90
N ASP C 148 -51.78 48.72 -50.23
CA ASP C 148 -52.28 48.89 -48.86
C ASP C 148 -51.94 47.90 -47.74
N TYR C 149 -50.64 47.68 -47.52
CA TYR C 149 -50.20 46.67 -46.56
C TYR C 149 -49.31 47.08 -45.38
N PHE C 150 -49.02 46.12 -44.51
CA PHE C 150 -48.32 46.38 -43.26
C PHE C 150 -47.94 45.07 -42.60
N PRO C 151 -46.77 45.01 -41.94
CA PRO C 151 -45.68 46.01 -41.86
C PRO C 151 -44.85 46.05 -43.18
N GLU C 152 -44.01 45.03 -43.39
CA GLU C 152 -43.11 44.89 -44.51
C GLU C 152 -42.56 43.49 -44.23
N PRO C 153 -41.48 43.03 -44.93
CA PRO C 153 -41.03 43.29 -46.28
C PRO C 153 -41.71 42.23 -47.08
N VAL C 154 -41.50 42.17 -48.39
CA VAL C 154 -42.23 41.20 -49.20
C VAL C 154 -41.35 40.58 -50.27
N THR C 155 -41.42 39.25 -50.42
CA THR C 155 -40.72 38.60 -51.51
C THR C 155 -41.54 38.78 -52.76
N VAL C 156 -40.88 39.01 -53.89
CA VAL C 156 -41.55 39.03 -55.19
C VAL C 156 -40.72 38.30 -56.25
N SER C 157 -41.02 37.03 -56.44
CA SER C 157 -40.36 36.22 -57.46
C SER C 157 -41.12 36.28 -58.79
N TRP C 158 -40.42 36.01 -59.88
CA TRP C 158 -41.08 35.86 -61.19
C TRP C 158 -40.83 34.49 -61.78
N ASN C 159 -41.89 33.67 -61.76
CA ASN C 159 -41.86 32.28 -62.21
C ASN C 159 -40.99 31.42 -61.29
N SER C 160 -41.27 31.55 -60.00
CA SER C 160 -40.56 30.81 -58.96
C SER C 160 -39.05 31.06 -59.06
N GLY C 161 -38.68 32.31 -59.30
CA GLY C 161 -37.30 32.73 -59.34
C GLY C 161 -36.55 32.31 -60.60
N ALA C 162 -37.18 31.45 -61.41
CA ALA C 162 -36.54 30.93 -62.61
C ALA C 162 -36.45 31.96 -63.74
N LEU C 163 -37.11 33.10 -63.55
CA LEU C 163 -36.89 34.25 -64.42
C LEU C 163 -36.52 35.46 -63.56
N THR C 164 -35.44 36.13 -63.93
CA THR C 164 -34.91 37.21 -63.12
C THR C 164 -34.47 38.42 -63.95
N SER C 165 -34.41 38.26 -65.26
CA SER C 165 -33.83 39.29 -66.12
C SER C 165 -34.78 40.44 -66.41
N GLY C 166 -34.26 41.67 -66.31
CA GLY C 166 -35.06 42.86 -66.55
C GLY C 166 -36.11 43.12 -65.49
N VAL C 167 -36.20 42.21 -64.51
CA VAL C 167 -37.17 42.32 -63.43
C VAL C 167 -36.79 43.51 -62.54
N HIS C 168 -37.78 44.18 -61.98
CA HIS C 168 -37.54 45.43 -61.26
C HIS C 168 -38.58 45.68 -60.17
N THR C 169 -38.25 45.34 -58.93
CA THR C 169 -39.14 45.62 -57.80
C THR C 169 -38.86 46.99 -57.18
N PHE C 170 -39.89 47.61 -56.61
CA PHE C 170 -39.80 49.03 -56.22
C PHE C 170 -39.84 49.32 -54.72
N PRO C 171 -39.41 50.53 -54.33
CA PRO C 171 -39.51 50.98 -52.93
C PRO C 171 -40.94 51.03 -52.39
N ALA C 172 -41.14 50.48 -51.19
CA ALA C 172 -42.40 50.62 -50.49
C ALA C 172 -42.62 52.10 -50.23
N VAL C 173 -43.88 52.52 -50.21
CA VAL C 173 -44.20 53.93 -49.94
C VAL C 173 -45.53 54.10 -49.21
N LEU C 174 -45.44 54.57 -47.97
CA LEU C 174 -46.61 54.86 -47.14
C LEU C 174 -47.50 55.90 -47.83
N GLN C 175 -48.77 55.54 -48.04
CA GLN C 175 -49.73 56.46 -48.65
C GLN C 175 -50.21 57.47 -47.61
N SER C 176 -51.24 58.22 -47.97
CA SER C 176 -51.85 59.13 -46.99
C SER C 176 -52.68 58.30 -46.02
N SER C 177 -53.00 57.08 -46.42
CA SER C 177 -53.79 56.16 -45.60
C SER C 177 -52.99 55.60 -44.42
N GLY C 178 -51.72 55.33 -44.67
CA GLY C 178 -50.84 54.83 -43.63
C GLY C 178 -50.35 53.43 -43.92
N LEU C 179 -50.35 53.06 -45.20
CA LEU C 179 -49.92 51.73 -45.63
C LEU C 179 -49.11 51.82 -46.91
N TYR C 180 -48.18 50.88 -47.10
CA TYR C 180 -47.26 50.92 -48.24
C TYR C 180 -47.84 50.30 -49.51
N SER C 181 -47.37 50.81 -50.65
CA SER C 181 -47.69 50.24 -51.94
C SER C 181 -46.40 50.11 -52.76
N LEU C 182 -46.26 49.01 -53.50
CA LEU C 182 -45.07 48.81 -54.32
C LEU C 182 -45.39 48.15 -55.65
N SER C 183 -44.34 47.79 -56.38
CA SER C 183 -44.50 47.21 -57.70
C SER C 183 -43.38 46.26 -58.01
N SER C 184 -43.53 45.49 -59.09
CA SER C 184 -42.49 44.57 -59.52
C SER C 184 -42.67 44.27 -61.00
N VAL C 185 -42.04 45.09 -61.83
CA VAL C 185 -42.24 45.00 -63.26
C VAL C 185 -41.11 44.23 -63.93
N VAL C 186 -41.46 43.48 -64.97
CA VAL C 186 -40.47 42.71 -65.72
C VAL C 186 -40.41 43.29 -67.15
N THR C 187 -39.53 42.77 -67.99
CA THR C 187 -39.41 43.21 -69.38
C THR C 187 -39.16 42.00 -70.29
N VAL C 188 -40.21 41.52 -70.94
CA VAL C 188 -40.14 40.32 -71.75
C VAL C 188 -40.43 40.59 -73.24
N PRO C 189 -40.02 39.66 -74.12
CA PRO C 189 -40.33 39.82 -75.54
C PRO C 189 -41.80 39.53 -75.84
N SER C 190 -42.53 40.53 -76.32
CA SER C 190 -43.93 40.33 -76.64
C SER C 190 -44.10 39.25 -77.71
N SER C 191 -43.14 39.15 -78.63
CA SER C 191 -43.20 38.23 -79.76
C SER C 191 -43.60 36.82 -79.35
N SER C 192 -43.16 36.44 -78.16
CA SER C 192 -43.58 35.17 -77.59
C SER C 192 -44.39 35.42 -76.32
N LEU C 193 -45.45 36.20 -76.46
CA LEU C 193 -46.46 36.33 -75.42
C LEU C 193 -47.64 35.44 -75.80
N GLY C 194 -48.48 35.10 -74.84
CA GLY C 194 -49.56 34.16 -75.11
C GLY C 194 -48.99 32.79 -75.45
N THR C 195 -47.67 32.66 -75.32
CA THR C 195 -46.94 31.44 -75.59
C THR C 195 -46.25 31.08 -74.30
N GLN C 196 -45.55 32.07 -73.76
CA GLN C 196 -44.81 31.93 -72.51
C GLN C 196 -45.54 32.65 -71.41
N THR C 197 -45.71 31.95 -70.29
CA THR C 197 -46.50 32.42 -69.15
C THR C 197 -45.62 33.15 -68.16
N TYR C 198 -46.22 34.02 -67.35
CA TYR C 198 -45.46 34.80 -66.36
C TYR C 198 -46.21 34.97 -65.04
N ILE C 199 -45.78 34.23 -64.03
CA ILE C 199 -46.44 34.28 -62.74
C ILE C 199 -45.52 34.91 -61.70
N CYS C 200 -46.02 35.91 -60.98
CA CYS C 200 -45.26 36.46 -59.86
C CYS C 200 -45.61 35.71 -58.60
N ASN C 201 -44.68 35.67 -57.65
CA ASN C 201 -44.92 35.05 -56.35
C ASN C 201 -44.73 36.08 -55.26
N VAL C 202 -45.81 36.47 -54.59
CA VAL C 202 -45.76 37.55 -53.61
C VAL C 202 -45.93 37.07 -52.17
N ASN C 203 -44.81 36.94 -51.47
CA ASN C 203 -44.78 36.46 -50.10
C ASN C 203 -44.76 37.60 -49.08
N HIS C 204 -45.39 37.37 -47.94
CA HIS C 204 -45.58 38.39 -46.91
C HIS C 204 -45.82 37.65 -45.61
N LYS C 205 -44.75 37.35 -44.88
CA LYS C 205 -44.89 36.53 -43.67
C LYS C 205 -45.25 37.26 -42.36
N PRO C 206 -45.45 38.58 -42.39
CA PRO C 206 -46.31 39.10 -41.32
C PRO C 206 -47.79 38.70 -41.50
N SER C 207 -48.08 37.93 -42.55
CA SER C 207 -49.39 37.33 -42.75
C SER C 207 -49.24 35.80 -42.86
N ASN C 208 -48.10 35.35 -43.37
CA ASN C 208 -47.91 33.98 -43.85
C ASN C 208 -48.90 33.63 -44.96
N THR C 209 -49.02 34.56 -45.91
CA THR C 209 -49.88 34.36 -47.08
C THR C 209 -49.05 34.30 -48.37
N LYS C 210 -48.82 33.09 -48.87
CA LYS C 210 -48.19 32.89 -50.17
C LYS C 210 -49.16 33.30 -51.27
N VAL C 211 -48.66 33.98 -52.31
CA VAL C 211 -49.50 34.36 -53.45
C VAL C 211 -48.82 34.17 -54.81
N ASP C 212 -49.38 33.30 -55.64
CA ASP C 212 -48.98 33.17 -57.05
C ASP C 212 -50.09 33.76 -57.92
N LYS C 213 -49.74 34.67 -58.82
CA LYS C 213 -50.73 35.34 -59.67
C LYS C 213 -50.30 35.39 -61.14
N LYS C 214 -51.08 34.76 -62.02
CA LYS C 214 -50.77 34.72 -63.44
C LYS C 214 -51.11 36.08 -64.05
N VAL C 215 -50.25 36.54 -64.95
CA VAL C 215 -50.48 37.81 -65.64
C VAL C 215 -50.44 37.61 -67.15
N GLU C 216 -51.64 37.39 -67.71
CA GLU C 216 -51.80 37.15 -69.13
C GLU C 216 -52.27 38.44 -69.80
N PRO C 217 -52.07 38.57 -71.13
CA PRO C 217 -52.33 39.82 -71.86
C PRO C 217 -53.81 40.30 -71.94
N GLN D 1 -24.90 59.81 -29.99
CA GLN D 1 -23.64 60.04 -29.30
C GLN D 1 -22.45 59.52 -30.11
N SER D 2 -21.92 60.27 -31.07
CA SER D 2 -22.48 61.49 -31.69
C SER D 2 -21.77 61.66 -33.05
N ALA D 3 -22.51 61.47 -34.15
CA ALA D 3 -21.98 60.99 -35.44
C ALA D 3 -20.78 61.66 -36.08
N LEU D 4 -20.12 60.89 -36.96
CA LEU D 4 -19.08 61.42 -37.84
C LEU D 4 -19.76 61.93 -39.08
N THR D 5 -19.04 62.69 -39.87
CA THR D 5 -19.65 63.33 -41.03
C THR D 5 -19.12 62.82 -42.35
N GLN D 6 -19.96 62.51 -43.32
CA GLN D 6 -19.49 62.27 -44.69
C GLN D 6 -20.58 62.68 -45.74
N PRO D 7 -20.19 62.78 -47.00
CA PRO D 7 -20.93 63.46 -48.03
C PRO D 7 -22.17 62.80 -48.62
N ALA D 8 -21.95 61.76 -49.40
CA ALA D 8 -22.95 61.08 -50.24
C ALA D 8 -22.86 61.60 -51.66
N SER D 9 -22.37 60.77 -52.60
CA SER D 9 -22.28 61.12 -54.02
C SER D 9 -21.13 60.51 -54.66
N VAL D 10 -20.15 61.24 -54.27
CA VAL D 10 -18.75 61.33 -54.74
C VAL D 10 -18.99 61.28 -56.30
N SER D 11 -20.09 60.64 -56.73
CA SER D 11 -20.41 60.56 -58.16
C SER D 11 -19.22 60.00 -58.95
N GLY D 12 -18.68 60.79 -59.88
CA GLY D 12 -17.52 60.35 -60.63
C GLY D 12 -17.83 59.41 -61.78
N SER D 13 -17.24 59.69 -62.94
CA SER D 13 -17.40 58.86 -64.16
C SER D 13 -16.64 57.53 -64.08
N PRO D 14 -17.18 56.48 -64.73
CA PRO D 14 -16.51 55.19 -64.75
C PRO D 14 -15.19 55.41 -65.42
N GLY D 15 -14.17 54.79 -64.87
CA GLY D 15 -12.81 55.22 -65.08
C GLY D 15 -12.51 55.89 -63.77
N GLN D 16 -11.26 56.23 -63.57
CA GLN D 16 -10.76 56.67 -62.28
C GLN D 16 -11.33 58.04 -61.88
N SER D 17 -11.12 58.50 -60.64
CA SER D 17 -11.02 57.83 -59.35
C SER D 17 -11.48 59.06 -58.63
N ILE D 18 -12.26 58.95 -57.55
CA ILE D 18 -12.46 60.06 -56.59
C ILE D 18 -12.60 59.48 -55.17
N THR D 19 -12.69 60.29 -54.11
CA THR D 19 -12.58 59.84 -52.71
C THR D 19 -13.71 60.26 -51.75
N ILE D 20 -14.06 59.40 -50.80
CA ILE D 20 -15.00 59.73 -49.73
C ILE D 20 -14.13 60.02 -48.57
N SER D 21 -14.61 60.75 -47.58
CA SER D 21 -13.69 61.34 -46.64
C SER D 21 -14.07 61.37 -45.17
N CYS D 22 -14.78 60.42 -44.67
CA CYS D 22 -15.26 60.76 -43.30
C CYS D 22 -15.74 62.17 -43.00
N THR D 23 -15.51 62.85 -41.85
CA THR D 23 -14.30 63.02 -41.06
C THR D 23 -14.84 62.96 -39.62
N GLY D 24 -13.97 63.17 -38.63
CA GLY D 24 -14.39 63.28 -37.22
C GLY D 24 -13.44 64.13 -36.36
N THR D 25 -13.38 63.88 -35.05
CA THR D 25 -12.59 64.69 -34.12
C THR D 25 -11.25 64.09 -33.58
N SER D 26 -10.73 64.70 -32.51
CA SER D 26 -9.49 64.23 -31.90
C SER D 26 -9.68 63.05 -30.90
N SER D 27 -10.91 62.81 -30.45
CA SER D 27 -11.25 61.58 -29.71
C SER D 27 -11.67 60.49 -30.68
N ASP D 28 -11.64 60.81 -31.96
CA ASP D 28 -12.26 59.94 -32.92
C ASP D 28 -11.36 59.19 -33.84
N VAL D 29 -10.95 59.85 -34.90
CA VAL D 29 -10.26 59.17 -35.96
C VAL D 29 -8.90 59.81 -35.82
N GLY D 30 -8.92 61.03 -35.28
CA GLY D 30 -7.69 61.76 -35.08
C GLY D 30 -7.04 61.44 -33.75
N GLY D 31 -7.67 60.55 -32.99
CA GLY D 31 -7.18 60.16 -31.68
C GLY D 31 -6.76 58.71 -31.60
N TYR D 32 -7.15 57.91 -32.58
CA TYR D 32 -6.70 56.53 -32.67
C TYR D 32 -6.43 56.15 -34.14
N ASN D 33 -6.23 54.88 -34.41
CA ASN D 33 -5.95 54.44 -35.76
C ASN D 33 -6.82 53.24 -36.00
N TYR D 34 -7.89 53.17 -35.23
CA TYR D 34 -8.88 52.11 -35.40
C TYR D 34 -10.02 52.66 -36.25
N VAL D 35 -9.78 52.82 -37.55
CA VAL D 35 -10.66 53.58 -38.43
C VAL D 35 -10.98 52.77 -39.67
N SER D 36 -12.21 52.29 -39.79
CA SER D 36 -12.56 51.34 -40.85
C SER D 36 -13.69 51.83 -41.71
N TRP D 37 -13.71 51.35 -42.94
CA TRP D 37 -14.72 51.70 -43.92
C TRP D 37 -15.67 50.50 -44.07
N TYR D 38 -16.76 50.65 -44.81
CA TYR D 38 -17.63 49.53 -45.24
C TYR D 38 -18.37 49.86 -46.55
N GLN D 39 -18.60 48.83 -47.36
CA GLN D 39 -19.35 48.92 -48.61
C GLN D 39 -20.69 48.21 -48.48
N GLN D 40 -21.79 48.86 -48.80
CA GLN D 40 -23.11 48.23 -48.61
C GLN D 40 -23.97 48.42 -49.88
N HIS D 41 -24.18 47.31 -50.57
CA HIS D 41 -25.14 47.18 -51.68
C HIS D 41 -26.59 47.19 -51.11
N PRO D 42 -27.61 46.99 -51.96
CA PRO D 42 -28.94 47.18 -51.38
C PRO D 42 -29.40 46.14 -50.35
N GLY D 43 -29.88 46.59 -49.19
CA GLY D 43 -30.50 45.71 -48.22
C GLY D 43 -29.68 44.48 -47.82
N LYS D 44 -28.38 44.61 -47.99
CA LYS D 44 -27.41 43.61 -47.57
C LYS D 44 -26.66 44.13 -46.34
N ALA D 45 -26.04 43.22 -45.60
CA ALA D 45 -25.06 43.64 -44.61
C ALA D 45 -23.70 43.94 -45.28
N PRO D 46 -23.10 44.99 -44.74
CA PRO D 46 -21.99 45.74 -45.27
C PRO D 46 -20.87 44.85 -45.45
N LYS D 47 -20.08 45.11 -46.46
CA LYS D 47 -18.87 44.41 -46.60
C LYS D 47 -17.89 45.24 -45.91
N LEU D 48 -16.99 44.56 -45.24
CA LEU D 48 -15.74 45.15 -44.80
C LEU D 48 -14.62 45.35 -45.80
N MET D 49 -14.20 46.59 -45.93
CA MET D 49 -12.93 47.01 -46.49
C MET D 49 -13.01 48.42 -45.91
N ILE D 50 -11.94 48.96 -45.34
CA ILE D 50 -10.71 48.28 -45.03
C ILE D 50 -10.51 48.69 -43.58
N TYR D 51 -9.69 47.97 -42.81
CA TYR D 51 -9.58 48.12 -41.34
C TYR D 51 -8.23 48.70 -40.92
N ASP D 52 -8.20 49.26 -39.70
CA ASP D 52 -7.17 50.19 -39.22
C ASP D 52 -7.26 51.39 -40.10
N VAL D 53 -6.21 51.92 -40.69
CA VAL D 53 -6.50 53.23 -41.28
C VAL D 53 -6.28 52.77 -42.72
N SER D 54 -5.36 51.85 -42.97
CA SER D 54 -4.96 51.60 -44.35
C SER D 54 -4.56 50.17 -44.65
N LYS D 55 -5.49 49.23 -44.58
CA LYS D 55 -5.20 47.87 -45.03
C LYS D 55 -6.42 47.01 -45.31
N ARG D 56 -6.30 46.20 -46.36
CA ARG D 56 -7.36 45.37 -46.92
C ARG D 56 -7.37 43.94 -46.38
N PRO D 57 -8.56 43.41 -46.05
CA PRO D 57 -8.70 41.97 -45.83
C PRO D 57 -8.57 41.26 -47.17
N SER D 58 -8.35 39.94 -47.18
CA SER D 58 -8.23 39.22 -48.43
C SER D 58 -9.53 39.29 -49.22
N GLY D 59 -9.44 39.36 -50.54
CA GLY D 59 -10.64 39.33 -51.35
C GLY D 59 -11.29 40.70 -51.48
N VAL D 60 -10.54 41.71 -51.08
CA VAL D 60 -10.92 43.06 -51.42
C VAL D 60 -9.86 43.56 -52.40
N SER D 61 -10.29 43.87 -53.62
CA SER D 61 -9.40 44.14 -54.75
C SER D 61 -8.48 45.34 -54.54
N ASN D 62 -7.43 45.43 -55.37
CA ASN D 62 -6.48 46.52 -55.27
C ASN D 62 -7.09 47.88 -55.57
N ARG D 63 -6.49 48.89 -55.00
CA ARG D 63 -6.88 50.26 -55.27
C ARG D 63 -8.23 50.75 -54.66
N PHE D 64 -8.96 49.87 -53.97
CA PHE D 64 -9.60 50.25 -52.70
C PHE D 64 -8.51 50.60 -51.66
N SER D 65 -8.24 51.88 -51.49
CA SER D 65 -7.10 52.32 -50.67
C SER D 65 -7.37 53.57 -49.86
N GLY D 66 -7.78 53.39 -48.63
CA GLY D 66 -8.14 54.55 -47.82
C GLY D 66 -7.22 54.85 -46.58
N SER D 67 -6.34 55.83 -46.71
CA SER D 67 -5.61 56.29 -45.57
C SER D 67 -5.97 57.75 -45.47
N LYS D 68 -5.77 58.37 -44.30
CA LYS D 68 -5.33 59.79 -44.15
C LYS D 68 -5.19 60.57 -42.85
N SER D 69 -4.65 61.80 -43.02
CA SER D 69 -4.39 62.83 -42.01
C SER D 69 -5.60 62.86 -41.13
N GLY D 70 -5.36 62.73 -39.82
CA GLY D 70 -6.38 62.90 -38.81
C GLY D 70 -6.56 64.40 -38.80
N ASN D 71 -7.78 64.86 -38.65
CA ASN D 71 -8.88 64.02 -38.27
C ASN D 71 -9.69 63.64 -39.46
N THR D 72 -9.01 63.29 -40.52
CA THR D 72 -9.66 62.71 -41.65
C THR D 72 -8.58 62.00 -42.36
N ALA D 73 -8.74 60.74 -42.76
CA ALA D 73 -9.86 59.82 -42.66
C ALA D 73 -10.49 59.74 -44.00
N SER D 74 -9.78 59.15 -44.93
CA SER D 74 -10.39 59.09 -46.26
C SER D 74 -10.22 57.77 -47.04
N LEU D 75 -11.32 57.23 -47.56
CA LEU D 75 -11.29 56.06 -48.46
C LEU D 75 -11.42 56.48 -49.92
N THR D 76 -10.60 55.86 -50.78
CA THR D 76 -10.57 56.20 -52.20
C THR D 76 -10.63 54.96 -53.10
N ILE D 77 -11.56 54.99 -54.04
CA ILE D 77 -11.62 53.98 -55.09
C ILE D 77 -10.91 54.57 -56.30
N SER D 78 -10.34 53.72 -57.15
CA SER D 78 -9.66 54.24 -58.32
C SER D 78 -10.37 53.85 -59.60
N GLY D 79 -10.06 52.66 -60.09
CA GLY D 79 -10.81 52.11 -61.19
C GLY D 79 -12.21 51.98 -60.65
N LEU D 80 -13.10 52.83 -61.15
CA LEU D 80 -14.51 52.76 -60.76
C LEU D 80 -15.15 51.44 -61.16
N GLN D 81 -14.36 50.60 -61.84
CA GLN D 81 -14.74 49.28 -62.27
C GLN D 81 -16.11 49.56 -62.86
N ALA D 82 -17.18 48.86 -62.50
CA ALA D 82 -18.49 49.37 -62.90
C ALA D 82 -19.34 49.55 -61.67
N GLU D 83 -19.78 48.40 -61.15
CA GLU D 83 -20.47 48.31 -59.88
C GLU D 83 -19.50 48.48 -58.70
N ASP D 84 -19.29 49.72 -58.30
CA ASP D 84 -18.71 50.06 -57.01
C ASP D 84 -19.81 50.90 -56.41
N GLU D 85 -21.03 50.56 -56.81
CA GLU D 85 -22.19 51.42 -56.63
C GLU D 85 -23.01 51.03 -55.41
N ALA D 86 -22.79 51.73 -54.30
CA ALA D 86 -23.50 51.43 -53.07
C ALA D 86 -23.38 52.55 -52.03
N ASP D 87 -23.68 52.20 -50.77
CA ASP D 87 -23.44 53.14 -49.67
C ASP D 87 -22.15 52.80 -48.95
N TYR D 88 -21.32 53.81 -48.70
CA TYR D 88 -20.01 53.61 -48.06
C TYR D 88 -19.93 54.25 -46.69
N TYR D 89 -19.63 53.42 -45.70
CA TYR D 89 -19.62 53.87 -44.31
C TYR D 89 -18.24 53.80 -43.63
N CYS D 90 -17.84 54.89 -42.98
CA CYS D 90 -16.67 54.89 -42.10
C CYS D 90 -17.13 54.75 -40.66
N SER D 91 -16.21 54.28 -39.81
CA SER D 91 -16.42 54.15 -38.37
C SER D 91 -15.09 54.24 -37.67
N SER D 92 -15.11 54.73 -36.44
CA SER D 92 -13.89 54.89 -35.67
C SER D 92 -14.08 54.51 -34.20
N TYR D 93 -13.00 54.09 -33.57
CA TYR D 93 -12.93 53.95 -32.13
C TYR D 93 -12.95 55.31 -31.44
N THR D 94 -12.87 55.33 -30.12
CA THR D 94 -13.30 56.48 -29.36
C THR D 94 -12.74 56.58 -27.94
N SER D 95 -12.40 57.79 -27.52
CA SER D 95 -12.09 58.05 -26.12
C SER D 95 -13.03 57.33 -25.13
N SER D 96 -14.26 56.98 -25.56
CA SER D 96 -15.25 56.30 -24.73
C SER D 96 -15.35 54.80 -24.93
N SER D 97 -14.33 54.26 -25.58
CA SER D 97 -14.23 52.86 -25.97
C SER D 97 -15.52 52.41 -26.58
N THR D 98 -15.97 53.18 -27.58
CA THR D 98 -17.19 52.89 -28.35
C THR D 98 -16.90 52.99 -29.82
N LEU D 99 -17.75 52.36 -30.62
CA LEU D 99 -17.69 52.59 -32.06
C LEU D 99 -18.66 53.70 -32.39
N VAL D 100 -18.35 54.39 -33.48
CA VAL D 100 -19.23 55.42 -34.00
C VAL D 100 -19.03 55.42 -35.50
N PHE D 101 -20.14 55.61 -36.20
CA PHE D 101 -20.17 55.56 -37.66
C PHE D 101 -20.41 56.92 -38.27
N GLY D 102 -20.14 57.01 -39.57
CA GLY D 102 -20.41 58.20 -40.34
C GLY D 102 -21.81 58.12 -40.92
N GLY D 103 -22.30 59.23 -41.46
CA GLY D 103 -23.63 59.27 -42.03
C GLY D 103 -23.81 58.37 -43.24
N GLY D 104 -22.70 57.99 -43.86
CA GLY D 104 -22.70 57.21 -45.08
C GLY D 104 -22.60 58.14 -46.28
N THR D 105 -22.10 57.60 -47.40
CA THR D 105 -22.14 58.33 -48.65
C THR D 105 -22.60 57.36 -49.73
N LYS D 106 -23.08 57.92 -50.84
CA LYS D 106 -23.64 57.12 -51.91
C LYS D 106 -22.85 57.33 -53.17
N LEU D 107 -22.08 56.32 -53.58
CA LEU D 107 -21.30 56.43 -54.80
C LEU D 107 -22.16 56.12 -56.00
N THR D 108 -22.23 57.08 -56.91
CA THR D 108 -23.02 56.97 -58.12
C THR D 108 -22.18 57.20 -59.38
N VAL D 109 -21.91 56.14 -60.14
CA VAL D 109 -21.08 56.24 -61.33
C VAL D 109 -21.79 56.95 -62.48
N LEU D 110 -21.04 57.28 -63.53
CA LEU D 110 -21.48 58.29 -64.50
C LEU D 110 -21.31 57.92 -65.97
N GLY D 111 -22.08 56.96 -66.45
CA GLY D 111 -21.93 56.47 -67.80
C GLY D 111 -22.87 57.15 -68.77
N THR D 112 -23.09 56.46 -69.90
CA THR D 112 -24.07 56.82 -70.94
C THR D 112 -25.36 57.43 -70.38
N VAL D 113 -25.92 58.40 -71.11
CA VAL D 113 -27.15 59.08 -70.71
C VAL D 113 -28.32 58.61 -71.56
N ALA D 114 -28.97 57.53 -71.12
CA ALA D 114 -30.08 56.96 -71.86
C ALA D 114 -31.43 57.57 -71.47
N ALA D 115 -32.46 57.24 -72.25
CA ALA D 115 -33.79 57.80 -72.07
C ALA D 115 -34.78 56.72 -71.64
N PRO D 116 -35.84 57.12 -70.90
CA PRO D 116 -36.77 56.18 -70.27
C PRO D 116 -37.84 55.57 -71.20
N SER D 117 -37.78 54.26 -71.42
CA SER D 117 -38.81 53.56 -72.18
C SER D 117 -40.08 53.40 -71.34
N VAL D 118 -41.11 54.17 -71.69
CA VAL D 118 -42.30 54.30 -70.84
C VAL D 118 -43.44 53.31 -71.15
N PHE D 119 -43.98 52.71 -70.10
CA PHE D 119 -45.16 51.85 -70.18
C PHE D 119 -46.25 52.42 -69.28
N ILE D 120 -47.51 52.23 -69.67
CA ILE D 120 -48.60 52.72 -68.83
C ILE D 120 -49.65 51.63 -68.60
N PHE D 121 -49.98 51.41 -67.32
CA PHE D 121 -50.93 50.36 -66.95
C PHE D 121 -52.17 50.93 -66.27
N PRO D 122 -53.36 50.58 -66.79
CA PRO D 122 -54.67 50.80 -66.16
C PRO D 122 -54.84 49.89 -64.94
N PRO D 123 -55.87 50.14 -64.12
CA PRO D 123 -56.12 49.24 -63.00
C PRO D 123 -56.84 47.98 -63.46
N SER D 124 -57.32 47.17 -62.53
CA SER D 124 -58.03 45.96 -62.90
C SER D 124 -59.45 45.96 -62.35
N ASP D 125 -60.33 45.16 -62.96
CA ASP D 125 -61.67 44.93 -62.40
C ASP D 125 -61.44 44.45 -60.98
N GLU D 126 -60.50 43.51 -60.88
CA GLU D 126 -60.06 42.89 -59.63
C GLU D 126 -59.87 43.91 -58.52
N GLN D 127 -59.18 44.99 -58.84
CA GLN D 127 -58.93 46.06 -57.89
C GLN D 127 -60.16 46.93 -57.67
N LEU D 128 -60.84 47.26 -58.76
CA LEU D 128 -61.97 48.19 -58.74
C LEU D 128 -63.06 47.83 -57.73
N LYS D 129 -63.31 46.53 -57.55
CA LYS D 129 -64.38 46.06 -56.65
C LYS D 129 -64.12 46.25 -55.15
N SER D 130 -63.12 47.06 -54.81
CA SER D 130 -62.76 47.22 -53.41
C SER D 130 -62.63 48.69 -53.03
N GLY D 131 -63.07 49.57 -53.93
CA GLY D 131 -63.03 51.00 -53.69
C GLY D 131 -61.63 51.54 -53.89
N THR D 132 -60.97 51.08 -54.95
CA THR D 132 -59.63 51.52 -55.31
C THR D 132 -59.44 51.35 -56.81
N ALA D 133 -58.62 52.21 -57.41
CA ALA D 133 -58.35 52.15 -58.85
C ALA D 133 -57.03 52.83 -59.16
N SER D 134 -55.95 52.05 -59.21
CA SER D 134 -54.59 52.61 -59.18
C SER D 134 -53.85 52.59 -60.52
N VAL D 135 -53.84 53.75 -61.19
CA VAL D 135 -53.13 53.91 -62.45
C VAL D 135 -51.63 54.04 -62.19
N VAL D 136 -50.83 53.47 -63.09
CA VAL D 136 -49.40 53.29 -62.86
C VAL D 136 -48.58 53.53 -64.14
N CYS D 137 -47.41 54.18 -63.98
CA CYS D 137 -46.52 54.45 -65.10
C CYS D 137 -45.08 54.04 -64.78
N LEU D 138 -44.41 53.39 -65.72
CA LEU D 138 -43.04 52.92 -65.55
C LEU D 138 -42.05 53.67 -66.43
N LEU D 139 -40.81 53.81 -65.96
CA LEU D 139 -39.74 54.39 -66.74
C LEU D 139 -38.51 53.47 -66.67
N ASN D 140 -38.31 52.66 -67.71
CA ASN D 140 -37.53 51.44 -67.58
C ASN D 140 -36.02 51.56 -67.34
N ASN D 141 -35.34 52.32 -68.18
CA ASN D 141 -33.89 52.44 -68.07
C ASN D 141 -33.41 53.79 -68.49
N PHE D 142 -33.13 54.62 -67.50
CA PHE D 142 -32.68 55.97 -67.77
C PHE D 142 -31.61 56.44 -66.79
N TYR D 143 -31.12 57.65 -67.03
CA TYR D 143 -30.12 58.33 -66.24
C TYR D 143 -30.73 59.74 -66.29
N PRO D 144 -30.43 60.65 -65.35
CA PRO D 144 -29.89 60.44 -64.06
C PRO D 144 -31.07 60.17 -63.20
N ARG D 145 -31.16 60.71 -61.99
CA ARG D 145 -32.18 60.28 -61.04
C ARG D 145 -33.55 60.99 -61.06
N GLU D 146 -33.82 61.82 -62.08
CA GLU D 146 -35.20 62.32 -62.26
C GLU D 146 -35.58 62.72 -63.68
N ALA D 147 -36.87 63.04 -63.81
CA ALA D 147 -37.45 63.62 -65.01
C ALA D 147 -38.80 64.21 -64.61
N LYS D 148 -39.33 65.08 -65.45
CA LYS D 148 -40.64 65.66 -65.19
C LYS D 148 -41.75 64.66 -65.48
N VAL D 149 -42.41 64.20 -64.43
CA VAL D 149 -43.57 63.33 -64.57
C VAL D 149 -44.81 64.11 -64.13
N GLN D 150 -45.96 63.81 -64.74
CA GLN D 150 -47.18 64.57 -64.48
C GLN D 150 -48.42 63.78 -64.92
N TRP D 151 -49.49 63.87 -64.15
CA TRP D 151 -50.68 63.07 -64.45
C TRP D 151 -51.78 63.83 -65.19
N LYS D 152 -52.53 63.09 -66.00
CA LYS D 152 -53.47 63.66 -66.97
C LYS D 152 -54.89 63.11 -66.81
N VAL D 153 -55.56 63.49 -65.72
CA VAL D 153 -56.92 63.06 -65.43
C VAL D 153 -57.92 63.88 -66.23
N ASP D 154 -58.12 63.51 -67.49
CA ASP D 154 -58.86 64.32 -68.44
C ASP D 154 -58.35 65.77 -68.40
N ASN D 155 -57.07 65.91 -68.73
CA ASN D 155 -56.39 67.19 -68.85
C ASN D 155 -56.17 67.98 -67.55
N ALA D 156 -56.53 67.39 -66.41
CA ALA D 156 -56.31 68.03 -65.12
C ALA D 156 -54.93 67.67 -64.55
N LEU D 157 -54.04 68.65 -64.49
CA LEU D 157 -52.69 68.44 -63.97
C LEU D 157 -52.73 68.20 -62.45
N GLN D 158 -52.95 66.95 -62.05
CA GLN D 158 -53.20 66.63 -60.65
C GLN D 158 -51.94 66.54 -59.78
N SER D 159 -52.07 67.00 -58.54
CA SER D 159 -51.01 66.91 -57.54
C SER D 159 -51.64 66.66 -56.18
N GLY D 160 -51.06 65.74 -55.41
CA GLY D 160 -51.61 65.33 -54.14
C GLY D 160 -52.03 63.87 -54.19
N ASN D 161 -51.75 63.25 -55.34
CA ASN D 161 -52.09 61.85 -55.58
C ASN D 161 -51.01 61.12 -56.36
N SER D 162 -49.92 61.82 -56.66
CA SER D 162 -48.82 61.26 -57.43
C SER D 162 -47.72 60.72 -56.51
N GLN D 163 -47.39 59.43 -56.65
CA GLN D 163 -46.44 58.78 -55.75
C GLN D 163 -45.12 58.42 -56.43
N GLU D 164 -44.03 58.42 -55.66
CA GLU D 164 -42.72 58.09 -56.20
C GLU D 164 -42.01 56.96 -55.49
N SER D 165 -41.20 56.25 -56.25
CA SER D 165 -40.29 55.22 -55.76
C SER D 165 -39.35 54.88 -56.90
N VAL D 166 -38.12 54.50 -56.58
CA VAL D 166 -37.08 54.33 -57.59
C VAL D 166 -36.09 53.23 -57.22
N THR D 167 -35.64 52.48 -58.22
CA THR D 167 -34.65 51.43 -58.01
C THR D 167 -33.26 52.04 -57.73
N GLU D 168 -32.29 51.19 -57.39
CA GLU D 168 -30.93 51.66 -57.23
C GLU D 168 -30.21 51.56 -58.58
N GLN D 169 -29.11 52.31 -58.70
CA GLN D 169 -28.33 52.36 -59.94
C GLN D 169 -27.94 50.96 -60.41
N ASP D 170 -28.43 50.58 -61.58
CA ASP D 170 -28.22 49.23 -62.10
C ASP D 170 -26.74 48.88 -62.16
N SER D 171 -26.40 47.76 -61.53
CA SER D 171 -25.01 47.32 -61.42
C SER D 171 -24.32 47.06 -62.77
N LYS D 172 -25.10 47.05 -63.86
CA LYS D 172 -24.53 46.80 -65.17
C LYS D 172 -24.49 48.10 -66.00
N ASP D 173 -25.67 48.60 -66.36
CA ASP D 173 -25.77 49.76 -67.25
C ASP D 173 -25.91 51.09 -66.52
N SER D 174 -25.81 51.05 -65.19
CA SER D 174 -25.78 52.25 -64.37
C SER D 174 -27.06 53.09 -64.45
N THR D 175 -28.18 52.42 -64.76
CA THR D 175 -29.47 53.11 -64.96
C THR D 175 -30.44 52.97 -63.79
N TYR D 176 -31.38 53.90 -63.70
CA TYR D 176 -32.44 53.86 -62.70
C TYR D 176 -33.77 53.40 -63.30
N SER D 177 -34.79 53.32 -62.46
CA SER D 177 -36.16 53.06 -62.89
C SER D 177 -37.08 53.76 -61.92
N LEU D 178 -38.19 54.31 -62.42
CA LEU D 178 -39.08 55.09 -61.58
C LEU D 178 -40.50 54.55 -61.59
N SER D 179 -41.13 54.60 -60.42
CA SER D 179 -42.52 54.18 -60.29
C SER D 179 -43.41 55.38 -60.00
N SER D 180 -44.38 55.59 -60.88
CA SER D 180 -45.29 56.73 -60.81
C SER D 180 -46.72 56.20 -60.74
N THR D 181 -47.39 56.47 -59.62
CA THR D 181 -48.68 55.85 -59.36
C THR D 181 -49.83 56.86 -59.33
N LEU D 182 -51.01 56.39 -58.93
CA LEU D 182 -52.17 57.27 -58.85
C LEU D 182 -53.17 56.84 -57.80
N THR D 183 -53.48 57.74 -56.89
CA THR D 183 -54.53 57.51 -55.91
C THR D 183 -55.86 57.90 -56.49
N LEU D 184 -56.70 56.91 -56.76
CA LEU D 184 -58.05 57.15 -57.24
C LEU D 184 -58.96 56.05 -56.74
N SER D 185 -59.66 56.30 -55.63
CA SER D 185 -60.70 55.37 -55.20
C SER D 185 -61.77 55.39 -56.27
N LYS D 186 -62.58 54.33 -56.35
CA LYS D 186 -63.56 54.17 -57.42
C LYS D 186 -64.39 55.43 -57.70
N ALA D 187 -64.44 56.34 -56.72
CA ALA D 187 -65.25 57.54 -56.80
C ALA D 187 -64.75 58.56 -57.83
N ASP D 188 -63.57 59.13 -57.60
CA ASP D 188 -63.03 60.15 -58.50
C ASP D 188 -62.59 59.60 -59.86
N TYR D 189 -62.91 58.33 -60.12
CA TYR D 189 -62.48 57.61 -61.31
C TYR D 189 -63.63 57.52 -62.33
N GLU D 190 -64.59 58.43 -62.21
CA GLU D 190 -65.89 58.25 -62.84
C GLU D 190 -66.16 58.94 -64.18
N LYS D 191 -66.24 60.28 -64.20
CA LYS D 191 -66.58 60.98 -65.44
C LYS D 191 -65.34 61.39 -66.23
N HIS D 192 -64.47 60.42 -66.50
CA HIS D 192 -63.21 60.68 -67.18
C HIS D 192 -62.85 59.54 -68.13
N LYS D 193 -62.73 59.84 -69.41
CA LYS D 193 -62.50 58.80 -70.41
C LYS D 193 -61.03 58.55 -70.77
N VAL D 194 -60.25 59.62 -70.87
CA VAL D 194 -58.86 59.50 -71.32
C VAL D 194 -57.83 59.69 -70.18
N TYR D 195 -56.76 58.90 -70.22
CA TYR D 195 -55.72 58.90 -69.18
C TYR D 195 -54.31 58.81 -69.77
N ALA D 196 -53.50 59.86 -69.59
CA ALA D 196 -52.21 59.96 -70.27
C ALA D 196 -50.98 60.16 -69.38
N CYS D 197 -49.86 59.54 -69.77
CA CYS D 197 -48.60 59.67 -69.03
C CYS D 197 -47.53 60.30 -69.93
N GLU D 198 -47.00 61.44 -69.50
CA GLU D 198 -45.99 62.16 -70.28
C GLU D 198 -44.78 62.55 -69.45
N VAL D 199 -43.58 62.22 -69.95
CA VAL D 199 -42.35 62.41 -69.19
C VAL D 199 -41.25 63.19 -69.92
N THR D 200 -40.91 64.35 -69.38
CA THR D 200 -39.86 65.20 -69.94
C THR D 200 -38.50 64.85 -69.36
N HIS D 201 -37.64 64.28 -70.18
CA HIS D 201 -36.32 63.87 -69.71
C HIS D 201 -35.20 64.50 -70.56
N GLN D 202 -34.03 64.70 -69.95
CA GLN D 202 -32.92 65.34 -70.66
C GLN D 202 -32.12 64.34 -71.50
N GLY D 203 -32.82 63.37 -72.08
CA GLY D 203 -32.19 62.33 -72.88
C GLY D 203 -33.02 61.91 -74.06
N LEU D 204 -34.27 62.35 -74.10
CA LEU D 204 -35.14 62.09 -75.25
C LEU D 204 -34.99 63.27 -76.21
N SER D 205 -35.76 63.26 -77.28
CA SER D 205 -35.77 64.35 -78.23
C SER D 205 -36.53 65.54 -77.63
N SER D 206 -37.55 65.21 -76.84
CA SER D 206 -38.44 66.17 -76.17
C SER D 206 -39.35 65.41 -75.19
N PRO D 207 -40.19 66.12 -74.41
CA PRO D 207 -41.18 65.46 -73.54
C PRO D 207 -42.09 64.43 -74.24
N VAL D 208 -41.89 63.16 -73.97
CA VAL D 208 -42.62 62.08 -74.65
C VAL D 208 -43.83 61.51 -73.87
N THR D 209 -44.79 60.94 -74.61
CA THR D 209 -46.04 60.47 -74.01
C THR D 209 -46.47 59.05 -74.46
N LYS D 210 -46.89 58.24 -73.48
CA LYS D 210 -47.51 56.93 -73.74
C LYS D 210 -48.81 56.82 -72.95
N SER D 211 -49.94 56.80 -73.66
CA SER D 211 -51.26 56.93 -73.01
C SER D 211 -52.18 55.71 -73.11
N PHE D 212 -53.23 55.72 -72.30
CA PHE D 212 -54.24 54.65 -72.30
C PHE D 212 -55.67 55.21 -72.22
N ASN D 213 -56.62 54.53 -72.87
CA ASN D 213 -58.03 54.92 -72.80
C ASN D 213 -58.89 53.94 -71.99
N ARG D 214 -59.95 54.47 -71.39
CA ARG D 214 -60.76 53.75 -70.42
C ARG D 214 -61.67 52.67 -71.02
N GLY D 215 -61.38 51.43 -70.68
CA GLY D 215 -62.20 50.32 -71.14
C GLY D 215 -62.21 50.12 -72.63
N GLU D 216 -61.04 50.20 -73.25
CA GLU D 216 -60.86 49.78 -74.63
C GLU D 216 -60.95 48.26 -74.69
N CYS D 217 -60.67 47.73 -75.89
CA CYS D 217 -60.64 46.30 -76.27
C CYS D 217 -61.71 45.96 -77.29
N GLU E 1 0.86 -44.97 47.45
CA GLU E 1 2.06 -44.31 46.93
C GLU E 1 2.60 -45.03 45.72
N VAL E 2 3.88 -44.79 45.46
CA VAL E 2 4.53 -45.40 44.32
C VAL E 2 5.04 -46.78 44.68
N GLN E 3 4.55 -47.79 43.98
CA GLN E 3 4.91 -49.15 44.33
C GLN E 3 5.28 -49.94 43.08
N LEU E 4 6.46 -50.55 43.11
CA LEU E 4 6.84 -51.54 42.10
C LEU E 4 7.00 -52.92 42.74
N VAL E 5 6.03 -53.81 42.52
CA VAL E 5 6.01 -55.09 43.22
C VAL E 5 6.26 -56.30 42.32
N GLN E 6 7.33 -57.03 42.63
CA GLN E 6 7.80 -58.12 41.78
C GLN E 6 7.44 -59.49 42.30
N SER E 7 7.60 -60.48 41.42
CA SER E 7 7.30 -61.87 41.71
C SER E 7 8.07 -62.42 42.91
N GLY E 8 7.57 -63.50 43.46
CA GLY E 8 8.32 -64.25 44.44
C GLY E 8 9.57 -64.83 43.77
N ALA E 9 10.54 -65.23 44.60
CA ALA E 9 11.84 -65.68 44.09
C ALA E 9 11.72 -66.94 43.23
N GLU E 10 12.74 -67.20 42.43
CA GLU E 10 12.68 -68.30 41.48
C GLU E 10 13.89 -69.26 41.56
N VAL E 11 13.64 -70.50 41.17
CA VAL E 11 14.70 -71.48 41.06
C VAL E 11 14.48 -72.20 39.74
N LYS E 12 15.47 -72.17 38.86
CA LYS E 12 15.30 -72.73 37.54
C LYS E 12 16.50 -73.57 37.13
N LYS E 13 16.24 -74.66 36.43
CA LYS E 13 17.30 -75.51 35.92
C LYS E 13 17.84 -75.03 34.59
N PRO E 14 19.15 -75.24 34.34
CA PRO E 14 19.80 -74.91 33.06
C PRO E 14 19.04 -75.40 31.85
N GLY E 15 18.83 -74.51 30.87
CA GLY E 15 18.10 -74.81 29.66
C GLY E 15 16.68 -74.27 29.70
N GLU E 16 16.24 -73.88 30.90
CA GLU E 16 14.89 -73.38 31.07
C GLU E 16 14.78 -71.86 30.90
N SER E 17 13.55 -71.38 30.98
CA SER E 17 13.29 -69.97 30.78
C SER E 17 12.59 -69.32 31.97
N LEU E 18 13.17 -68.21 32.40
CA LEU E 18 12.69 -67.39 33.50
C LEU E 18 11.63 -66.41 33.01
N LYS E 19 10.71 -66.00 33.88
CA LYS E 19 9.75 -64.95 33.54
C LYS E 19 9.20 -64.12 34.72
N ILE E 20 10.03 -63.22 35.25
CA ILE E 20 9.63 -62.29 36.33
C ILE E 20 8.55 -61.28 35.90
N SER E 21 7.75 -60.80 36.85
CA SER E 21 6.67 -59.83 36.62
C SER E 21 6.91 -58.65 37.53
N CYS E 22 6.56 -57.46 37.06
CA CYS E 22 6.64 -56.26 37.89
C CYS E 22 5.38 -55.44 37.78
N LYS E 23 4.65 -55.28 38.89
CA LYS E 23 3.40 -54.53 38.85
C LYS E 23 3.53 -53.18 39.53
N GLY E 24 3.40 -52.13 38.74
CA GLY E 24 3.46 -50.77 39.27
C GLY E 24 2.09 -50.25 39.63
N SER E 25 2.04 -49.45 40.68
CA SER E 25 0.80 -48.86 41.16
C SER E 25 1.02 -47.41 41.55
N GLY E 26 -0.06 -46.70 41.88
CA GLY E 26 0.05 -45.39 42.49
C GLY E 26 0.74 -44.31 41.66
N TYR E 27 1.20 -44.70 40.49
CA TYR E 27 1.64 -43.74 39.51
C TYR E 27 1.03 -44.17 38.18
N SER E 28 0.89 -43.23 37.26
CA SER E 28 0.31 -43.53 35.95
C SER E 28 1.26 -44.44 35.15
N PHE E 29 0.90 -45.71 35.05
CA PHE E 29 1.79 -46.73 34.50
C PHE E 29 2.29 -46.49 33.07
N THR E 30 1.46 -45.97 32.18
CA THR E 30 1.89 -45.76 30.80
C THR E 30 2.84 -44.57 30.69
N SER E 31 2.81 -43.70 31.68
CA SER E 31 3.53 -42.44 31.55
C SER E 31 5.06 -42.59 31.58
N TYR E 32 5.57 -43.62 32.29
CA TYR E 32 7.01 -43.78 32.50
C TYR E 32 7.59 -45.01 31.78
N TRP E 33 8.91 -45.01 31.54
CA TRP E 33 9.58 -46.22 31.08
C TRP E 33 9.92 -47.13 32.29
N ILE E 34 10.09 -48.41 32.04
CA ILE E 34 10.50 -49.32 33.09
C ILE E 34 11.78 -50.02 32.66
N GLY E 35 12.74 -50.14 33.56
CA GLY E 35 14.01 -50.78 33.25
C GLY E 35 14.28 -51.98 34.12
N TRP E 36 15.17 -52.85 33.66
CA TRP E 36 15.61 -54.03 34.44
C TRP E 36 17.12 -54.13 34.68
N VAL E 37 17.49 -54.23 35.94
CA VAL E 37 18.89 -54.40 36.34
C VAL E 37 18.96 -55.62 37.22
N ARG E 38 20.08 -56.34 37.18
CA ARG E 38 20.32 -57.49 38.05
C ARG E 38 21.66 -57.42 38.76
N GLN E 39 21.76 -58.13 39.88
CA GLN E 39 22.96 -58.15 40.74
C GLN E 39 23.34 -59.58 41.10
N ALA E 40 24.32 -60.13 40.39
CA ALA E 40 24.85 -61.45 40.73
C ALA E 40 25.39 -61.37 42.15
N PRO E 41 25.21 -62.43 42.96
CA PRO E 41 25.63 -62.47 44.37
C PRO E 41 26.95 -61.71 44.66
N GLY E 42 26.86 -60.71 45.54
CA GLY E 42 27.95 -59.84 45.90
C GLY E 42 28.74 -59.25 44.73
N GLN E 43 28.07 -58.51 43.87
CA GLN E 43 28.75 -58.04 42.67
C GLN E 43 28.08 -56.81 42.13
N GLY E 44 28.52 -56.42 40.93
CA GLY E 44 28.05 -55.21 40.29
C GLY E 44 26.61 -55.26 39.82
N LEU E 45 26.00 -54.07 39.75
CA LEU E 45 24.75 -53.84 39.02
C LEU E 45 24.92 -54.04 37.50
N GLU E 46 23.97 -54.70 36.87
CA GLU E 46 24.05 -54.88 35.42
C GLU E 46 22.69 -54.60 34.71
N TRP E 47 22.61 -53.41 34.11
CA TRP E 47 21.43 -53.01 33.32
C TRP E 47 21.12 -54.04 32.22
N MET E 48 19.87 -54.49 32.16
CA MET E 48 19.45 -55.50 31.20
C MET E 48 18.76 -54.85 29.99
N GLY E 49 17.97 -53.83 30.26
CA GLY E 49 17.22 -53.13 29.24
C GLY E 49 16.07 -52.28 29.79
N TRP E 50 15.36 -51.60 28.90
CA TRP E 50 14.16 -50.88 29.33
C TRP E 50 12.97 -50.97 28.37
N ILE E 51 11.77 -50.74 28.90
CA ILE E 51 10.56 -50.79 28.07
C ILE E 51 9.81 -49.47 28.10
N SER E 52 9.28 -49.07 26.95
CA SER E 52 8.28 -48.01 26.94
C SER E 52 6.92 -48.60 27.31
N ALA E 53 6.39 -48.18 28.44
CA ALA E 53 5.07 -48.63 28.86
C ALA E 53 3.99 -47.82 28.16
N TYR E 54 4.39 -46.96 27.24
CA TYR E 54 3.45 -46.19 26.46
C TYR E 54 3.35 -46.66 25.02
N ASN E 55 4.45 -47.14 24.46
CA ASN E 55 4.46 -47.42 23.05
C ASN E 55 5.15 -48.75 22.74
N GLY E 56 5.78 -49.31 23.79
CA GLY E 56 6.29 -50.67 23.76
C GLY E 56 7.69 -50.80 23.24
N ASN E 57 8.32 -49.67 22.90
CA ASN E 57 9.70 -49.66 22.43
C ASN E 57 10.67 -50.18 23.49
N THR E 58 11.70 -50.91 23.05
CA THR E 58 12.65 -51.58 23.99
C THR E 58 14.11 -51.50 23.56
N ASN E 59 14.97 -51.07 24.47
CA ASN E 59 16.40 -51.30 24.30
C ASN E 59 16.93 -52.42 25.21
N TYR E 60 17.80 -53.25 24.64
CA TYR E 60 18.37 -54.41 25.34
C TYR E 60 19.90 -54.33 25.55
N ALA E 61 20.48 -55.39 26.07
CA ALA E 61 21.80 -55.25 26.69
C ALA E 61 23.03 -55.43 25.81
N GLN E 62 22.90 -56.23 24.75
CA GLN E 62 23.97 -56.67 23.81
C GLN E 62 24.78 -57.90 24.20
N LYS E 63 24.41 -58.45 25.37
CA LYS E 63 25.06 -59.62 25.97
C LYS E 63 23.90 -60.56 26.24
N LEU E 64 22.73 -59.98 26.43
CA LEU E 64 21.53 -60.76 26.64
C LEU E 64 20.77 -60.97 25.34
N GLN E 65 21.09 -60.16 24.32
CA GLN E 65 20.39 -60.25 23.02
C GLN E 65 20.22 -61.71 22.59
N GLY E 66 19.11 -61.98 21.92
CA GLY E 66 18.70 -63.32 21.55
C GLY E 66 17.83 -63.90 22.65
N ARG E 67 18.03 -63.41 23.87
CA ARG E 67 17.55 -64.15 25.05
C ARG E 67 16.57 -63.41 25.92
N VAL E 68 16.48 -62.09 25.75
CA VAL E 68 15.51 -61.31 26.52
C VAL E 68 14.24 -60.93 25.74
N THR E 69 13.25 -60.45 26.48
CA THR E 69 12.02 -59.89 25.92
C THR E 69 11.33 -59.19 27.07
N MET E 70 11.18 -57.88 26.98
CA MET E 70 10.31 -57.20 27.94
C MET E 70 9.04 -56.79 27.24
N THR E 71 7.96 -56.82 28.00
CA THR E 71 6.67 -56.47 27.48
C THR E 71 5.97 -55.77 28.62
N THR E 72 4.85 -55.11 28.30
CA THR E 72 3.95 -54.62 29.35
C THR E 72 2.55 -55.00 28.98
N ASP E 73 1.64 -54.72 29.89
CA ASP E 73 0.23 -54.96 29.67
C ASP E 73 -0.52 -53.88 30.42
N THR E 74 -0.93 -52.86 29.67
CA THR E 74 -1.48 -51.65 30.22
C THR E 74 -2.69 -51.90 31.10
N SER E 75 -3.55 -52.80 30.62
CA SER E 75 -4.78 -53.18 31.31
C SER E 75 -4.55 -53.60 32.73
N THR E 76 -3.43 -54.26 32.97
CA THR E 76 -3.12 -54.75 34.32
C THR E 76 -1.92 -54.08 34.99
N SER E 77 -1.31 -53.08 34.35
CA SER E 77 -0.20 -52.31 34.94
C SER E 77 1.02 -53.13 35.32
N THR E 78 1.41 -54.07 34.45
CA THR E 78 2.50 -54.97 34.76
C THR E 78 3.55 -55.03 33.65
N ALA E 79 4.82 -55.20 34.02
CA ALA E 79 5.90 -55.43 33.07
C ALA E 79 6.44 -56.82 33.23
N TYR E 80 6.92 -57.40 32.14
CA TYR E 80 7.32 -58.79 32.09
C TYR E 80 8.71 -59.04 31.52
N MET E 81 9.73 -58.95 32.36
CA MET E 81 11.06 -59.42 32.00
C MET E 81 10.99 -60.93 31.70
N GLU E 82 11.66 -61.37 30.65
CA GLU E 82 11.68 -62.79 30.34
C GLU E 82 13.05 -63.20 29.84
N LEU E 83 13.72 -64.05 30.62
CA LEU E 83 15.02 -64.56 30.24
C LEU E 83 14.97 -66.05 29.90
N ARG E 84 15.14 -66.35 28.62
CA ARG E 84 15.14 -67.72 28.12
C ARG E 84 16.55 -68.31 28.12
N SER E 85 16.63 -69.62 27.84
CA SER E 85 17.88 -70.39 27.81
C SER E 85 18.86 -70.02 28.92
N LEU E 86 18.32 -69.94 30.13
CA LEU E 86 19.05 -69.79 31.38
C LEU E 86 20.14 -70.86 31.53
N ARG E 87 21.36 -70.44 31.82
CA ARG E 87 22.46 -71.40 31.88
C ARG E 87 23.45 -70.92 32.94
N SER E 88 23.27 -71.40 34.17
CA SER E 88 23.77 -70.73 35.38
C SER E 88 23.20 -69.37 35.02
N ASP E 89 23.90 -68.23 35.06
CA ASP E 89 24.87 -67.72 36.01
C ASP E 89 24.18 -66.37 36.12
N ASP E 90 23.05 -66.32 35.41
CA ASP E 90 22.00 -65.34 35.50
C ASP E 90 21.51 -65.22 36.94
N THR E 91 21.82 -66.22 37.75
CA THR E 91 21.62 -66.16 39.19
C THR E 91 21.90 -64.70 39.58
N ALA E 92 20.91 -64.03 40.16
CA ALA E 92 21.09 -62.65 40.61
C ALA E 92 19.86 -62.13 41.36
N VAL E 93 19.80 -60.81 41.57
CA VAL E 93 18.69 -60.21 42.34
C VAL E 93 17.54 -59.68 41.48
N TYR E 94 17.81 -59.27 40.24
CA TYR E 94 16.73 -58.89 39.30
C TYR E 94 15.64 -57.83 39.58
N TYR E 95 16.06 -56.61 39.90
CA TYR E 95 15.10 -55.53 40.05
C TYR E 95 14.42 -54.98 38.80
N CYS E 96 13.22 -54.46 38.97
CA CYS E 96 12.64 -53.64 37.93
C CYS E 96 12.42 -52.28 38.58
N ALA E 97 12.65 -51.21 37.82
CA ALA E 97 12.62 -49.85 38.36
C ALA E 97 12.00 -48.86 37.37
N ARG E 98 11.48 -47.76 37.93
CA ARG E 98 10.78 -46.73 37.16
C ARG E 98 11.69 -45.60 36.73
N GLU E 99 11.82 -45.44 35.42
CA GLU E 99 12.88 -44.66 34.79
C GLU E 99 12.57 -43.19 34.58
N GLY E 100 13.38 -42.33 35.20
CA GLY E 100 13.33 -40.90 35.01
C GLY E 100 14.33 -40.54 33.94
N ASP E 101 15.11 -39.49 34.16
CA ASP E 101 15.99 -38.95 33.12
C ASP E 101 17.21 -39.82 32.84
N GLY E 102 16.97 -40.97 32.25
CA GLY E 102 18.01 -41.95 32.05
C GLY E 102 18.29 -42.67 33.35
N ALA E 103 17.58 -42.27 34.41
CA ALA E 103 17.89 -42.76 35.77
C ALA E 103 16.67 -43.24 36.54
N PHE E 104 16.82 -44.30 37.33
CA PHE E 104 15.72 -44.94 38.06
C PHE E 104 15.55 -44.41 39.48
N ASP E 105 14.34 -43.95 39.81
CA ASP E 105 14.04 -43.35 41.12
C ASP E 105 13.13 -44.19 42.04
N TYR E 106 12.66 -45.33 41.57
CA TYR E 106 11.74 -46.17 42.34
C TYR E 106 11.95 -47.59 41.86
N TRP E 107 12.32 -48.48 42.79
CA TRP E 107 12.63 -49.86 42.46
C TRP E 107 11.54 -50.84 42.89
N GLY E 108 11.66 -52.08 42.40
CA GLY E 108 10.96 -53.20 42.97
C GLY E 108 11.66 -53.71 44.24
N GLN E 109 11.06 -54.71 44.87
CA GLN E 109 11.60 -55.27 46.10
C GLN E 109 12.85 -56.13 45.80
N GLY E 110 12.83 -56.78 44.64
CA GLY E 110 13.90 -57.67 44.23
C GLY E 110 13.27 -58.99 43.85
N THR E 111 14.02 -59.79 43.08
CA THR E 111 13.59 -61.15 42.78
C THR E 111 14.80 -62.04 42.55
N LEU E 112 15.13 -62.77 43.61
CA LEU E 112 16.18 -63.77 43.59
C LEU E 112 15.80 -64.84 42.60
N VAL E 113 16.57 -64.94 41.52
CA VAL E 113 16.43 -66.05 40.60
C VAL E 113 17.70 -66.87 40.68
N THR E 114 17.53 -68.14 41.05
CA THR E 114 18.66 -69.00 41.31
C THR E 114 18.72 -70.08 40.23
N VAL E 115 19.86 -70.14 39.55
CA VAL E 115 20.07 -71.12 38.50
C VAL E 115 21.33 -71.95 38.78
N SER E 116 21.13 -73.13 39.39
CA SER E 116 22.20 -74.10 39.57
C SER E 116 21.67 -75.47 39.14
N SER E 117 22.58 -76.39 38.89
CA SER E 117 22.20 -77.68 38.30
C SER E 117 21.67 -78.63 39.36
N ALA E 118 22.01 -78.35 40.62
CA ALA E 118 21.74 -79.27 41.72
C ALA E 118 20.34 -79.09 42.29
N SER E 119 19.85 -80.10 43.00
CA SER E 119 18.50 -80.07 43.56
C SER E 119 18.50 -79.52 44.99
N THR E 120 17.32 -79.44 45.61
CA THR E 120 17.20 -78.72 46.87
C THR E 120 17.33 -79.55 48.18
N LYS E 121 18.29 -79.15 49.02
CA LYS E 121 18.54 -79.79 50.30
C LYS E 121 18.58 -78.73 51.38
N GLY E 122 18.11 -79.05 52.58
CA GLY E 122 18.04 -78.09 53.67
C GLY E 122 19.30 -77.92 54.51
N PRO E 123 19.23 -77.02 55.53
CA PRO E 123 20.38 -76.64 56.36
C PRO E 123 20.70 -77.67 57.46
N SER E 124 21.57 -77.26 58.39
CA SER E 124 22.00 -78.13 59.49
C SER E 124 21.97 -77.36 60.81
N VAL E 125 20.81 -77.40 61.46
CA VAL E 125 20.49 -76.57 62.63
C VAL E 125 21.19 -77.04 63.92
N PHE E 126 22.16 -76.26 64.38
CA PHE E 126 23.01 -76.65 65.51
C PHE E 126 23.18 -75.52 66.52
N PRO E 127 22.86 -75.77 67.81
CA PRO E 127 23.13 -74.78 68.88
C PRO E 127 24.55 -74.79 69.53
N LEU E 128 25.41 -73.84 69.14
CA LEU E 128 26.67 -73.55 69.86
C LEU E 128 26.32 -72.99 71.25
N ALA E 129 27.06 -73.40 72.29
CA ALA E 129 26.65 -73.07 73.66
C ALA E 129 27.64 -72.34 74.59
N PRO E 130 27.13 -71.40 75.42
CA PRO E 130 27.85 -70.50 76.34
C PRO E 130 27.39 -70.40 77.81
N SER E 131 28.29 -70.75 78.73
CA SER E 131 28.10 -70.46 80.15
C SER E 131 29.25 -69.54 80.57
N SER E 132 29.58 -69.51 81.86
CA SER E 132 30.75 -68.78 82.32
C SER E 132 32.01 -69.18 81.58
N LYS E 133 32.01 -70.42 81.11
CA LYS E 133 33.07 -70.93 80.23
C LYS E 133 33.19 -70.01 79.02
N SER E 134 32.08 -69.35 78.68
CA SER E 134 32.05 -68.38 77.59
C SER E 134 31.81 -66.95 78.10
N THR E 135 32.50 -66.56 79.16
CA THR E 135 32.40 -65.19 79.65
C THR E 135 33.65 -64.36 79.35
N SER E 136 33.46 -63.24 78.66
CA SER E 136 34.55 -62.30 78.36
C SER E 136 34.57 -61.16 79.37
N GLY E 137 34.23 -61.47 80.62
CA GLY E 137 34.30 -60.51 81.70
C GLY E 137 33.08 -59.61 81.85
N GLY E 138 31.91 -60.14 81.53
CA GLY E 138 30.66 -59.43 81.78
C GLY E 138 29.68 -59.28 80.63
N THR E 139 29.99 -59.87 79.47
CA THR E 139 29.09 -59.86 78.31
C THR E 139 29.23 -61.16 77.51
N ALA E 140 28.14 -61.63 76.91
CA ALA E 140 28.13 -62.95 76.28
C ALA E 140 27.92 -62.98 74.77
N ALA E 141 28.09 -64.18 74.23
CA ALA E 141 27.78 -64.45 72.84
C ALA E 141 27.37 -65.91 72.66
N LEU E 142 26.41 -66.10 71.74
CA LEU E 142 25.87 -67.40 71.37
C LEU E 142 25.03 -67.22 70.12
N GLY E 143 24.92 -68.27 69.34
CA GLY E 143 24.15 -68.26 68.13
C GLY E 143 24.16 -69.63 67.50
N CYS E 144 23.10 -69.99 66.79
CA CYS E 144 23.04 -71.29 66.12
C CYS E 144 24.00 -71.37 64.93
N LEU E 145 23.94 -72.45 64.16
CA LEU E 145 24.80 -72.59 62.99
C LEU E 145 24.14 -73.26 61.78
N VAL E 146 24.56 -72.86 60.58
CA VAL E 146 23.98 -73.34 59.33
C VAL E 146 25.05 -73.83 58.37
N LYS E 147 24.93 -75.07 57.92
CA LYS E 147 25.98 -75.73 57.14
C LYS E 147 25.43 -76.77 56.14
N ASP E 148 25.95 -76.74 54.91
CA ASP E 148 25.61 -77.69 53.83
C ASP E 148 24.13 -77.65 53.34
N TYR E 149 23.70 -76.52 52.77
CA TYR E 149 22.29 -76.32 52.37
C TYR E 149 22.09 -75.75 50.96
N PHE E 150 20.83 -75.71 50.52
CA PHE E 150 20.46 -75.25 49.17
C PHE E 150 18.95 -75.04 49.00
N PRO E 151 18.54 -73.93 48.34
CA PRO E 151 19.26 -72.75 47.87
C PRO E 151 19.02 -71.63 48.84
N GLU E 152 19.44 -70.42 48.49
CA GLU E 152 19.28 -69.26 49.36
C GLU E 152 17.84 -68.71 49.42
N PRO E 153 17.51 -67.93 50.46
CA PRO E 153 18.29 -67.53 51.63
C PRO E 153 17.96 -68.33 52.90
N VAL E 154 18.63 -67.97 54.00
CA VAL E 154 18.37 -68.59 55.29
C VAL E 154 18.14 -67.56 56.38
N THR E 155 16.89 -67.12 56.52
CA THR E 155 16.52 -66.17 57.56
C THR E 155 16.97 -66.69 58.92
N VAL E 156 17.78 -65.91 59.63
CA VAL E 156 18.06 -66.22 61.02
C VAL E 156 17.66 -65.03 61.91
N SER E 157 16.38 -64.99 62.26
CA SER E 157 15.84 -64.00 63.18
C SER E 157 16.24 -64.39 64.59
N TRP E 158 16.01 -63.51 65.54
CA TRP E 158 16.39 -63.80 66.92
C TRP E 158 15.38 -63.43 67.99
N ASN E 159 14.69 -64.46 68.48
CA ASN E 159 13.62 -64.32 69.48
C ASN E 159 12.41 -63.59 68.89
N SER E 160 11.93 -64.09 67.76
CA SER E 160 10.80 -63.50 67.04
C SER E 160 11.13 -62.09 66.53
N GLY E 161 12.42 -61.81 66.34
CA GLY E 161 12.88 -60.50 65.96
C GLY E 161 12.84 -59.53 67.13
N ALA E 162 12.23 -59.98 68.24
CA ALA E 162 12.07 -59.18 69.45
C ALA E 162 13.34 -59.16 70.28
N LEU E 163 14.47 -59.21 69.59
CA LEU E 163 15.78 -58.88 70.12
C LEU E 163 16.68 -58.66 68.93
N THR E 164 16.76 -57.40 68.48
CA THR E 164 17.63 -57.04 67.36
C THR E 164 18.97 -56.50 67.85
N SER E 165 19.30 -56.80 69.11
CA SER E 165 20.51 -56.31 69.76
C SER E 165 21.67 -57.31 69.69
N GLY E 166 22.78 -56.83 69.14
CA GLY E 166 24.02 -57.58 69.14
C GLY E 166 24.08 -58.78 68.23
N VAL E 167 22.98 -58.99 67.50
CA VAL E 167 22.86 -60.06 66.51
C VAL E 167 23.73 -59.77 65.28
N HIS E 168 24.71 -60.62 65.01
CA HIS E 168 25.69 -60.38 63.93
C HIS E 168 25.98 -61.61 63.03
N THR E 169 25.38 -61.61 61.85
CA THR E 169 25.28 -62.78 60.95
C THR E 169 26.22 -62.72 59.72
N PHE E 170 26.63 -63.88 59.20
CA PHE E 170 27.66 -63.96 58.14
C PHE E 170 27.19 -64.36 56.73
N PRO E 171 27.93 -63.91 55.69
CA PRO E 171 27.72 -64.29 54.28
C PRO E 171 27.84 -65.78 54.05
N ALA E 172 26.95 -66.35 53.25
CA ALA E 172 27.04 -67.75 52.87
C ALA E 172 28.26 -67.95 51.99
N VAL E 173 28.96 -69.05 52.21
CA VAL E 173 30.17 -69.34 51.48
C VAL E 173 30.04 -70.70 50.85
N LEU E 174 30.48 -70.84 49.61
CA LEU E 174 30.47 -72.14 48.93
C LEU E 174 31.65 -73.03 49.37
N GLN E 175 31.33 -74.17 49.99
CA GLN E 175 32.33 -75.06 50.57
C GLN E 175 33.05 -75.92 49.52
N SER E 176 33.77 -76.94 49.99
CA SER E 176 34.32 -77.95 49.09
C SER E 176 33.32 -79.09 48.89
N SER E 177 32.20 -79.03 49.61
CA SER E 177 31.14 -80.01 49.45
C SER E 177 29.96 -79.45 48.64
N GLY E 178 30.11 -78.23 48.13
CA GLY E 178 29.21 -77.64 47.16
C GLY E 178 28.00 -76.86 47.68
N LEU E 179 27.82 -76.83 48.99
CA LEU E 179 26.66 -76.19 49.62
C LEU E 179 27.12 -75.27 50.75
N TYR E 180 26.41 -74.16 50.97
CA TYR E 180 26.96 -73.05 51.76
C TYR E 180 26.96 -73.21 53.28
N SER E 181 27.67 -72.33 53.98
CA SER E 181 27.58 -72.25 55.45
C SER E 181 27.79 -70.83 56.00
N LEU E 182 27.55 -70.65 57.31
CA LEU E 182 27.64 -69.33 57.96
C LEU E 182 27.57 -69.44 59.50
N SER E 183 27.32 -68.33 60.17
CA SER E 183 26.95 -68.30 61.60
C SER E 183 25.88 -67.26 61.97
N SER E 184 25.61 -67.10 63.26
CA SER E 184 24.59 -66.14 63.72
C SER E 184 24.59 -65.83 65.24
N VAL E 185 25.59 -65.07 65.69
CA VAL E 185 25.79 -64.80 67.12
C VAL E 185 25.13 -63.49 67.61
N VAL E 186 24.55 -63.57 68.81
CA VAL E 186 23.92 -62.42 69.44
C VAL E 186 24.79 -61.86 70.57
N THR E 187 25.30 -60.65 70.36
CA THR E 187 25.94 -59.89 71.42
C THR E 187 24.84 -59.52 72.39
N VAL E 188 24.93 -60.09 73.58
CA VAL E 188 23.99 -59.82 74.64
C VAL E 188 24.75 -60.00 75.94
N PRO E 189 24.22 -59.41 77.03
CA PRO E 189 24.87 -59.55 78.33
C PRO E 189 25.10 -61.00 78.80
N SER E 190 26.33 -61.28 79.24
CA SER E 190 26.56 -62.37 80.19
C SER E 190 26.33 -61.74 81.55
N SER E 191 25.90 -60.48 81.50
CA SER E 191 24.97 -60.02 82.51
C SER E 191 23.66 -60.84 82.49
N SER E 192 23.20 -61.15 81.27
CA SER E 192 22.16 -62.14 80.95
C SER E 192 22.50 -63.12 79.77
N LEU E 193 21.77 -64.23 79.70
CA LEU E 193 21.96 -65.38 78.80
C LEU E 193 21.12 -66.47 79.41
N GLY E 194 21.00 -67.61 78.73
CA GLY E 194 20.38 -68.81 79.32
C GLY E 194 19.15 -68.52 80.15
N THR E 195 19.35 -68.09 81.39
CA THR E 195 18.39 -67.23 82.02
C THR E 195 17.53 -66.43 81.01
N GLN E 196 18.08 -65.87 79.94
CA GLN E 196 17.21 -65.18 78.95
C GLN E 196 16.96 -65.99 77.67
N THR E 197 15.82 -65.79 77.01
CA THR E 197 15.49 -66.68 75.89
C THR E 197 16.03 -66.17 74.54
N TYR E 198 17.01 -66.91 74.02
CA TYR E 198 17.67 -66.54 72.77
C TYR E 198 17.33 -67.50 71.66
N ILE E 199 16.10 -67.38 71.16
CA ILE E 199 15.55 -68.29 70.18
C ILE E 199 15.83 -67.79 68.75
N CYS E 200 16.38 -68.68 67.92
CA CYS E 200 16.73 -68.31 66.53
C CYS E 200 15.81 -68.94 65.48
N ASN E 201 15.13 -68.07 64.72
CA ASN E 201 14.23 -68.50 63.65
C ASN E 201 14.98 -68.87 62.37
N VAL E 202 15.53 -70.09 62.33
CA VAL E 202 16.35 -70.54 61.20
C VAL E 202 15.50 -71.06 60.03
N ASN E 203 14.74 -70.15 59.42
CA ASN E 203 13.90 -70.48 58.28
C ASN E 203 14.74 -71.00 57.13
N HIS E 204 14.09 -71.76 56.24
CA HIS E 204 14.63 -72.05 54.92
C HIS E 204 13.44 -72.36 54.01
N LYS E 205 12.72 -71.30 53.63
CA LYS E 205 11.55 -71.43 52.74
C LYS E 205 11.80 -72.21 51.45
N PRO E 206 13.04 -72.20 50.93
CA PRO E 206 13.35 -73.20 49.92
C PRO E 206 13.12 -74.66 50.38
N SER E 207 13.33 -74.97 51.66
CA SER E 207 12.98 -76.30 52.18
C SER E 207 11.67 -76.24 52.93
N ASN E 208 11.19 -75.01 53.14
CA ASN E 208 10.05 -74.74 54.00
C ASN E 208 10.18 -75.36 55.38
N THR E 209 11.42 -75.52 55.84
CA THR E 209 11.67 -76.11 57.15
C THR E 209 11.86 -75.02 58.20
N LYS E 210 10.75 -74.41 58.62
CA LYS E 210 10.73 -73.48 59.75
C LYS E 210 11.30 -74.19 60.96
N VAL E 211 12.41 -73.68 61.48
CA VAL E 211 13.06 -74.31 62.63
C VAL E 211 13.20 -73.34 63.80
N ASP E 212 12.64 -73.72 64.93
CA ASP E 212 12.83 -72.98 66.18
C ASP E 212 13.93 -73.68 66.99
N LYS E 213 15.03 -72.98 67.19
CA LYS E 213 16.16 -73.54 67.90
C LYS E 213 16.63 -72.56 68.97
N LYS E 214 16.20 -72.77 70.21
CA LYS E 214 16.54 -71.90 71.33
C LYS E 214 17.89 -72.26 71.93
N VAL E 215 18.73 -71.24 72.16
CA VAL E 215 20.04 -71.48 72.74
C VAL E 215 20.20 -70.88 74.13
N GLU E 216 20.64 -71.72 75.06
CA GLU E 216 20.73 -71.40 76.48
C GLU E 216 22.02 -72.05 77.02
N PRO E 217 22.60 -71.49 78.11
CA PRO E 217 23.55 -72.19 78.99
C PRO E 217 23.19 -73.63 79.46
N GLN F 1 28.72 -55.38 27.66
CA GLN F 1 29.28 -54.20 27.02
C GLN F 1 28.82 -52.96 27.78
N SER F 2 29.74 -52.07 28.17
CA SER F 2 31.20 -52.25 28.12
C SER F 2 31.73 -51.43 29.31
N ALA F 3 31.54 -51.97 30.52
CA ALA F 3 31.43 -51.19 31.78
C ALA F 3 32.39 -50.04 32.14
N LEU F 4 31.83 -49.00 32.75
CA LEU F 4 32.62 -47.87 33.24
C LEU F 4 33.56 -48.27 34.37
N THR F 5 34.56 -47.45 34.67
CA THR F 5 35.53 -47.83 35.69
C THR F 5 35.49 -47.01 36.99
N GLN F 6 35.18 -47.64 38.09
CA GLN F 6 35.52 -47.01 39.39
C GLN F 6 36.41 -47.96 40.32
N PRO F 7 37.03 -47.40 41.39
CA PRO F 7 37.97 -48.11 42.25
C PRO F 7 37.86 -49.01 43.54
N ALA F 8 36.64 -49.08 44.10
CA ALA F 8 36.25 -49.78 45.35
C ALA F 8 36.94 -49.38 46.65
N SER F 9 37.14 -48.08 46.82
CA SER F 9 38.37 -47.62 47.43
C SER F 9 38.30 -46.41 48.35
N VAL F 10 37.29 -45.57 48.19
CA VAL F 10 37.45 -44.17 48.63
C VAL F 10 38.05 -43.92 50.05
N SER F 11 37.67 -44.74 51.02
CA SER F 11 38.08 -44.52 52.42
C SER F 11 37.61 -43.16 52.95
N GLY F 12 38.46 -42.47 53.69
CA GLY F 12 38.11 -41.16 54.23
C GLY F 12 37.79 -41.13 55.73
N SER F 13 37.71 -39.93 56.29
CA SER F 13 37.68 -39.73 57.75
C SER F 13 36.45 -38.95 58.20
N PRO F 14 35.69 -39.52 59.15
CA PRO F 14 34.46 -38.98 59.72
C PRO F 14 34.61 -37.49 59.95
N GLY F 15 33.67 -36.73 59.43
CA GLY F 15 33.77 -35.28 59.41
C GLY F 15 33.92 -34.77 58.00
N GLN F 16 34.78 -35.42 57.22
CA GLN F 16 35.03 -35.02 55.85
C GLN F 16 36.33 -35.63 55.39
N SER F 17 36.42 -36.14 54.16
CA SER F 17 35.37 -36.28 53.14
C SER F 17 36.17 -36.45 51.87
N ILE F 18 35.67 -37.21 50.90
CA ILE F 18 36.45 -37.46 49.68
C ILE F 18 35.44 -37.60 48.51
N THR F 19 35.91 -37.97 47.33
CA THR F 19 35.07 -38.12 46.15
C THR F 19 35.37 -39.44 45.40
N ILE F 20 34.31 -40.04 44.86
CA ILE F 20 34.40 -41.20 43.99
C ILE F 20 34.68 -40.73 42.54
N SER F 21 35.04 -41.65 41.64
CA SER F 21 35.17 -41.30 40.21
C SER F 21 34.52 -42.37 39.30
N CYS F 22 34.25 -42.01 38.03
CA CYS F 22 33.45 -42.89 37.13
C CYS F 22 34.02 -43.92 36.16
N THR F 23 34.87 -43.59 35.20
CA THR F 23 34.81 -42.51 34.29
C THR F 23 34.53 -43.46 33.11
N GLY F 24 34.66 -43.00 31.88
CA GLY F 24 34.20 -43.76 30.71
C GLY F 24 34.24 -42.85 29.50
N THR F 25 33.75 -43.27 28.35
CA THR F 25 34.09 -42.52 27.13
C THR F 25 33.22 -41.34 26.59
N SER F 26 33.68 -40.80 25.46
CA SER F 26 32.95 -39.81 24.72
C SER F 26 31.56 -40.35 24.41
N SER F 27 31.48 -41.66 24.16
CA SER F 27 30.22 -42.30 23.79
C SER F 27 29.28 -42.52 24.95
N ASP F 28 29.76 -42.27 26.16
CA ASP F 28 28.89 -42.45 27.31
C ASP F 28 28.55 -41.43 28.36
N VAL F 29 29.59 -40.89 28.99
CA VAL F 29 29.41 -40.00 30.10
C VAL F 29 30.08 -38.78 29.48
N GLY F 30 31.07 -39.05 28.64
CA GLY F 30 31.80 -38.00 27.95
C GLY F 30 31.04 -37.50 26.74
N GLY F 31 29.77 -37.83 26.70
CA GLY F 31 28.93 -37.33 25.64
C GLY F 31 27.48 -37.12 26.00
N TYR F 32 27.09 -37.20 27.27
CA TYR F 32 25.65 -37.19 27.49
C TYR F 32 24.96 -36.51 28.65
N ASN F 33 25.61 -36.25 29.77
CA ASN F 33 24.87 -35.65 30.90
C ASN F 33 23.65 -36.38 31.44
N TYR F 34 23.39 -37.57 30.96
CA TYR F 34 22.42 -38.39 31.66
C TYR F 34 23.31 -39.32 32.46
N VAL F 35 23.91 -38.76 33.52
CA VAL F 35 24.86 -39.50 34.35
C VAL F 35 24.41 -39.48 35.79
N SER F 36 24.12 -40.67 36.31
CA SER F 36 23.45 -40.80 37.59
C SER F 36 24.21 -41.68 38.58
N TRP F 37 23.92 -41.46 39.87
CA TRP F 37 24.64 -42.11 40.96
C TRP F 37 23.71 -42.88 41.91
N TYR F 38 24.19 -43.98 42.47
CA TYR F 38 23.35 -44.76 43.36
C TYR F 38 24.10 -45.21 44.62
N GLN F 39 23.41 -45.16 45.76
CA GLN F 39 23.95 -45.62 47.05
C GLN F 39 23.32 -46.94 47.48
N GLN F 40 24.04 -48.05 47.33
CA GLN F 40 23.49 -49.34 47.77
C GLN F 40 24.03 -49.84 49.11
N HIS F 41 23.15 -49.86 50.10
CA HIS F 41 23.41 -50.54 51.37
C HIS F 41 23.33 -52.05 51.16
N PRO F 42 23.96 -52.83 52.05
CA PRO F 42 23.94 -54.27 51.77
C PRO F 42 22.54 -54.86 51.76
N GLY F 43 22.26 -55.64 50.71
CA GLY F 43 21.03 -56.41 50.62
C GLY F 43 19.78 -55.55 50.59
N LYS F 44 19.85 -54.46 49.83
CA LYS F 44 18.72 -53.57 49.57
C LYS F 44 18.84 -53.07 48.14
N ALA F 45 17.73 -52.55 47.61
CA ALA F 45 17.74 -51.87 46.33
C ALA F 45 18.62 -50.63 46.49
N PRO F 46 18.87 -50.05 45.35
CA PRO F 46 19.79 -48.96 45.23
C PRO F 46 18.98 -47.75 45.49
N LYS F 47 19.67 -46.76 45.97
CA LYS F 47 19.05 -45.51 46.22
C LYS F 47 19.57 -44.58 45.18
N LEU F 48 18.67 -43.74 44.80
CA LEU F 48 18.82 -42.87 43.67
C LEU F 48 19.35 -41.50 44.03
N MET F 49 20.64 -41.27 43.86
CA MET F 49 21.23 -39.99 44.23
C MET F 49 22.59 -39.98 43.57
N ILE F 50 22.79 -39.17 42.53
CA ILE F 50 21.88 -38.15 42.04
C ILE F 50 21.87 -38.26 40.51
N TYR F 51 21.09 -37.42 39.81
CA TYR F 51 20.84 -37.60 38.35
C TYR F 51 21.22 -36.39 37.53
N ASP F 52 21.31 -36.61 36.21
CA ASP F 52 21.73 -35.58 35.27
C ASP F 52 23.15 -35.06 35.36
N VAL F 53 24.00 -35.80 36.06
CA VAL F 53 25.28 -35.28 36.55
C VAL F 53 24.80 -34.74 37.90
N SER F 54 24.50 -33.45 38.05
CA SER F 54 24.42 -32.88 39.38
C SER F 54 23.06 -32.49 39.94
N LYS F 55 22.17 -33.43 40.25
CA LYS F 55 20.95 -33.01 40.98
C LYS F 55 20.20 -34.03 41.86
N ARG F 56 19.73 -33.53 43.00
CA ARG F 56 19.22 -34.32 44.11
C ARG F 56 17.70 -34.40 44.24
N PRO F 57 17.16 -35.63 44.19
CA PRO F 57 15.78 -35.92 44.59
C PRO F 57 15.43 -35.39 45.98
N SER F 58 14.15 -35.36 46.30
CA SER F 58 13.73 -34.94 47.63
C SER F 58 14.28 -35.92 48.66
N GLY F 59 14.61 -35.39 49.83
CA GLY F 59 15.09 -36.21 50.94
C GLY F 59 16.57 -36.54 50.90
N VAL F 60 17.18 -36.38 49.74
CA VAL F 60 18.61 -36.64 49.59
C VAL F 60 19.43 -35.55 50.28
N SER F 61 20.46 -35.97 51.01
CA SER F 61 21.24 -35.05 51.84
C SER F 61 22.04 -34.00 51.06
N ASN F 62 22.05 -32.79 51.60
CA ASN F 62 22.93 -31.75 51.13
C ASN F 62 24.33 -32.25 51.04
N ARG F 63 25.03 -31.72 50.05
CA ARG F 63 26.42 -32.07 49.83
C ARG F 63 26.62 -33.56 49.47
N PHE F 64 25.58 -34.17 48.90
CA PHE F 64 25.76 -35.06 47.74
C PHE F 64 25.83 -34.19 46.49
N SER F 65 26.97 -34.22 45.80
CA SER F 65 27.19 -33.33 44.66
C SER F 65 28.06 -33.87 43.53
N GLY F 66 27.44 -34.53 42.56
CA GLY F 66 28.18 -34.98 41.40
C GLY F 66 28.29 -33.93 40.33
N SER F 67 29.41 -33.94 39.61
CA SER F 67 29.60 -33.04 38.48
C SER F 67 30.95 -33.49 37.97
N LYS F 68 31.22 -33.09 36.73
CA LYS F 68 32.58 -32.80 36.27
C LYS F 68 32.77 -33.08 34.80
N SER F 69 33.94 -32.63 34.35
CA SER F 69 34.36 -32.59 32.98
C SER F 69 34.30 -34.05 32.65
N GLY F 70 33.74 -34.39 31.48
CA GLY F 70 33.76 -35.73 30.93
C GLY F 70 35.10 -35.84 30.24
N ASN F 71 35.64 -37.06 30.28
CA ASN F 71 34.87 -38.26 30.61
C ASN F 71 34.71 -38.73 32.05
N THR F 72 34.67 -37.82 33.00
CA THR F 72 34.52 -38.17 34.38
C THR F 72 33.71 -37.08 35.03
N ALA F 73 32.61 -37.31 35.77
CA ALA F 73 32.15 -38.53 36.43
C ALA F 73 32.64 -38.51 37.85
N SER F 74 31.89 -37.89 38.76
CA SER F 74 32.47 -37.62 40.05
C SER F 74 31.54 -37.31 41.16
N LEU F 75 31.10 -38.34 41.85
CA LEU F 75 30.27 -38.06 43.01
C LEU F 75 31.12 -37.67 44.22
N THR F 76 30.59 -36.75 45.04
CA THR F 76 31.31 -36.29 46.25
C THR F 76 30.44 -36.21 47.53
N ILE F 77 30.92 -36.86 48.58
CA ILE F 77 30.28 -36.76 49.90
C ILE F 77 31.24 -35.99 50.79
N SER F 78 30.66 -35.17 51.69
CA SER F 78 31.34 -34.00 52.21
C SER F 78 31.53 -33.97 53.71
N GLY F 79 30.46 -34.13 54.47
CA GLY F 79 30.68 -34.41 55.86
C GLY F 79 30.49 -35.90 55.71
N LEU F 80 31.25 -36.70 56.44
CA LEU F 80 31.02 -38.14 56.44
C LEU F 80 30.20 -38.22 57.72
N GLN F 81 28.89 -38.07 57.51
CA GLN F 81 27.87 -38.41 58.49
C GLN F 81 28.18 -39.89 58.60
N ALA F 82 28.05 -40.45 59.79
CA ALA F 82 28.69 -41.73 60.07
C ALA F 82 28.30 -42.86 59.12
N GLU F 83 27.00 -43.17 59.13
CA GLU F 83 26.47 -44.23 58.30
C GLU F 83 26.17 -43.80 56.87
N ASP F 84 27.23 -43.67 56.07
CA ASP F 84 27.13 -43.40 54.65
C ASP F 84 27.83 -44.52 53.91
N GLU F 85 28.34 -45.49 54.66
CA GLU F 85 29.02 -46.62 54.05
C GLU F 85 28.02 -47.40 53.21
N ALA F 86 28.40 -47.64 51.97
CA ALA F 86 27.60 -48.42 51.04
C ALA F 86 28.48 -48.69 49.85
N ASP F 87 28.07 -49.63 49.00
CA ASP F 87 28.64 -49.70 47.67
C ASP F 87 28.02 -48.54 46.86
N TYR F 88 28.82 -47.94 45.99
CA TYR F 88 28.39 -46.76 45.26
C TYR F 88 28.54 -46.92 43.75
N TYR F 89 27.48 -46.53 43.05
CA TYR F 89 27.32 -46.84 41.63
C TYR F 89 27.07 -45.63 40.74
N CYS F 90 27.89 -45.49 39.69
CA CYS F 90 27.67 -44.49 38.67
C CYS F 90 27.09 -45.19 37.46
N SER F 91 26.21 -44.48 36.75
CA SER F 91 25.72 -44.97 35.48
C SER F 91 25.58 -43.84 34.48
N SER F 92 25.62 -44.19 33.20
CA SER F 92 25.57 -43.20 32.13
C SER F 92 24.70 -43.65 30.98
N TYR F 93 24.31 -42.69 30.15
CA TYR F 93 23.52 -42.98 28.98
C TYR F 93 24.53 -43.17 27.84
N THR F 94 24.07 -43.71 26.71
CA THR F 94 25.03 -44.24 25.74
C THR F 94 24.66 -44.03 24.30
N SER F 95 25.65 -43.74 23.48
CA SER F 95 25.45 -43.62 22.05
C SER F 95 24.79 -44.85 21.40
N SER F 96 24.48 -45.86 22.21
CA SER F 96 23.77 -47.04 21.73
C SER F 96 22.42 -47.19 22.38
N SER F 97 21.94 -46.10 22.98
CA SER F 97 20.65 -46.03 23.64
C SER F 97 20.55 -47.05 24.77
N THR F 98 21.64 -47.20 25.51
CA THR F 98 21.74 -48.21 26.57
C THR F 98 22.20 -47.59 27.86
N LEU F 99 21.69 -48.09 28.97
CA LEU F 99 22.26 -47.70 30.24
C LEU F 99 23.47 -48.58 30.53
N VAL F 100 24.47 -47.99 31.17
CA VAL F 100 25.70 -48.69 31.49
C VAL F 100 26.18 -48.26 32.88
N PHE F 101 26.49 -49.26 33.70
CA PHE F 101 26.92 -49.05 35.10
C PHE F 101 28.44 -49.15 35.28
N GLY F 102 28.98 -48.40 36.23
CA GLY F 102 30.35 -48.55 36.64
C GLY F 102 30.50 -49.79 37.54
N GLY F 103 31.74 -50.22 37.76
CA GLY F 103 31.99 -51.41 38.55
C GLY F 103 31.63 -51.29 40.03
N GLY F 104 31.31 -50.09 40.48
CA GLY F 104 31.02 -49.83 41.88
C GLY F 104 32.27 -49.55 42.71
N THR F 105 32.11 -48.74 43.76
CA THR F 105 33.16 -48.58 44.77
C THR F 105 32.60 -48.63 46.16
N LYS F 106 33.38 -49.23 47.06
CA LYS F 106 32.97 -49.37 48.45
C LYS F 106 33.50 -48.25 49.32
N LEU F 107 32.61 -47.34 49.71
CA LEU F 107 32.94 -46.29 50.66
C LEU F 107 33.04 -46.95 52.01
N THR F 108 33.99 -46.49 52.80
CA THR F 108 34.26 -47.08 54.10
C THR F 108 34.98 -46.07 54.97
N VAL F 109 34.32 -45.62 56.04
CA VAL F 109 34.88 -44.55 56.88
C VAL F 109 35.87 -45.05 57.93
N LEU F 110 36.71 -44.13 58.41
CA LEU F 110 37.72 -44.46 59.40
C LEU F 110 37.22 -44.22 60.83
N GLY F 111 38.12 -44.35 61.81
CA GLY F 111 37.75 -44.23 63.21
C GLY F 111 38.74 -45.01 64.06
N THR F 112 38.39 -45.28 65.31
CA THR F 112 39.28 -46.01 66.22
C THR F 112 39.66 -47.38 65.66
N VAL F 113 40.97 -47.66 65.61
CA VAL F 113 41.43 -48.97 65.19
C VAL F 113 41.22 -49.99 66.32
N ALA F 114 39.99 -50.48 66.46
CA ALA F 114 39.57 -51.21 67.66
C ALA F 114 40.11 -52.64 67.76
N ALA F 115 39.92 -53.24 68.94
CA ALA F 115 40.43 -54.58 69.22
C ALA F 115 39.31 -55.61 69.47
N PRO F 116 39.49 -56.85 68.97
CA PRO F 116 38.42 -57.85 68.93
C PRO F 116 38.10 -58.54 70.25
N SER F 117 36.81 -58.84 70.44
CA SER F 117 36.35 -59.72 71.51
C SER F 117 36.13 -61.10 70.89
N VAL F 118 36.81 -62.12 71.41
CA VAL F 118 36.81 -63.45 70.76
C VAL F 118 36.27 -64.59 71.65
N PHE F 119 34.98 -64.84 71.52
CA PHE F 119 34.32 -65.98 72.16
C PHE F 119 34.73 -67.24 71.46
N ILE F 120 34.57 -68.37 72.13
CA ILE F 120 34.97 -69.64 71.53
C ILE F 120 33.89 -70.73 71.61
N PHE F 121 33.49 -71.19 70.43
CA PHE F 121 32.35 -72.12 70.31
C PHE F 121 32.72 -73.51 69.79
N PRO F 122 31.91 -74.48 70.14
CA PRO F 122 31.82 -75.72 69.35
C PRO F 122 30.71 -75.74 68.24
N PRO F 123 30.20 -77.00 67.87
CA PRO F 123 28.91 -76.96 67.16
C PRO F 123 27.73 -77.69 67.86
N SER F 124 27.92 -78.88 68.47
CA SER F 124 26.95 -79.59 69.41
C SER F 124 26.85 -81.17 69.42
N ASP F 125 26.57 -81.79 70.59
CA ASP F 125 26.17 -83.20 70.54
C ASP F 125 24.93 -83.44 69.70
N GLU F 126 24.63 -82.48 68.82
CA GLU F 126 23.53 -82.57 67.88
C GLU F 126 24.34 -82.61 66.60
N GLN F 127 25.43 -81.85 66.59
CA GLN F 127 26.23 -81.66 65.37
C GLN F 127 27.07 -82.88 65.07
N LEU F 128 27.86 -83.32 66.05
CA LEU F 128 28.81 -84.44 65.88
C LEU F 128 28.25 -85.71 65.22
N LYS F 129 26.99 -86.03 65.51
CA LYS F 129 26.39 -87.30 65.08
C LYS F 129 26.25 -87.53 63.57
N SER F 130 26.27 -86.44 62.80
CA SER F 130 26.03 -86.53 61.36
C SER F 130 27.33 -86.82 60.62
N GLY F 131 28.40 -86.95 61.41
CA GLY F 131 29.72 -87.05 60.85
C GLY F 131 30.28 -85.65 60.66
N THR F 132 30.23 -84.79 61.70
CA THR F 132 30.69 -83.40 61.60
C THR F 132 30.98 -82.72 62.97
N ALA F 133 32.11 -82.03 63.10
CA ALA F 133 32.58 -81.52 64.41
C ALA F 133 33.27 -80.15 64.41
N SER F 134 32.64 -79.17 63.77
CA SER F 134 33.28 -77.87 63.48
C SER F 134 33.73 -77.02 64.68
N VAL F 135 35.04 -76.84 64.81
CA VAL F 135 35.63 -75.94 65.81
C VAL F 135 35.57 -74.45 65.39
N VAL F 136 34.96 -73.62 66.22
CA VAL F 136 34.45 -72.30 65.81
C VAL F 136 35.04 -71.09 66.58
N CYS F 137 35.17 -69.95 65.88
CA CYS F 137 35.67 -68.68 66.44
C CYS F 137 35.07 -67.45 65.69
N LEU F 138 34.54 -66.48 66.43
CA LEU F 138 34.10 -65.24 65.79
C LEU F 138 35.02 -64.07 66.16
N LEU F 139 34.84 -62.92 65.51
CA LEU F 139 35.78 -61.81 65.68
C LEU F 139 35.03 -60.50 65.96
N ASN F 140 34.48 -60.39 67.18
CA ASN F 140 33.38 -59.47 67.48
C ASN F 140 33.44 -57.99 67.05
N ASN F 141 34.40 -57.22 67.57
CA ASN F 141 34.47 -55.78 67.31
C ASN F 141 35.89 -55.31 67.07
N PHE F 142 36.22 -54.91 65.83
CA PHE F 142 37.59 -54.49 65.51
C PHE F 142 37.80 -53.79 64.16
N TYR F 143 39.05 -53.42 63.92
CA TYR F 143 39.47 -52.60 62.78
C TYR F 143 41.00 -52.67 62.71
N PRO F 144 41.59 -52.72 61.50
CA PRO F 144 41.00 -52.72 60.16
C PRO F 144 40.61 -54.10 59.64
N ARG F 145 40.72 -54.27 58.32
CA ARG F 145 40.10 -55.40 57.63
C ARG F 145 40.98 -56.65 57.49
N GLU F 146 41.98 -56.78 58.35
CA GLU F 146 42.74 -58.03 58.45
C GLU F 146 43.51 -58.18 59.76
N ALA F 147 43.40 -59.37 60.35
CA ALA F 147 44.24 -59.79 61.47
C ALA F 147 44.77 -61.18 61.14
N LYS F 148 45.26 -61.92 62.12
CA LYS F 148 45.75 -63.26 61.82
C LYS F 148 45.17 -64.37 62.68
N VAL F 149 44.40 -65.26 62.05
CA VAL F 149 43.83 -66.41 62.75
C VAL F 149 44.72 -67.64 62.55
N GLN F 150 44.75 -68.52 63.55
CA GLN F 150 45.70 -69.63 63.59
C GLN F 150 45.22 -70.76 64.52
N TRP F 151 44.31 -71.61 64.02
CA TRP F 151 43.70 -72.64 64.86
C TRP F 151 44.72 -73.58 65.52
N LYS F 152 44.26 -74.29 66.56
CA LYS F 152 45.11 -75.13 67.38
C LYS F 152 44.46 -76.48 67.64
N VAL F 153 44.58 -77.38 66.67
CA VAL F 153 43.99 -78.71 66.75
C VAL F 153 44.97 -79.66 67.46
N ASP F 154 45.20 -79.39 68.74
CA ASP F 154 46.32 -79.98 69.50
C ASP F 154 47.66 -79.55 68.93
N ASN F 155 47.80 -78.24 68.74
CA ASN F 155 49.07 -77.58 68.36
C ASN F 155 49.51 -77.71 66.89
N ALA F 156 48.65 -78.25 66.03
CA ALA F 156 48.98 -78.44 64.62
C ALA F 156 48.52 -77.26 63.76
N LEU F 157 49.47 -76.63 63.06
CA LEU F 157 49.16 -75.50 62.18
C LEU F 157 48.57 -75.96 60.85
N GLN F 158 47.37 -76.54 60.91
CA GLN F 158 46.66 -76.99 59.73
C GLN F 158 46.34 -75.80 58.80
N SER F 159 46.08 -76.07 57.51
CA SER F 159 45.78 -74.99 56.56
C SER F 159 45.04 -75.43 55.28
N GLY F 160 43.95 -74.75 55.00
CA GLY F 160 42.82 -75.33 54.31
C GLY F 160 41.90 -75.57 55.47
N ASN F 161 40.60 -75.67 55.18
CA ASN F 161 39.51 -75.86 56.17
C ASN F 161 39.12 -74.67 57.09
N SER F 162 39.90 -73.59 57.03
CA SER F 162 39.68 -72.41 57.88
C SER F 162 38.78 -71.31 57.23
N GLN F 163 37.50 -71.66 57.05
CA GLN F 163 36.52 -70.90 56.24
C GLN F 163 36.46 -69.38 56.51
N GLU F 164 35.89 -68.60 55.57
CA GLU F 164 35.93 -67.13 55.66
C GLU F 164 34.87 -66.31 54.89
N SER F 165 34.13 -65.50 55.66
CA SER F 165 33.23 -64.47 55.13
C SER F 165 33.55 -63.20 55.91
N VAL F 166 32.85 -62.11 55.62
CA VAL F 166 33.06 -60.86 56.35
C VAL F 166 31.83 -59.97 56.31
N THR F 167 31.39 -59.49 57.46
CA THR F 167 30.25 -58.57 57.51
C THR F 167 30.62 -57.16 57.03
N GLU F 168 29.60 -56.36 56.72
CA GLU F 168 29.82 -54.96 56.38
C GLU F 168 30.31 -54.22 57.61
N GLN F 169 31.12 -53.19 57.40
CA GLN F 169 31.57 -52.30 58.46
C GLN F 169 30.40 -51.87 59.34
N ASP F 170 30.42 -52.29 60.61
CA ASP F 170 29.32 -52.08 61.54
C ASP F 170 28.85 -50.64 61.55
N SER F 171 27.54 -50.44 61.38
CA SER F 171 26.99 -49.14 61.04
C SER F 171 26.88 -48.15 62.21
N LYS F 172 27.08 -48.62 63.43
CA LYS F 172 27.05 -47.72 64.57
C LYS F 172 28.43 -47.53 65.20
N ASP F 173 29.30 -48.54 65.09
CA ASP F 173 30.63 -48.43 65.69
C ASP F 173 31.84 -48.75 64.78
N SER F 174 31.67 -48.61 63.46
CA SER F 174 32.77 -48.69 62.49
C SER F 174 33.75 -49.87 62.62
N THR F 175 33.21 -51.08 62.79
CA THR F 175 34.03 -52.26 63.05
C THR F 175 33.78 -53.43 62.08
N TYR F 176 34.74 -54.35 62.01
CA TYR F 176 34.57 -55.59 61.24
C TYR F 176 34.44 -56.79 62.15
N SER F 177 33.61 -57.76 61.75
CA SER F 177 33.64 -59.12 62.29
C SER F 177 34.37 -59.95 61.23
N LEU F 178 34.34 -61.28 61.35
CA LEU F 178 34.96 -62.16 60.36
C LEU F 178 34.72 -63.64 60.67
N SER F 179 34.36 -64.40 59.63
CA SER F 179 34.02 -65.82 59.79
C SER F 179 35.26 -66.69 59.76
N SER F 180 35.60 -67.32 60.89
CA SER F 180 36.69 -68.30 61.00
C SER F 180 36.30 -69.57 61.75
N THR F 181 36.18 -70.69 61.04
CA THR F 181 35.87 -71.98 61.66
C THR F 181 36.73 -73.10 61.06
N LEU F 182 36.30 -74.34 61.24
CA LEU F 182 37.14 -75.47 60.89
C LEU F 182 36.31 -76.63 60.34
N THR F 183 36.66 -77.10 59.14
CA THR F 183 35.96 -78.25 58.56
C THR F 183 36.35 -79.44 59.39
N LEU F 184 35.38 -80.15 59.94
CA LEU F 184 35.70 -81.31 60.78
C LEU F 184 34.63 -82.37 60.76
N SER F 185 34.58 -83.20 59.73
CA SER F 185 33.67 -84.35 59.76
C SER F 185 34.05 -85.28 60.93
N LYS F 186 33.15 -86.19 61.32
CA LYS F 186 33.40 -87.05 62.49
C LYS F 186 34.66 -87.91 62.36
N ALA F 187 35.40 -87.74 61.27
CA ALA F 187 36.64 -88.47 61.04
C ALA F 187 37.85 -87.82 61.72
N ASP F 188 37.95 -86.49 61.63
CA ASP F 188 39.17 -85.77 62.03
C ASP F 188 39.12 -84.99 63.38
N TYR F 189 38.47 -85.57 64.39
CA TYR F 189 38.22 -84.86 65.66
C TYR F 189 38.67 -85.62 66.92
N GLU F 190 38.96 -86.91 66.78
CA GLU F 190 39.00 -87.83 67.93
C GLU F 190 40.28 -87.90 68.79
N LYS F 191 41.46 -87.92 68.17
CA LYS F 191 42.70 -88.06 68.94
C LYS F 191 43.37 -86.74 69.31
N HIS F 192 42.56 -85.68 69.41
CA HIS F 192 43.02 -84.38 69.86
C HIS F 192 42.23 -83.99 71.10
N LYS F 193 42.90 -83.43 72.11
CA LYS F 193 42.25 -83.14 73.38
C LYS F 193 42.04 -81.65 73.68
N VAL F 194 43.03 -80.83 73.34
CA VAL F 194 42.98 -79.39 73.64
C VAL F 194 42.76 -78.52 72.38
N TYR F 195 41.82 -77.58 72.45
CA TYR F 195 41.41 -76.79 71.28
C TYR F 195 41.34 -75.28 71.51
N ALA F 196 42.42 -74.57 71.20
CA ALA F 196 42.49 -73.13 71.42
C ALA F 196 42.45 -72.28 70.14
N CYS F 197 42.00 -71.04 70.27
CA CYS F 197 41.92 -70.08 69.16
C CYS F 197 42.74 -68.83 69.51
N GLU F 198 43.75 -68.53 68.71
CA GLU F 198 44.57 -67.35 68.93
C GLU F 198 44.33 -66.28 67.85
N VAL F 199 43.85 -65.12 68.27
CA VAL F 199 43.52 -64.03 67.35
C VAL F 199 44.54 -62.88 67.45
N THR F 200 45.54 -62.92 66.56
CA THR F 200 46.70 -62.03 66.60
C THR F 200 46.43 -60.71 65.89
N HIS F 201 45.60 -59.87 66.51
CA HIS F 201 45.17 -58.60 65.94
C HIS F 201 46.09 -57.46 66.44
N GLN F 202 46.43 -56.53 65.55
CA GLN F 202 47.36 -55.44 65.88
C GLN F 202 46.82 -54.47 66.94
N GLY F 203 45.53 -54.60 67.26
CA GLY F 203 44.89 -53.61 68.12
C GLY F 203 44.86 -53.90 69.62
N LEU F 204 45.06 -55.16 69.97
CA LEU F 204 45.07 -55.62 71.35
C LEU F 204 46.43 -55.21 71.77
N SER F 205 46.78 -55.51 73.02
CA SER F 205 48.15 -55.39 73.49
C SER F 205 49.30 -56.32 73.08
N SER F 206 48.90 -57.52 72.65
CA SER F 206 49.78 -58.53 72.04
C SER F 206 48.77 -59.60 71.60
N PRO F 207 49.21 -60.63 70.84
CA PRO F 207 48.30 -61.73 70.47
C PRO F 207 47.53 -62.35 71.64
N VAL F 208 46.20 -62.27 71.63
CA VAL F 208 45.41 -62.78 72.74
C VAL F 208 44.75 -64.15 72.47
N THR F 209 44.70 -65.00 73.49
CA THR F 209 44.10 -66.33 73.41
C THR F 209 43.00 -66.61 74.47
N LYS F 210 41.93 -67.29 74.03
CA LYS F 210 40.82 -67.69 74.90
C LYS F 210 40.38 -69.09 74.48
N SER F 211 40.17 -69.98 75.44
CA SER F 211 40.20 -71.43 75.15
C SER F 211 39.02 -72.32 75.56
N PHE F 212 38.69 -73.26 74.66
CA PHE F 212 37.69 -74.30 74.90
C PHE F 212 38.34 -75.70 74.91
N ASN F 213 37.84 -76.58 75.79
CA ASN F 213 38.34 -77.96 75.86
C ASN F 213 37.31 -79.02 75.50
N ARG F 214 37.81 -80.17 75.07
CA ARG F 214 36.98 -81.25 74.56
C ARG F 214 36.53 -82.23 75.64
N GLY F 215 35.43 -81.90 76.32
CA GLY F 215 34.90 -82.75 77.36
C GLY F 215 35.12 -82.20 78.75
N GLU F 216 34.81 -80.92 78.97
CA GLU F 216 34.70 -80.39 80.33
C GLU F 216 33.23 -80.33 80.73
N CYS F 217 33.01 -79.66 81.88
CA CYS F 217 31.73 -79.36 82.55
C CYS F 217 31.75 -79.79 84.00
#